data_1IL2
#
_entry.id   1IL2
#
_cell.length_a   75.800
_cell.length_b   222.800
_cell.length_c   80.800
_cell.angle_alpha   90.00
_cell.angle_beta   111.80
_cell.angle_gamma   90.00
#
_symmetry.space_group_name_H-M   'P 1 21 1'
#
loop_
_entity.id
_entity.type
_entity.pdbx_description
1 polymer 'ASPARTYL TRANSFER RNA'
2 polymer 'ASPARTYL-TRNA SYNTHETASE'
3 non-polymer 'SULFATE ION'
4 non-polymer "ASPARTYL-ADENOSINE-5'-MONOPHOSPHATE"
5 water water
#
loop_
_entity_poly.entity_id
_entity_poly.type
_entity_poly.pdbx_seq_one_letter_code
_entity_poly.pdbx_strand_id
1 'polyribonucleotide'
;UCCGUGAUAGUU(PSU)AA(H2U)GG(H2U)CAGAAUGGGCGC(PSU)UGUC(1MG)CGUGCCAGAU(5MC)GGGG
(5MU)(PSU)CAAUUCCCCGUCGCGGAGCCA
;
C,D
2 'polypeptide(L)'
;MRTEYCGQLRLSHVGQQVTLCGWVNRRRDLGSLIFIDMRDREGIVQVFFDPDRADALKLASELRNEFCIQVTGTVRARDE
KNINRDMATGEIEVLASSLTIINRADVLPLDSNHVNTEEARLKYRYLDLRRPEMAQRLKTRAKITSLVRRFMDDHGFLDI
ETPMLTKATPEGARDYLVPSRVHKGKFYALPQSPQLFKQLLMMSGFDRYYQIVKCFRDEDLRADRQPEFTQIDVETSFMT
APQVREVMEALVRHLWLEVKGVDLGDFPVMTFAEAERRYGSDKPDLRNPMELTDVADLLKSVEFAVFAGPANDPKGRVAA
LRVPGGASLTRKQIDEYGNFVKIYGAKGLAYIKVNERAKGLEGINSPVAKFLNAEIIEDILDRTAAQDGDMIFFGADNKK
IVADAMGALRLKVGKDLGLTDESKWAPLWVIDFPMFEDDGEGGLTAMHHPFTSPKDMTAAELKAAPENAVANAYDMVING
YEVGGGSVRIHNGDMQQTVFGILGINEEEQREKFGFLLDALKYGTPPHAGLAFGLDRLTMLLTGTDNIRDVIAFPKTTAA
ACLMTEAPSFANPTALAELSIQVVKKAENN
;
A,B
#
loop_
_chem_comp.id
_chem_comp.type
_chem_comp.name
_chem_comp.formula
1MG RNA linking 1N-METHYLGUANOSINE-5'-MONOPHOSPHATE 'C11 H16 N5 O8 P'
5MC RNA linking 5-METHYLCYTIDINE-5'-MONOPHOSPHATE 'C10 H16 N3 O8 P'
5MU RNA linking '5-METHYLURIDINE 5'-MONOPHOSPHATE' 'C10 H15 N2 O9 P'
A RNA linking ADENOSINE-5'-MONOPHOSPHATE 'C10 H14 N5 O7 P'
AMO non-polymer ASPARTYL-ADENOSINE-5'-MONOPHOSPHATE 'C14 H19 N6 O10 P'
C RNA linking CYTIDINE-5'-MONOPHOSPHATE 'C9 H14 N3 O8 P'
G RNA linking GUANOSINE-5'-MONOPHOSPHATE 'C10 H14 N5 O8 P'
H2U RNA linking 5,6-DIHYDROURIDINE-5'-MONOPHOSPHATE 'C9 H15 N2 O9 P'
PSU RNA linking PSEUDOURIDINE-5'-MONOPHOSPHATE 'C9 H13 N2 O9 P'
SO4 non-polymer 'SULFATE ION' 'O4 S -2'
U RNA linking URIDINE-5'-MONOPHOSPHATE 'C9 H13 N2 O9 P'
#
# COMPACT_ATOMS: atom_id res chain seq x y z
N1 PSU A 13 39.52 -4.79 8.50
C2 PSU A 13 40.66 -5.51 8.23
N3 PSU A 13 41.17 -6.20 9.29
C4 PSU A 13 40.64 -6.22 10.56
C5 PSU A 13 39.44 -5.42 10.71
C6 PSU A 13 38.98 -4.77 9.62
O2 PSU A 13 41.18 -5.54 7.12
O4 PSU A 13 41.18 -6.87 11.44
C1' PSU A 13 38.87 -5.28 12.06
C2' PSU A 13 39.54 -4.24 12.96
O2' PSU A 13 40.15 -4.90 14.04
C3' PSU A 13 38.35 -3.41 13.42
C4' PSU A 13 37.25 -4.48 13.56
O3' PSU A 13 38.68 -2.75 14.64
O4' PSU A 13 37.52 -5.40 12.47
C5' PSU A 13 35.81 -4.05 13.53
O5' PSU A 13 35.37 -3.80 12.17
P PSU A 13 33.85 -3.44 11.84
OP1 PSU A 13 33.22 -2.83 13.03
OP2 PSU A 13 33.85 -2.71 10.55
P H2U A 16 49.70 2.47 15.63
OP1 H2U A 16 50.28 3.14 16.83
OP2 H2U A 16 48.38 2.93 15.12
O5' H2U A 16 50.74 2.56 14.44
C5' H2U A 16 51.94 1.77 14.47
C4' H2U A 16 52.59 1.77 13.12
O4' H2U A 16 51.91 0.89 12.20
C3' H2U A 16 52.58 3.12 12.44
O3' H2U A 16 53.64 3.93 12.93
C1' H2U A 16 51.93 1.45 10.89
C2' H2U A 16 52.70 2.77 10.97
O2' H2U A 16 54.05 2.59 10.58
N1 H2U A 16 50.55 1.60 10.42
C2 H2U A 16 50.28 1.33 9.08
O2 H2U A 16 51.16 1.10 8.26
N3 H2U A 16 48.95 1.34 8.74
C4 H2U A 16 47.95 2.04 9.38
O4 H2U A 16 47.02 2.50 8.72
C5 H2U A 16 48.09 2.17 10.83
C6 H2U A 16 49.51 2.10 11.35
P H2U A 19 58.90 -0.46 4.04
OP1 H2U A 19 59.18 -0.45 2.58
OP2 H2U A 19 57.52 -0.16 4.52
O5' H2U A 19 59.31 -1.90 4.61
C5' H2U A 19 60.68 -2.31 4.55
C4' H2U A 19 60.97 -3.28 5.66
O4' H2U A 19 61.05 -2.59 6.93
C3' H2U A 19 59.93 -4.38 5.83
O3' H2U A 19 60.61 -5.59 6.12
C1' H2U A 19 60.22 -3.23 7.87
C2' H2U A 19 59.13 -3.92 7.05
O2' H2U A 19 58.54 -4.98 7.78
N1 H2U A 19 59.75 -2.24 8.85
C2 H2U A 19 60.23 -2.37 10.14
O2 H2U A 19 60.84 -3.35 10.53
N3 H2U A 19 59.99 -1.29 10.95
C4 H2U A 19 58.88 -0.49 10.92
O4 H2U A 19 58.50 0.06 11.96
C5 H2U A 19 58.21 -0.36 9.62
C6 H2U A 19 58.76 -1.22 8.49
N1 PSU A 32 38.59 -35.63 8.11
C2 PSU A 32 37.69 -34.59 8.18
N3 PSU A 32 37.38 -34.17 9.45
C4 PSU A 32 37.90 -34.70 10.60
C5 PSU A 32 38.82 -35.78 10.39
C6 PSU A 32 39.09 -36.13 9.12
O2 PSU A 32 37.20 -34.09 7.19
O4 PSU A 32 37.57 -34.26 11.70
C1' PSU A 32 39.34 -36.53 11.53
C2' PSU A 32 38.35 -37.47 12.18
O2' PSU A 32 38.36 -37.31 13.59
C3' PSU A 32 38.91 -38.81 11.73
C4' PSU A 32 40.41 -38.59 11.83
O3' PSU A 32 38.44 -39.93 12.47
O4' PSU A 32 40.60 -37.17 11.58
C5' PSU A 32 41.19 -39.40 10.83
O5' PSU A 32 40.57 -39.31 9.54
P PSU A 32 41.25 -40.00 8.27
OP1 PSU A 32 41.50 -41.42 8.60
OP2 PSU A 32 40.46 -39.65 7.05
P 1MG A 37 28.24 -24.14 19.72
OP1 1MG A 37 29.16 -24.69 20.73
OP2 1MG A 37 26.82 -23.90 20.08
O5' 1MG A 37 28.83 -22.77 19.16
C5' 1MG A 37 28.40 -22.28 17.88
C4' 1MG A 37 29.59 -22.09 16.98
O4' 1MG A 37 30.43 -21.05 17.54
C3' 1MG A 37 30.46 -23.31 16.79
O3' 1MG A 37 30.98 -23.34 15.45
C2' 1MG A 37 31.61 -23.08 17.78
O2' 1MG A 37 32.82 -23.68 17.36
C1' 1MG A 37 31.72 -21.56 17.79
N9 1MG A 37 32.15 -21.03 19.08
C8 1MG A 37 31.81 -21.51 20.32
N7 1MG A 37 32.34 -20.83 21.29
C5 1MG A 37 33.09 -19.85 20.65
C6 1MG A 37 33.91 -18.81 21.20
O6 1MG A 37 34.14 -18.56 22.39
N1 1MG A 37 34.48 -18.04 20.19
CM1 1MG A 37 35.33 -16.89 20.63
C2 1MG A 37 34.30 -18.24 18.84
N2 1MG A 37 34.94 -17.39 18.02
N3 1MG A 37 33.54 -19.20 18.33
C4 1MG A 37 32.98 -19.96 19.29
P 5MC A 48 42.76 1.85 1.24
OP1 5MC A 48 43.87 2.83 1.40
OP2 5MC A 48 41.62 1.88 2.19
O5' 5MC A 48 42.17 2.06 -0.23
C5' 5MC A 48 40.95 1.42 -0.63
C4' 5MC A 48 40.05 2.41 -1.34
O4' 5MC A 48 39.18 3.11 -0.40
C3' 5MC A 48 40.74 3.54 -2.09
O3' 5MC A 48 41.23 3.10 -3.36
C2' 5MC A 48 39.64 4.57 -2.23
O2' 5MC A 48 38.78 4.30 -3.32
C1' 5MC A 48 38.84 4.37 -0.93
N1 5MC A 48 39.04 5.41 0.09
C2 5MC A 48 38.54 6.70 -0.14
O2 5MC A 48 37.97 6.93 -1.21
N3 5MC A 48 38.69 7.66 0.80
C4 5MC A 48 39.32 7.39 1.95
N4 5MC A 48 39.44 8.37 2.87
C5 5MC A 48 39.85 6.06 2.19
C6 5MC A 48 39.70 5.12 1.26
CM5 5MC A 48 40.59 5.74 3.46
N1 5MU A 53 53.70 16.33 1.41
C2 5MU A 53 53.65 15.18 2.15
N3 5MU A 53 53.53 14.03 1.42
C4 5MU A 53 53.44 13.92 0.04
C5 5MU A 53 53.47 15.17 -0.68
C5M 5MU A 53 53.38 15.15 -2.17
C6 5MU A 53 53.60 16.30 0.04
O2 5MU A 53 53.71 15.17 3.37
O4 5MU A 53 53.33 12.80 -0.48
C1' 5MU A 53 53.89 17.60 2.14
C2' 5MU A 53 55.37 17.94 2.29
O2' 5MU A 53 55.58 18.59 3.53
C3' 5MU A 53 55.60 18.85 1.10
C4' 5MU A 53 54.30 19.63 1.03
O3' 5MU A 53 56.75 19.67 1.24
O4' 5MU A 53 53.29 18.65 1.39
C5' 5MU A 53 53.96 20.23 -0.31
O5' 5MU A 53 54.15 19.26 -1.36
P 5MU A 53 54.00 19.69 -2.88
OP1 5MU A 53 54.71 20.99 -3.05
OP2 5MU A 53 54.34 18.54 -3.76
N1 PSU A 54 56.61 14.28 -1.30
C2 PSU A 54 56.33 12.94 -1.52
N3 PSU A 54 56.60 12.12 -0.46
C4 PSU A 54 57.12 12.53 0.74
C5 PSU A 54 57.38 13.94 0.84
C6 PSU A 54 57.08 14.70 -0.24
O2 PSU A 54 55.87 12.54 -2.58
O4 PSU A 54 57.32 11.71 1.64
C1' PSU A 54 58.09 14.48 2.01
C2' PSU A 54 59.61 14.28 2.03
O2' PSU A 54 60.00 13.59 3.21
C3' PSU A 54 60.08 15.73 2.02
C4' PSU A 54 59.04 16.43 2.89
O3' PSU A 54 61.41 15.89 2.53
O4' PSU A 54 57.81 15.71 2.65
C5' PSU A 54 58.82 17.87 2.50
O5' PSU A 54 58.60 17.95 1.09
P PSU A 54 58.08 19.30 0.41
OP1 PSU A 54 59.09 20.37 0.64
OP2 PSU A 54 57.67 18.96 -0.98
N1 PSU B 13 -27.37 21.43 -22.30
C2 PSU B 13 -28.26 22.49 -22.35
N3 PSU B 13 -29.54 22.15 -22.70
C4 PSU B 13 -29.96 20.89 -22.99
C5 PSU B 13 -28.94 19.89 -22.90
C6 PSU B 13 -27.71 20.27 -22.55
O2 PSU B 13 -27.92 23.63 -22.09
O4 PSU B 13 -31.13 20.70 -23.31
C1' PSU B 13 -29.29 18.51 -23.26
C2' PSU B 13 -29.53 18.24 -24.75
O2' PSU B 13 -30.90 17.95 -24.92
C3' PSU B 13 -28.64 17.03 -24.99
C4' PSU B 13 -28.81 16.26 -23.68
O3' PSU B 13 -29.14 16.30 -26.11
O4' PSU B 13 -28.85 17.30 -22.66
C5' PSU B 13 -27.76 15.23 -23.31
O5' PSU B 13 -26.64 15.85 -22.65
P PSU B 13 -25.52 14.97 -21.92
OP1 PSU B 13 -25.38 13.67 -22.64
OP2 PSU B 13 -24.33 15.85 -21.77
P H2U B 16 -31.84 22.17 -36.37
OP1 H2U B 16 -32.56 21.35 -37.37
OP2 H2U B 16 -30.65 21.61 -35.68
O5' H2U B 16 -31.42 23.55 -37.05
C5' H2U B 16 -32.40 24.36 -37.71
C4' H2U B 16 -32.11 25.82 -37.48
O4' H2U B 16 -32.07 26.05 -36.04
C3' H2U B 16 -30.76 26.31 -37.97
O3' H2U B 16 -30.76 26.69 -39.34
C1' H2U B 16 -31.07 27.01 -35.74
C2' H2U B 16 -30.46 27.49 -37.06
O2' H2U B 16 -31.10 28.68 -37.47
N1 H2U B 16 -30.07 26.37 -34.87
C2 H2U B 16 -29.55 27.13 -33.82
O2 H2U B 16 -30.04 28.18 -33.45
N3 H2U B 16 -28.42 26.61 -33.24
C4 H2U B 16 -27.99 25.29 -33.24
O4 H2U B 16 -27.06 24.96 -32.50
C5 H2U B 16 -28.69 24.37 -34.14
C6 H2U B 16 -29.58 25.02 -35.17
P H2U B 19 -37.32 35.09 -37.48
OP1 H2U B 19 -37.66 33.80 -38.14
OP2 H2U B 19 -37.75 36.37 -38.09
O5' H2U B 19 -37.90 35.04 -36.00
C5' H2U B 19 -37.64 33.92 -35.14
C4' H2U B 19 -37.24 34.40 -33.79
O4' H2U B 19 -36.02 35.18 -33.93
C3' H2U B 19 -38.25 35.30 -33.08
O3' H2U B 19 -38.21 35.04 -31.69
C1' H2U B 19 -36.22 36.48 -33.41
C2' H2U B 19 -37.73 36.71 -33.36
O2' H2U B 19 -38.06 37.64 -32.36
N1 H2U B 19 -35.52 37.43 -34.28
C2 H2U B 19 -34.28 37.06 -34.78
O2 H2U B 19 -33.68 36.07 -34.39
N3 H2U B 19 -33.76 37.88 -35.75
C4 H2U B 19 -34.05 39.22 -35.95
O4 H2U B 19 -33.21 39.94 -36.51
C5 H2U B 19 -35.34 39.70 -35.44
C6 H2U B 19 -36.10 38.77 -34.52
N1 PSU B 32 -46.80 25.43 1.52
C2 PSU B 32 -45.71 24.62 1.34
N3 PSU B 32 -46.02 23.34 0.91
C4 PSU B 32 -47.27 22.85 0.68
C5 PSU B 32 -48.32 23.81 0.93
C6 PSU B 32 -47.96 25.04 1.34
O2 PSU B 32 -44.57 24.99 1.53
O4 PSU B 32 -47.43 21.69 0.30
C1' PSU B 32 -49.73 23.40 0.85
C2' PSU B 32 -50.24 22.48 1.97
O2' PSU B 32 -50.97 21.38 1.46
C3' PSU B 32 -51.12 23.45 2.74
C4' PSU B 32 -51.77 24.27 1.64
O3' PSU B 32 -52.04 22.80 3.57
O4' PSU B 32 -50.81 24.29 0.55
C5' PSU B 32 -52.09 25.68 2.07
O5' PSU B 32 -50.98 26.22 2.80
P PSU B 32 -50.99 27.74 3.29
OP1 PSU B 32 -52.15 27.90 4.18
OP2 PSU B 32 -49.63 28.10 3.78
P 1MG B 37 -41.25 7.86 -4.64
OP1 1MG B 37 -42.49 7.66 -5.45
OP2 1MG B 37 -40.77 6.77 -3.75
O5' 1MG B 37 -40.08 8.22 -5.66
C5' 1MG B 37 -38.90 8.91 -5.19
C4' 1MG B 37 -38.86 10.31 -5.76
O4' 1MG B 37 -38.95 10.22 -7.21
C3' 1MG B 37 -39.96 11.25 -5.31
O3' 1MG B 37 -39.44 12.58 -5.25
C2' 1MG B 37 -40.96 11.19 -6.46
O2' 1MG B 37 -41.70 12.39 -6.59
C1' 1MG B 37 -40.04 10.98 -7.66
N9 1MG B 37 -40.69 10.23 -8.74
C8 1MG B 37 -41.39 9.06 -8.62
N7 1MG B 37 -41.86 8.64 -9.77
C5 1MG B 37 -41.43 9.59 -10.69
C6 1MG B 37 -41.64 9.67 -12.10
O6 1MG B 37 -42.25 8.88 -12.84
N1 1MG B 37 -41.03 10.79 -12.64
CM1 1MG B 37 -41.16 11.01 -14.11
C2 1MG B 37 -40.32 11.73 -11.93
N2 1MG B 37 -39.81 12.76 -12.63
N3 1MG B 37 -40.13 11.67 -10.61
C4 1MG B 37 -40.71 10.58 -10.07
P 5MC B 48 -20.62 28.55 -26.65
OP1 5MC B 48 -20.44 29.22 -27.95
OP2 5MC B 48 -20.56 27.07 -26.58
O5' 5MC B 48 -19.50 29.15 -25.70
C5' 5MC B 48 -19.45 28.83 -24.30
C4' 5MC B 48 -18.07 29.09 -23.77
O4' 5MC B 48 -17.16 28.04 -24.17
C3' 5MC B 48 -17.46 30.37 -24.33
O3' 5MC B 48 -17.86 31.55 -23.63
C2' 5MC B 48 -15.96 30.11 -24.24
O2' 5MC B 48 -15.42 30.48 -22.98
C1' 5MC B 48 -15.90 28.60 -24.48
N1 5MC B 48 -15.59 28.27 -25.87
C2 5MC B 48 -14.32 28.64 -26.36
O2 5MC B 48 -13.54 29.25 -25.63
N3 5MC B 48 -13.99 28.33 -27.65
C4 5MC B 48 -14.87 27.68 -28.43
N4 5MC B 48 -14.49 27.36 -29.66
C5 5MC B 48 -16.16 27.31 -27.92
C6 5MC B 48 -16.48 27.61 -26.66
CM5 5MC B 48 -17.15 26.61 -28.80
N1 5MU B 53 -18.20 37.54 -42.00
C2 5MU B 53 -19.32 36.82 -41.65
N3 5MU B 53 -19.87 37.19 -40.44
C4 5MU B 53 -19.42 38.19 -39.59
C5 5MU B 53 -18.25 38.91 -40.03
C5M 5MU B 53 -17.70 40.02 -39.18
C6 5MU B 53 -17.70 38.54 -41.21
O2 5MU B 53 -19.79 35.93 -42.34
O4 5MU B 53 -20.04 38.43 -38.55
C1' 5MU B 53 -17.58 37.22 -43.31
C2' 5MU B 53 -18.31 37.92 -44.45
O2' 5MU B 53 -18.22 37.15 -45.62
C3' 5MU B 53 -17.51 39.22 -44.57
C4' 5MU B 53 -16.09 38.73 -44.31
O3' 5MU B 53 -17.66 39.81 -45.85
O4' 5MU B 53 -16.24 37.71 -43.29
C5' 5MU B 53 -15.11 39.76 -43.84
O5' 5MU B 53 -15.64 40.47 -42.72
P 5MU B 53 -14.79 41.63 -42.02
OP1 5MU B 53 -14.28 42.55 -43.06
OP2 5MU B 53 -15.60 42.16 -40.88
N1 PSU B 54 -20.64 41.06 -40.83
C2 PSU B 54 -21.41 40.93 -39.70
N3 PSU B 54 -22.49 40.08 -39.84
C4 PSU B 54 -22.83 39.42 -40.97
C5 PSU B 54 -21.95 39.66 -42.08
C6 PSU B 54 -20.90 40.48 -41.89
O2 PSU B 54 -21.18 41.52 -38.66
O4 PSU B 54 -23.81 38.68 -40.99
C1' PSU B 54 -22.38 39.22 -43.41
C2' PSU B 54 -23.51 40.07 -44.01
O2' PSU B 54 -24.56 39.23 -44.42
C3' PSU B 54 -22.78 40.70 -45.19
C4' PSU B 54 -21.92 39.56 -45.68
O3' PSU B 54 -23.66 41.19 -46.17
O4' PSU B 54 -21.56 38.83 -44.48
C5' PSU B 54 -20.68 39.98 -46.44
O5' PSU B 54 -19.92 40.94 -45.66
P PSU B 54 -18.39 41.24 -45.97
OP1 PSU B 54 -18.27 41.69 -47.38
OP2 PSU B 54 -17.88 42.10 -44.87
N MET C 1 6.35 -29.24 -1.44
CA MET C 1 7.23 -30.39 -1.67
C MET C 1 8.02 -30.72 -0.40
N ARG C 2 8.02 -29.80 0.55
CA ARG C 2 8.68 -29.98 1.84
C ARG C 2 7.54 -30.56 2.70
N THR C 3 7.83 -31.27 3.77
CA THR C 3 6.71 -31.78 4.54
C THR C 3 6.69 -31.22 5.95
N GLU C 4 7.75 -30.50 6.30
CA GLU C 4 7.85 -29.89 7.62
C GLU C 4 8.87 -28.78 7.55
N TYR C 5 8.82 -27.84 8.48
CA TYR C 5 9.81 -26.76 8.51
C TYR C 5 10.88 -27.16 9.53
N CYS C 6 12.14 -27.08 9.12
CA CYS C 6 13.27 -27.43 9.98
C CYS C 6 13.06 -27.07 11.45
N GLY C 7 12.82 -25.80 11.73
CA GLY C 7 12.66 -25.35 13.11
C GLY C 7 11.46 -25.87 13.89
N GLN C 8 10.53 -26.54 13.23
CA GLN C 8 9.36 -27.02 13.97
C GLN C 8 9.47 -28.45 14.45
N LEU C 9 10.52 -29.14 14.02
CA LEU C 9 10.71 -30.52 14.44
C LEU C 9 11.00 -30.60 15.92
N ARG C 10 10.32 -31.52 16.61
CA ARG C 10 10.52 -31.75 18.03
C ARG C 10 10.48 -33.24 18.34
N LEU C 11 10.68 -33.58 19.61
CA LEU C 11 10.70 -34.97 20.02
C LEU C 11 9.43 -35.71 19.57
N SER C 12 8.35 -34.96 19.34
CA SER C 12 7.07 -35.55 18.92
C SER C 12 7.10 -36.11 17.50
N HIS C 13 8.02 -35.62 16.68
CA HIS C 13 8.13 -36.06 15.30
C HIS C 13 9.01 -37.29 15.14
N VAL C 14 9.49 -37.84 16.26
CA VAL C 14 10.32 -39.04 16.21
C VAL C 14 9.62 -40.11 15.36
N GLY C 15 10.34 -40.64 14.37
CA GLY C 15 9.76 -41.65 13.53
C GLY C 15 9.32 -41.08 12.20
N GLN C 16 8.90 -39.82 12.21
CA GLN C 16 8.44 -39.16 10.99
C GLN C 16 9.50 -39.08 9.91
N GLN C 17 9.17 -39.53 8.71
CA GLN C 17 10.10 -39.40 7.60
C GLN C 17 9.73 -38.04 7.03
N VAL C 18 10.72 -37.18 6.83
CA VAL C 18 10.44 -35.84 6.35
C VAL C 18 11.30 -35.36 5.18
N THR C 19 10.77 -34.37 4.47
CA THR C 19 11.49 -33.77 3.34
C THR C 19 11.66 -32.27 3.66
N LEU C 20 12.87 -31.90 4.07
CA LEU C 20 13.20 -30.53 4.43
C LEU C 20 13.75 -29.69 3.27
N CYS C 21 13.40 -28.43 3.26
CA CYS C 21 13.87 -27.51 2.24
C CYS C 21 14.44 -26.29 2.95
N GLY C 22 15.60 -25.83 2.50
CA GLY C 22 16.22 -24.69 3.13
C GLY C 22 17.64 -24.34 2.73
N TRP C 23 18.44 -24.01 3.74
CA TRP C 23 19.83 -23.61 3.52
C TRP C 23 20.72 -24.22 4.56
N VAL C 24 22.01 -24.29 4.26
CA VAL C 24 23.00 -24.80 5.19
C VAL C 24 23.38 -23.64 6.11
N ASN C 25 23.14 -23.79 7.41
CA ASN C 25 23.48 -22.75 8.37
C ASN C 25 24.87 -23.00 8.93
N ARG C 26 25.31 -24.26 8.87
CA ARG C 26 26.63 -24.64 9.35
C ARG C 26 26.97 -26.04 8.89
N ARG C 27 28.22 -26.24 8.50
CA ARG C 27 28.72 -27.54 8.06
C ARG C 27 29.81 -27.99 9.02
N ARG C 28 29.70 -29.18 9.56
CA ARG C 28 30.72 -29.70 10.44
C ARG C 28 31.16 -31.08 9.94
N ASP C 29 32.19 -31.12 9.08
CA ASP C 29 32.67 -32.39 8.52
C ASP C 29 33.72 -33.09 9.40
N LEU C 30 33.27 -34.04 10.20
CA LEU C 30 34.15 -34.81 11.05
C LEU C 30 34.63 -36.04 10.28
N GLY C 31 34.88 -35.83 8.98
CA GLY C 31 35.35 -36.90 8.14
C GLY C 31 34.28 -37.94 7.86
N SER C 32 34.18 -38.92 8.75
CA SER C 32 33.22 -40.01 8.62
C SER C 32 31.82 -39.54 9.04
N LEU C 33 31.77 -38.44 9.77
CA LEU C 33 30.51 -37.88 10.24
C LEU C 33 30.31 -36.44 9.81
N ILE C 34 29.19 -36.17 9.17
CA ILE C 34 28.92 -34.80 8.79
C ILE C 34 27.65 -34.36 9.49
N PHE C 35 27.75 -33.25 10.19
CA PHE C 35 26.61 -32.67 10.88
C PHE C 35 26.29 -31.41 10.10
N ILE C 36 25.07 -31.35 9.55
CA ILE C 36 24.63 -30.17 8.82
C ILE C 36 23.48 -29.52 9.57
N ASP C 37 23.65 -28.25 9.90
CA ASP C 37 22.60 -27.49 10.58
C ASP C 37 21.74 -26.87 9.48
N MET C 38 20.60 -27.49 9.22
CA MET C 38 19.73 -27.01 8.17
C MET C 38 18.76 -25.96 8.70
N ARG C 39 18.56 -24.91 7.92
CA ARG C 39 17.71 -23.83 8.34
C ARG C 39 16.69 -23.30 7.32
N ASP C 40 15.51 -22.96 7.84
CA ASP C 40 14.45 -22.35 7.05
C ASP C 40 13.75 -21.38 8.01
N ARG C 41 12.96 -20.47 7.46
CA ARG C 41 12.25 -19.43 8.22
C ARG C 41 11.80 -19.79 9.63
N GLU C 42 11.60 -21.08 9.88
CA GLU C 42 11.15 -21.56 11.19
C GLU C 42 12.25 -21.93 12.17
N GLY C 43 13.47 -22.08 11.65
CA GLY C 43 14.55 -22.44 12.54
C GLY C 43 15.58 -23.39 11.96
N ILE C 44 16.38 -23.96 12.84
CA ILE C 44 17.44 -24.86 12.43
C ILE C 44 17.29 -26.25 13.00
N VAL C 45 17.58 -27.24 12.17
CA VAL C 45 17.55 -28.64 12.58
C VAL C 45 18.91 -29.23 12.17
N GLN C 46 19.34 -30.23 12.90
CA GLN C 46 20.62 -30.85 12.62
C GLN C 46 20.39 -32.14 11.87
N VAL C 47 20.81 -32.21 10.62
CA VAL C 47 20.62 -33.46 9.90
C VAL C 47 21.95 -34.20 10.02
N PHE C 48 21.87 -35.49 10.30
CA PHE C 48 23.04 -36.32 10.49
C PHE C 48 23.37 -37.20 9.28
N PHE C 49 24.66 -37.27 8.95
CA PHE C 49 25.16 -38.08 7.86
C PHE C 49 26.23 -39.01 8.40
N ASP C 50 26.24 -40.26 7.93
CA ASP C 50 27.25 -41.23 8.36
C ASP C 50 27.53 -42.21 7.21
N PRO C 51 28.62 -42.99 7.33
CA PRO C 51 29.05 -43.98 6.34
C PRO C 51 28.01 -44.88 5.67
N ASP C 52 26.90 -45.18 6.34
CA ASP C 52 25.88 -46.04 5.72
C ASP C 52 25.40 -45.46 4.40
N ARG C 53 25.02 -44.20 4.45
CA ARG C 53 24.54 -43.49 3.27
C ARG C 53 25.77 -42.88 2.60
N ALA C 54 26.55 -43.73 1.94
CA ALA C 54 27.76 -43.31 1.25
C ALA C 54 27.65 -42.06 0.38
N ASP C 55 27.00 -42.19 -0.78
CA ASP C 55 26.84 -41.07 -1.71
C ASP C 55 26.41 -39.79 -1.04
N ALA C 56 25.46 -39.90 -0.11
CA ALA C 56 24.94 -38.74 0.61
C ALA C 56 26.05 -38.06 1.41
N LEU C 57 26.81 -38.87 2.14
CA LEU C 57 27.91 -38.37 2.97
C LEU C 57 28.89 -37.64 2.06
N LYS C 58 29.17 -38.26 0.91
CA LYS C 58 30.11 -37.68 -0.03
C LYS C 58 29.55 -36.36 -0.54
N LEU C 59 28.35 -36.40 -1.12
CA LEU C 59 27.75 -35.17 -1.65
C LEU C 59 27.72 -34.11 -0.55
N ALA C 60 27.30 -34.51 0.65
CA ALA C 60 27.24 -33.58 1.78
C ALA C 60 28.61 -32.92 2.00
N SER C 61 29.66 -33.64 1.63
CA SER C 61 31.02 -33.10 1.77
C SER C 61 31.11 -31.77 1.04
N GLU C 62 30.39 -31.66 -0.07
CA GLU C 62 30.38 -30.45 -0.91
C GLU C 62 29.72 -29.24 -0.28
N LEU C 63 28.72 -29.47 0.59
CA LEU C 63 27.99 -28.38 1.23
C LEU C 63 28.82 -27.27 1.86
N ARG C 64 28.38 -26.04 1.63
CA ARG C 64 29.03 -24.86 2.20
C ARG C 64 27.92 -24.00 2.82
N ASN C 65 28.30 -23.00 3.62
CA ASN C 65 27.30 -22.11 4.23
C ASN C 65 26.42 -21.44 3.19
N GLU C 66 25.12 -21.37 3.52
CA GLU C 66 24.14 -20.75 2.66
C GLU C 66 23.89 -21.45 1.32
N PHE C 67 24.18 -22.75 1.26
CA PHE C 67 23.92 -23.52 0.06
C PHE C 67 22.43 -23.81 0.14
N CYS C 68 21.74 -23.80 -0.98
CA CYS C 68 20.32 -24.07 -0.97
C CYS C 68 20.14 -25.55 -1.22
N ILE C 69 19.69 -26.27 -0.20
CA ILE C 69 19.54 -27.70 -0.31
C ILE C 69 18.19 -28.25 0.12
N GLN C 70 17.96 -29.50 -0.22
CA GLN C 70 16.74 -30.21 0.12
C GLN C 70 17.19 -31.58 0.63
N VAL C 71 16.62 -32.03 1.75
CA VAL C 71 17.01 -33.32 2.26
C VAL C 71 15.80 -34.07 2.79
N THR C 72 15.82 -35.38 2.59
CA THR C 72 14.76 -36.23 3.05
C THR C 72 15.39 -37.28 3.95
N GLY C 73 14.82 -37.45 5.14
CA GLY C 73 15.37 -38.39 6.09
C GLY C 73 14.37 -38.75 7.14
N THR C 74 14.83 -39.17 8.31
CA THR C 74 13.92 -39.54 9.36
C THR C 74 14.26 -38.86 10.68
N VAL C 75 13.23 -38.46 11.42
CA VAL C 75 13.45 -37.79 12.68
C VAL C 75 13.72 -38.76 13.81
N ARG C 76 14.93 -38.71 14.36
CA ARG C 76 15.28 -39.57 15.48
C ARG C 76 15.71 -38.69 16.65
N ALA C 77 15.66 -39.25 17.85
CA ALA C 77 16.06 -38.51 19.02
C ALA C 77 17.58 -38.55 19.12
N ARG C 78 18.14 -37.70 19.96
CA ARG C 78 19.59 -37.69 20.15
C ARG C 78 19.75 -38.37 21.51
N ASP C 79 20.91 -38.99 21.75
CA ASP C 79 21.14 -39.64 23.04
C ASP C 79 21.27 -38.49 24.02
N GLU C 80 20.94 -38.71 25.29
CA GLU C 80 21.03 -37.64 26.28
C GLU C 80 22.29 -36.79 26.08
N LYS C 81 23.40 -37.49 25.87
CA LYS C 81 24.74 -36.92 25.70
C LYS C 81 24.96 -36.01 24.49
N ASN C 82 24.11 -36.13 23.50
CA ASN C 82 24.19 -35.36 22.28
C ASN C 82 23.09 -34.32 22.16
N ILE C 83 22.23 -34.23 23.18
CA ILE C 83 21.14 -33.26 23.19
C ILE C 83 21.70 -31.84 23.21
N ASN C 84 21.06 -30.94 22.50
CA ASN C 84 21.47 -29.54 22.49
C ASN C 84 20.39 -28.75 23.21
N ARG C 85 20.58 -28.53 24.51
CA ARG C 85 19.60 -27.80 25.30
C ARG C 85 19.43 -26.34 24.93
N ASP C 86 20.12 -25.90 23.89
CA ASP C 86 20.04 -24.51 23.44
C ASP C 86 19.35 -24.38 22.09
N MET C 87 18.77 -25.47 21.59
CA MET C 87 18.06 -25.45 20.32
C MET C 87 16.67 -26.02 20.52
N ALA C 88 15.68 -25.40 19.87
CA ALA C 88 14.30 -25.84 19.95
C ALA C 88 14.22 -27.28 19.46
N THR C 89 14.90 -27.56 18.34
CA THR C 89 14.96 -28.90 17.75
C THR C 89 16.09 -29.68 18.40
N GLY C 90 16.62 -29.12 19.49
CA GLY C 90 17.74 -29.71 20.20
C GLY C 90 17.72 -31.17 20.58
N GLU C 91 16.57 -31.71 20.97
CA GLU C 91 16.49 -33.11 21.38
C GLU C 91 16.46 -34.04 20.18
N ILE C 92 16.42 -33.45 19.00
CA ILE C 92 16.27 -34.22 17.79
C ILE C 92 17.26 -33.90 16.69
N GLU C 93 17.26 -34.73 15.65
CA GLU C 93 18.11 -34.53 14.48
C GLU C 93 17.48 -35.42 13.41
N VAL C 94 17.70 -35.12 12.14
CA VAL C 94 17.14 -36.00 11.12
C VAL C 94 18.27 -36.74 10.43
N LEU C 95 18.17 -38.06 10.45
CA LEU C 95 19.13 -38.94 9.83
C LEU C 95 18.93 -38.88 8.32
N ALA C 96 19.81 -38.18 7.62
CA ALA C 96 19.65 -38.06 6.17
C ALA C 96 19.64 -39.38 5.44
N SER C 97 18.81 -39.44 4.40
CA SER C 97 18.69 -40.63 3.57
C SER C 97 18.85 -40.18 2.12
N SER C 98 18.78 -38.86 1.90
CA SER C 98 18.91 -38.29 0.58
C SER C 98 19.19 -36.80 0.70
N LEU C 99 20.07 -36.30 -0.16
CA LEU C 99 20.44 -34.88 -0.14
C LEU C 99 20.56 -34.36 -1.55
N THR C 100 19.94 -33.23 -1.80
CA THR C 100 19.96 -32.61 -3.11
C THR C 100 20.33 -31.14 -2.93
N ILE C 101 21.29 -30.69 -3.74
CA ILE C 101 21.75 -29.31 -3.68
C ILE C 101 21.09 -28.50 -4.79
N ILE C 102 20.05 -27.75 -4.44
CA ILE C 102 19.34 -26.95 -5.44
C ILE C 102 20.27 -25.90 -6.01
N ASN C 103 21.05 -25.26 -5.15
CA ASN C 103 21.98 -24.23 -5.58
C ASN C 103 23.12 -24.00 -4.60
N ARG C 104 24.31 -23.72 -5.14
CA ARG C 104 25.49 -23.45 -4.32
C ARG C 104 25.55 -21.94 -4.15
N ALA C 105 26.24 -21.50 -3.10
CA ALA C 105 26.40 -20.07 -2.84
C ALA C 105 27.88 -19.69 -2.92
N ASP C 106 28.21 -18.65 -3.70
CA ASP C 106 29.60 -18.18 -3.80
C ASP C 106 29.98 -17.69 -2.42
N VAL C 107 31.19 -17.17 -2.25
CA VAL C 107 31.55 -16.72 -0.92
C VAL C 107 30.66 -15.53 -0.55
N LEU C 108 30.23 -15.52 0.71
CA LEU C 108 29.33 -14.50 1.22
C LEU C 108 29.96 -13.16 1.53
N PRO C 109 29.35 -12.07 1.04
CA PRO C 109 29.77 -10.68 1.21
C PRO C 109 29.52 -10.25 2.65
N LEU C 110 28.92 -11.14 3.42
CA LEU C 110 28.62 -10.88 4.82
C LEU C 110 28.91 -12.14 5.62
N ASP C 111 29.89 -12.06 6.50
CA ASP C 111 30.24 -13.21 7.29
C ASP C 111 29.17 -13.40 8.36
N SER C 112 28.51 -14.55 8.27
CA SER C 112 27.43 -14.92 9.18
C SER C 112 27.87 -15.05 10.65
N ASN C 113 29.17 -14.95 10.91
CA ASN C 113 29.67 -15.07 12.28
C ASN C 113 29.96 -13.80 13.04
N HIS C 114 29.64 -12.64 12.46
CA HIS C 114 29.92 -11.40 13.18
C HIS C 114 29.31 -10.12 12.64
N VAL C 115 28.82 -9.31 13.58
CA VAL C 115 28.19 -8.02 13.31
C VAL C 115 28.78 -7.31 12.11
N ASN C 116 28.09 -7.39 10.98
CA ASN C 116 28.54 -6.76 9.76
C ASN C 116 28.19 -5.28 9.70
N THR C 117 28.84 -4.57 8.79
CA THR C 117 28.59 -3.15 8.64
C THR C 117 27.20 -2.86 8.07
N GLU C 118 26.71 -1.67 8.34
CA GLU C 118 25.40 -1.27 7.86
C GLU C 118 25.50 -1.23 6.34
N GLU C 119 26.51 -0.54 5.85
CA GLU C 119 26.76 -0.38 4.43
C GLU C 119 26.73 -1.73 3.71
N ALA C 120 27.24 -2.77 4.37
CA ALA C 120 27.28 -4.10 3.76
C ALA C 120 25.92 -4.77 3.88
N ARG C 121 25.35 -4.71 5.07
CA ARG C 121 24.04 -5.29 5.33
C ARG C 121 23.02 -4.73 4.34
N LEU C 122 23.16 -3.45 4.00
CA LEU C 122 22.24 -2.84 3.06
C LEU C 122 22.53 -3.33 1.67
N LYS C 123 23.79 -3.20 1.22
CA LYS C 123 24.15 -3.61 -0.13
C LYS C 123 23.70 -5.03 -0.39
N TYR C 124 23.75 -5.88 0.63
CA TYR C 124 23.31 -7.26 0.47
C TYR C 124 22.17 -7.57 1.43
N ARG C 125 21.20 -6.66 1.45
CA ARG C 125 20.02 -6.79 2.31
C ARG C 125 19.39 -8.19 2.30
N TYR C 126 19.20 -8.78 1.12
CA TYR C 126 18.60 -10.12 1.06
C TYR C 126 19.33 -11.17 1.85
N LEU C 127 20.64 -11.08 1.97
CA LEU C 127 21.34 -12.06 2.79
C LEU C 127 21.12 -11.68 4.24
N ASP C 128 21.12 -10.39 4.52
CA ASP C 128 20.93 -9.91 5.87
C ASP C 128 19.56 -10.33 6.42
N LEU C 129 18.55 -10.35 5.56
CA LEU C 129 17.23 -10.74 6.01
C LEU C 129 17.16 -12.20 6.45
N ARG C 130 18.05 -13.03 5.91
CA ARG C 130 18.06 -14.43 6.29
C ARG C 130 18.31 -14.66 7.78
N ARG C 131 18.90 -13.66 8.46
CA ARG C 131 19.16 -13.73 9.90
C ARG C 131 17.86 -13.72 10.70
N PRO C 132 17.65 -14.72 11.57
CA PRO C 132 16.42 -14.78 12.37
C PRO C 132 16.04 -13.48 13.07
N GLU C 133 17.02 -12.85 13.70
CA GLU C 133 16.79 -11.60 14.43
C GLU C 133 16.12 -10.55 13.54
N MET C 134 16.58 -10.44 12.29
CA MET C 134 16.02 -9.50 11.32
C MET C 134 14.69 -9.94 10.73
N ALA C 135 14.62 -11.20 10.31
CA ALA C 135 13.42 -11.75 9.72
C ALA C 135 12.29 -11.66 10.72
N GLN C 136 12.63 -11.88 11.99
CA GLN C 136 11.63 -11.82 13.05
C GLN C 136 10.90 -10.49 13.13
N ARG C 137 11.62 -9.40 12.92
CA ARG C 137 11.00 -8.07 12.99
C ARG C 137 9.97 -7.88 11.91
N LEU C 138 10.20 -8.48 10.74
CA LEU C 138 9.23 -8.36 9.65
C LEU C 138 7.99 -9.21 9.92
N LYS C 139 8.13 -10.25 10.73
CA LYS C 139 7.00 -11.10 11.05
C LYS C 139 6.14 -10.36 12.06
N THR C 140 6.79 -9.70 13.01
CA THR C 140 6.08 -8.95 14.04
C THR C 140 5.36 -7.77 13.39
N ARG C 141 5.93 -7.24 12.33
CA ARG C 141 5.30 -6.16 11.60
C ARG C 141 3.95 -6.69 11.13
N ALA C 142 4.00 -7.82 10.45
CA ALA C 142 2.84 -8.48 9.89
C ALA C 142 1.81 -8.79 10.96
N LYS C 143 2.28 -9.15 12.15
CA LYS C 143 1.34 -9.43 13.22
C LYS C 143 0.65 -8.12 13.63
N ILE C 144 1.39 -7.02 13.51
CA ILE C 144 0.86 -5.70 13.86
C ILE C 144 -0.18 -5.21 12.86
N THR C 145 0.11 -5.29 11.57
CA THR C 145 -0.85 -4.83 10.56
C THR C 145 -2.10 -5.73 10.53
N SER C 146 -1.97 -6.96 11.01
CA SER C 146 -3.10 -7.84 11.02
C SER C 146 -3.98 -7.44 12.19
N LEU C 147 -3.36 -7.22 13.34
CA LEU C 147 -4.09 -6.82 14.52
C LEU C 147 -4.75 -5.47 14.28
N VAL C 148 -4.05 -4.59 13.57
CA VAL C 148 -4.57 -3.27 13.28
C VAL C 148 -5.83 -3.28 12.44
N ARG C 149 -5.75 -3.87 11.24
CA ARG C 149 -6.89 -3.95 10.36
C ARG C 149 -8.09 -4.65 10.99
N ARG C 150 -7.86 -5.72 11.74
CA ARG C 150 -8.97 -6.39 12.38
C ARG C 150 -9.64 -5.47 13.39
N PHE C 151 -8.83 -4.77 14.18
CA PHE C 151 -9.34 -3.85 15.18
C PHE C 151 -10.15 -2.75 14.50
N MET C 152 -9.57 -2.15 13.47
CA MET C 152 -10.22 -1.06 12.77
C MET C 152 -11.51 -1.50 12.07
N ASP C 153 -11.51 -2.69 11.47
CA ASP C 153 -12.71 -3.18 10.81
C ASP C 153 -13.80 -3.39 11.86
N ASP C 154 -13.43 -4.02 12.98
CA ASP C 154 -14.39 -4.29 14.04
C ASP C 154 -14.95 -2.98 14.60
N HIS C 155 -14.25 -1.88 14.39
CA HIS C 155 -14.75 -0.59 14.87
C HIS C 155 -15.43 0.19 13.76
N GLY C 156 -15.75 -0.52 12.69
CA GLY C 156 -16.44 0.10 11.58
C GLY C 156 -15.68 1.06 10.70
N PHE C 157 -14.35 0.92 10.61
CA PHE C 157 -13.61 1.80 9.72
C PHE C 157 -13.44 1.06 8.39
N LEU C 158 -13.56 1.79 7.29
CA LEU C 158 -13.46 1.21 5.97
C LEU C 158 -12.05 1.42 5.41
N ASP C 159 -11.43 0.33 4.98
CA ASP C 159 -10.08 0.36 4.41
C ASP C 159 -10.15 0.82 2.96
N ILE C 160 -9.80 2.08 2.72
CA ILE C 160 -9.87 2.65 1.38
C ILE C 160 -8.53 3.15 0.85
N GLU C 161 -8.12 2.63 -0.31
CA GLU C 161 -6.87 3.04 -0.91
C GLU C 161 -7.02 4.41 -1.52
N THR C 162 -5.95 5.21 -1.44
CA THR C 162 -5.94 6.55 -2.01
C THR C 162 -4.85 6.64 -3.10
N PRO C 163 -4.91 7.67 -3.96
CA PRO C 163 -3.92 7.82 -5.03
C PRO C 163 -2.48 8.15 -4.65
N MET C 164 -1.53 7.62 -5.43
CA MET C 164 -0.12 7.86 -5.23
C MET C 164 0.31 8.90 -6.27
N LEU C 165 -0.15 8.74 -7.50
CA LEU C 165 0.15 9.71 -8.55
C LEU C 165 -0.92 10.74 -8.30
N THR C 166 -0.58 11.80 -7.59
CA THR C 166 -1.60 12.74 -7.23
C THR C 166 -1.19 14.21 -7.16
N LYS C 167 -1.95 14.99 -6.38
CA LYS C 167 -1.73 16.42 -6.20
C LYS C 167 -0.92 16.64 -4.91
N ALA C 168 -0.33 17.82 -4.78
CA ALA C 168 0.48 18.15 -3.60
C ALA C 168 -0.32 18.36 -2.30
N THR C 169 0.00 17.57 -1.28
CA THR C 169 -0.65 17.67 0.03
C THR C 169 0.36 18.16 1.07
N PRO C 170 0.09 19.31 1.69
CA PRO C 170 0.91 19.96 2.71
C PRO C 170 1.03 19.31 4.10
N GLU C 171 2.08 18.51 4.31
CA GLU C 171 2.37 17.87 5.59
C GLU C 171 3.62 18.51 6.19
N GLY C 172 4.19 19.44 5.44
CA GLY C 172 5.29 20.22 5.95
C GLY C 172 6.52 19.99 5.10
N ALA C 173 6.73 18.75 4.67
CA ALA C 173 7.90 18.41 3.88
C ALA C 173 7.88 18.86 2.42
N ARG C 174 8.95 18.48 1.72
CA ARG C 174 9.15 18.79 0.31
C ARG C 174 8.49 17.67 -0.47
N ASP C 175 7.98 17.98 -1.66
CA ASP C 175 7.31 16.99 -2.51
C ASP C 175 8.15 16.34 -3.59
N TYR C 176 7.99 15.03 -3.75
CA TYR C 176 8.65 14.28 -4.79
C TYR C 176 7.76 14.47 -6.02
N LEU C 177 8.36 14.74 -7.17
CA LEU C 177 7.59 14.94 -8.38
C LEU C 177 7.70 13.78 -9.37
N VAL C 178 6.79 13.75 -10.34
CA VAL C 178 6.74 12.71 -11.36
C VAL C 178 6.25 13.32 -12.66
N PRO C 179 7.16 13.63 -13.59
CA PRO C 179 6.83 14.23 -14.89
C PRO C 179 5.93 13.37 -15.77
N SER C 180 4.97 14.02 -16.44
CA SER C 180 4.06 13.30 -17.30
C SER C 180 4.57 13.24 -18.74
N ARG C 181 4.62 12.03 -19.30
CA ARG C 181 5.07 11.86 -20.68
C ARG C 181 3.97 12.40 -21.59
N VAL C 182 2.73 12.02 -21.29
CA VAL C 182 1.56 12.44 -22.07
C VAL C 182 1.20 13.91 -21.90
N HIS C 183 1.33 14.44 -20.70
CA HIS C 183 1.03 15.84 -20.46
C HIS C 183 2.37 16.50 -20.18
N LYS C 184 3.14 16.75 -21.23
CA LYS C 184 4.47 17.33 -21.06
C LYS C 184 4.53 18.68 -20.36
N GLY C 185 5.54 18.82 -19.51
CA GLY C 185 5.72 20.05 -18.77
C GLY C 185 5.06 20.03 -17.41
N LYS C 186 4.21 19.04 -17.17
CA LYS C 186 3.52 18.94 -15.89
C LYS C 186 3.83 17.65 -15.14
N PHE C 187 3.85 17.75 -13.82
CA PHE C 187 4.18 16.64 -12.93
C PHE C 187 3.05 16.22 -11.99
N TYR C 188 3.28 15.12 -11.30
CA TYR C 188 2.37 14.58 -10.30
C TYR C 188 3.21 14.72 -9.06
N ALA C 189 2.61 14.51 -7.90
CA ALA C 189 3.34 14.58 -6.65
C ALA C 189 3.10 13.31 -5.88
N LEU C 190 4.13 12.76 -5.28
CA LEU C 190 3.93 11.57 -4.47
C LEU C 190 3.36 12.15 -3.19
N PRO C 191 2.37 11.48 -2.61
CA PRO C 191 1.75 11.98 -1.39
C PRO C 191 2.57 11.99 -0.11
N GLN C 192 2.53 13.12 0.59
CA GLN C 192 3.20 13.26 1.88
C GLN C 192 2.33 12.56 2.93
N SER C 193 1.08 12.31 2.53
CA SER C 193 0.05 11.63 3.34
C SER C 193 -1.23 11.74 2.53
N PRO C 194 -2.21 10.90 2.82
CA PRO C 194 -3.51 10.92 2.13
C PRO C 194 -4.45 11.99 2.72
N GLN C 195 -3.90 12.86 3.57
CA GLN C 195 -4.67 13.92 4.22
C GLN C 195 -5.86 14.48 3.45
N LEU C 196 -5.60 15.25 2.41
CA LEU C 196 -6.69 15.84 1.64
C LEU C 196 -7.68 14.81 1.12
N PHE C 197 -7.19 13.66 0.69
CA PHE C 197 -8.09 12.64 0.18
C PHE C 197 -8.98 11.95 1.21
N LYS C 198 -8.47 11.74 2.42
CA LYS C 198 -9.29 11.09 3.43
C LYS C 198 -10.35 12.09 3.89
N GLN C 199 -10.02 13.38 3.85
CA GLN C 199 -11.01 14.38 4.22
C GLN C 199 -12.14 14.33 3.19
N LEU C 200 -11.79 14.26 1.91
CA LEU C 200 -12.79 14.16 0.85
C LEU C 200 -13.60 12.87 1.02
N LEU C 201 -12.99 11.79 1.51
CA LEU C 201 -13.74 10.55 1.72
C LEU C 201 -14.80 10.77 2.82
N MET C 202 -14.49 11.59 3.82
CA MET C 202 -15.46 11.90 4.88
C MET C 202 -16.59 12.71 4.23
N MET C 203 -16.23 13.71 3.45
CA MET C 203 -17.20 14.53 2.75
C MET C 203 -18.02 13.64 1.83
N SER C 204 -17.44 12.51 1.41
CA SER C 204 -18.15 11.59 0.53
C SER C 204 -19.18 10.77 1.28
N GLY C 205 -19.08 10.75 2.59
CA GLY C 205 -20.06 10.01 3.35
C GLY C 205 -19.54 8.73 3.96
N PHE C 206 -18.42 8.20 3.49
CA PHE C 206 -17.91 6.98 4.14
C PHE C 206 -17.76 7.63 5.50
N ASP C 207 -18.07 6.93 6.57
CA ASP C 207 -18.04 7.61 7.84
C ASP C 207 -16.71 7.47 8.59
N ARG C 208 -16.15 6.28 8.51
CA ARG C 208 -14.90 5.98 9.16
C ARG C 208 -13.93 5.36 8.16
N TYR C 209 -12.78 6.02 8.01
CA TYR C 209 -11.74 5.59 7.10
C TYR C 209 -10.42 5.20 7.77
N TYR C 210 -9.67 4.35 7.10
CA TYR C 210 -8.35 3.99 7.56
C TYR C 210 -7.64 3.33 6.41
N GLN C 211 -6.31 3.39 6.45
CA GLN C 211 -5.52 2.79 5.40
C GLN C 211 -4.09 2.63 5.85
N ILE C 212 -3.46 1.51 5.48
CA ILE C 212 -2.06 1.31 5.80
C ILE C 212 -1.45 1.79 4.47
N VAL C 213 -0.93 3.02 4.46
CA VAL C 213 -0.34 3.66 3.28
C VAL C 213 1.11 4.08 3.32
N LYS C 214 1.67 4.20 2.13
CA LYS C 214 3.02 4.62 1.91
C LYS C 214 2.98 6.12 1.75
N CYS C 215 3.82 6.83 2.50
CA CYS C 215 3.87 8.28 2.43
C CYS C 215 5.28 8.68 2.00
N PHE C 216 5.38 9.76 1.23
CA PHE C 216 6.66 10.21 0.71
C PHE C 216 6.98 11.68 0.99
N ARG C 217 8.05 11.94 1.74
CA ARG C 217 8.45 13.30 2.03
C ARG C 217 9.92 13.46 1.69
N ASP C 218 10.22 14.32 0.71
CA ASP C 218 11.58 14.49 0.25
C ASP C 218 12.44 15.32 1.18
N GLU C 219 12.78 14.73 2.32
CA GLU C 219 13.59 15.36 3.36
C GLU C 219 14.75 14.43 3.73
N ASP C 220 15.67 14.94 4.55
CA ASP C 220 16.81 14.14 4.97
C ASP C 220 16.44 13.23 6.14
N LEU C 221 17.17 12.12 6.23
CA LEU C 221 16.90 11.12 7.22
C LEU C 221 17.46 11.29 8.62
N ARG C 222 17.11 10.30 9.45
CA ARG C 222 17.49 10.19 10.84
C ARG C 222 17.24 8.72 11.18
N ALA C 223 17.66 8.28 12.35
CA ALA C 223 17.44 6.90 12.77
C ALA C 223 15.95 6.56 12.84
N ASP C 224 15.09 7.57 12.87
CA ASP C 224 13.65 7.31 12.93
C ASP C 224 12.89 7.97 11.79
N ARG C 225 13.58 8.27 10.69
CA ARG C 225 12.95 8.90 9.53
C ARG C 225 13.45 8.39 8.20
N GLN C 226 12.53 7.93 7.37
CA GLN C 226 12.86 7.46 6.04
C GLN C 226 12.05 8.36 5.12
N PRO C 227 12.56 8.65 3.91
CA PRO C 227 11.84 9.53 2.96
C PRO C 227 10.56 8.85 2.45
N GLU C 228 10.49 7.54 2.64
CA GLU C 228 9.34 6.73 2.27
C GLU C 228 9.02 5.94 3.52
N PHE C 229 7.83 6.11 4.06
CA PHE C 229 7.43 5.38 5.26
C PHE C 229 5.96 4.98 5.22
N THR C 230 5.55 4.23 6.22
CA THR C 230 4.19 3.75 6.25
C THR C 230 3.37 4.23 7.44
N GLN C 231 2.20 4.76 7.14
CA GLN C 231 1.30 5.24 8.16
C GLN C 231 0.06 4.39 8.29
N ILE C 232 -0.45 4.32 9.51
CA ILE C 232 -1.71 3.65 9.76
C ILE C 232 -2.55 4.92 9.78
N ASP C 233 -3.15 5.25 8.64
CA ASP C 233 -3.95 6.46 8.48
C ASP C 233 -5.39 6.25 8.88
N VAL C 234 -5.95 7.15 9.68
CA VAL C 234 -7.35 7.03 10.06
C VAL C 234 -8.06 8.39 10.06
N GLU C 235 -9.37 8.37 9.78
CA GLU C 235 -10.16 9.58 9.74
C GLU C 235 -11.58 9.27 10.15
N THR C 236 -12.24 10.23 10.81
CA THR C 236 -13.61 10.00 11.24
C THR C 236 -14.50 11.19 10.96
N SER C 237 -15.80 10.92 11.01
CA SER C 237 -16.80 11.96 10.83
C SER C 237 -17.61 11.99 12.12
N PHE C 238 -18.08 13.19 12.47
CA PHE C 238 -18.89 13.43 13.65
C PHE C 238 -18.24 12.93 14.95
N MET C 239 -16.96 13.23 15.12
CA MET C 239 -16.25 12.86 16.34
C MET C 239 -15.32 13.98 16.82
N THR C 240 -15.21 14.11 18.13
CA THR C 240 -14.37 15.12 18.75
C THR C 240 -12.98 14.58 19.01
N ALA C 241 -12.05 15.48 19.28
CA ALA C 241 -10.68 15.06 19.56
C ALA C 241 -10.66 13.95 20.61
N PRO C 242 -11.37 14.12 21.72
CA PRO C 242 -11.40 13.10 22.77
C PRO C 242 -11.82 11.72 22.27
N GLN C 243 -12.88 11.68 21.48
CA GLN C 243 -13.39 10.43 20.93
C GLN C 243 -12.36 9.76 20.04
N VAL C 244 -11.70 10.59 19.21
CA VAL C 244 -10.68 10.10 18.30
C VAL C 244 -9.53 9.50 19.10
N ARG C 245 -9.08 10.23 20.11
CA ARG C 245 -7.99 9.78 20.99
C ARG C 245 -8.37 8.48 21.68
N GLU C 246 -9.62 8.40 22.11
CA GLU C 246 -10.11 7.24 22.81
C GLU C 246 -9.96 5.95 22.02
N VAL C 247 -10.41 5.97 20.76
CA VAL C 247 -10.32 4.78 19.93
C VAL C 247 -8.87 4.55 19.45
N MET C 248 -8.12 5.63 19.28
CA MET C 248 -6.73 5.48 18.86
C MET C 248 -5.91 4.92 20.01
N GLU C 249 -6.20 5.40 21.22
CA GLU C 249 -5.49 4.91 22.38
C GLU C 249 -5.86 3.47 22.64
N ALA C 250 -7.04 3.07 22.18
CA ALA C 250 -7.50 1.70 22.36
C ALA C 250 -6.81 0.76 21.37
N LEU C 251 -6.51 1.26 20.18
CA LEU C 251 -5.82 0.45 19.17
C LEU C 251 -4.45 0.10 19.72
N VAL C 252 -3.73 1.14 20.14
CA VAL C 252 -2.40 1.01 20.72
C VAL C 252 -2.40 0.17 22.00
N ARG C 253 -3.35 0.42 22.91
CA ARG C 253 -3.42 -0.36 24.15
C ARG C 253 -3.62 -1.82 23.77
N HIS C 254 -4.29 -2.02 22.64
CA HIS C 254 -4.55 -3.34 22.12
C HIS C 254 -3.29 -3.94 21.47
N LEU C 255 -2.55 -3.14 20.72
CA LEU C 255 -1.33 -3.65 20.10
C LEU C 255 -0.33 -4.14 21.13
N TRP C 256 -0.12 -3.36 22.18
CA TRP C 256 0.83 -3.76 23.20
C TRP C 256 0.39 -4.97 23.99
N LEU C 257 -0.91 -5.13 24.20
CA LEU C 257 -1.43 -6.26 24.93
C LEU C 257 -1.26 -7.56 24.14
N GLU C 258 -1.49 -7.51 22.84
CA GLU C 258 -1.37 -8.69 21.97
C GLU C 258 0.03 -8.99 21.49
N VAL C 259 0.91 -7.99 21.48
CA VAL C 259 2.26 -8.20 21.00
C VAL C 259 3.33 -8.31 22.09
N LYS C 260 3.10 -7.68 23.24
CA LYS C 260 4.06 -7.71 24.33
C LYS C 260 3.43 -8.19 25.62
N GLY C 261 2.14 -8.43 25.60
CA GLY C 261 1.47 -8.89 26.81
C GLY C 261 1.49 -7.81 27.87
N VAL C 262 1.75 -6.58 27.45
CA VAL C 262 1.79 -5.48 28.40
C VAL C 262 0.54 -4.60 28.32
N ASP C 263 0.01 -4.25 29.49
CA ASP C 263 -1.16 -3.40 29.55
C ASP C 263 -0.73 -1.96 29.81
N LEU C 264 -0.56 -1.20 28.74
CA LEU C 264 -0.14 0.19 28.84
C LEU C 264 -0.96 1.09 29.79
N GLY C 265 -2.15 0.65 30.18
CA GLY C 265 -2.95 1.47 31.08
C GLY C 265 -3.45 2.75 30.41
N ASP C 266 -4.17 3.56 31.16
CA ASP C 266 -4.72 4.80 30.62
C ASP C 266 -3.62 5.81 30.32
N PHE C 267 -3.67 6.40 29.13
CA PHE C 267 -2.64 7.35 28.74
C PHE C 267 -2.77 8.71 29.39
N PRO C 268 -1.68 9.22 29.97
CA PRO C 268 -1.70 10.52 30.60
C PRO C 268 -1.81 11.53 29.45
N VAL C 269 -2.41 12.69 29.73
CA VAL C 269 -2.56 13.74 28.73
C VAL C 269 -1.85 14.99 29.21
N MET C 270 -0.95 15.49 28.38
CA MET C 270 -0.17 16.65 28.75
C MET C 270 -0.20 17.69 27.65
N THR C 271 -0.25 18.97 28.00
CA THR C 271 -0.28 20.01 26.98
C THR C 271 1.10 20.29 26.44
N PHE C 272 1.14 20.80 25.22
CA PHE C 272 2.37 21.18 24.56
C PHE C 272 3.22 22.01 25.52
N ALA C 273 2.56 22.93 26.20
CA ALA C 273 3.21 23.84 27.15
C ALA C 273 3.80 23.15 28.37
N GLU C 274 3.03 22.28 29.02
CA GLU C 274 3.50 21.55 30.20
C GLU C 274 4.71 20.71 29.80
N ALA C 275 4.69 20.21 28.57
CA ALA C 275 5.76 19.39 28.02
C ALA C 275 7.04 20.21 27.87
N GLU C 276 7.03 21.22 27.00
CA GLU C 276 8.20 22.06 26.83
C GLU C 276 8.69 22.53 28.20
N ARG C 277 7.77 22.71 29.13
CA ARG C 277 8.12 23.18 30.46
C ARG C 277 8.87 22.16 31.32
N ARG C 278 8.30 20.98 31.52
CA ARG C 278 8.96 19.98 32.34
C ARG C 278 10.04 19.17 31.64
N TYR C 279 10.03 19.15 30.30
CA TYR C 279 11.02 18.36 29.58
C TYR C 279 11.56 19.03 28.33
N GLY C 280 11.08 20.22 28.03
CA GLY C 280 11.55 20.89 26.84
C GLY C 280 11.46 20.04 25.58
N SER C 281 10.38 19.28 25.46
CA SER C 281 10.17 18.44 24.29
C SER C 281 8.70 18.15 24.11
N ASP C 282 8.22 18.13 22.88
CA ASP C 282 6.81 17.81 22.66
C ASP C 282 6.69 16.31 22.41
N LYS C 283 7.74 15.58 22.77
CA LYS C 283 7.79 14.12 22.64
C LYS C 283 8.49 13.63 23.90
N PRO C 284 8.05 14.09 25.08
CA PRO C 284 8.65 13.69 26.36
C PRO C 284 8.81 12.20 26.61
N ASP C 285 10.02 11.78 26.99
CA ASP C 285 10.28 10.39 27.30
C ASP C 285 10.11 10.26 28.80
N LEU C 286 8.91 9.85 29.22
CA LEU C 286 8.59 9.73 30.64
C LEU C 286 9.25 8.59 31.40
N ARG C 287 10.08 7.81 30.72
CA ARG C 287 10.79 6.75 31.41
C ARG C 287 11.95 7.37 32.19
N ASN C 288 12.28 8.61 31.83
CA ASN C 288 13.35 9.39 32.44
C ASN C 288 12.77 10.22 33.58
N PRO C 289 13.13 9.92 34.82
CA PRO C 289 12.62 10.64 35.99
C PRO C 289 13.01 12.11 36.10
N MET C 290 13.97 12.55 35.30
CA MET C 290 14.41 13.94 35.38
C MET C 290 13.49 14.89 34.65
N GLU C 291 13.62 16.17 34.94
CA GLU C 291 12.83 17.20 34.27
C GLU C 291 13.35 18.59 34.57
N LEU C 292 13.10 19.53 33.68
CA LEU C 292 13.58 20.89 33.88
C LEU C 292 12.78 21.61 34.94
N THR C 293 13.49 22.32 35.82
CA THR C 293 12.85 23.10 36.88
C THR C 293 13.20 24.55 36.60
N ASP C 294 12.21 25.41 36.44
CA ASP C 294 12.53 26.82 36.17
C ASP C 294 12.97 27.53 37.41
N VAL C 295 13.92 28.43 37.24
CA VAL C 295 14.47 29.18 38.35
C VAL C 295 14.78 30.62 37.98
N ALA C 296 14.17 31.12 36.91
CA ALA C 296 14.43 32.50 36.50
C ALA C 296 14.05 33.50 37.61
N ASP C 297 12.85 33.39 38.16
CA ASP C 297 12.44 34.30 39.21
C ASP C 297 13.53 34.47 40.26
N LEU C 298 14.12 33.36 40.68
CA LEU C 298 15.16 33.37 41.70
C LEU C 298 16.44 34.12 41.30
N LEU C 299 16.67 34.25 39.99
CA LEU C 299 17.89 34.87 39.46
C LEU C 299 17.73 36.20 38.70
N LYS C 300 16.65 36.94 38.93
CA LYS C 300 16.46 38.21 38.23
C LYS C 300 17.36 39.31 38.77
N SER C 301 17.60 39.26 40.08
CA SER C 301 18.40 40.26 40.78
C SER C 301 19.90 39.98 40.80
N VAL C 302 20.26 38.77 40.42
CA VAL C 302 21.65 38.33 40.40
C VAL C 302 22.52 39.12 39.42
N GLU C 303 23.70 39.56 39.88
CA GLU C 303 24.62 40.35 39.06
C GLU C 303 25.51 39.48 38.16
N PHE C 304 24.89 38.51 37.52
CA PHE C 304 25.57 37.59 36.62
C PHE C 304 24.75 37.61 35.33
N ALA C 305 25.25 38.29 34.30
CA ALA C 305 24.54 38.40 33.04
C ALA C 305 24.00 37.07 32.52
N VAL C 306 24.87 36.07 32.46
CA VAL C 306 24.48 34.74 31.98
C VAL C 306 23.11 34.30 32.49
N PHE C 307 22.80 34.63 33.74
CA PHE C 307 21.52 34.28 34.32
C PHE C 307 20.53 35.45 34.31
N ALA C 308 21.01 36.64 34.66
CA ALA C 308 20.15 37.82 34.72
C ALA C 308 19.53 38.25 33.39
N GLY C 309 20.26 38.10 32.30
CA GLY C 309 19.74 38.48 31.00
C GLY C 309 18.50 37.66 30.67
N PRO C 310 18.66 36.32 30.60
CA PRO C 310 17.53 35.43 30.29
C PRO C 310 16.46 35.47 31.38
N ALA C 311 16.85 35.73 32.62
CA ALA C 311 15.88 35.76 33.70
C ALA C 311 14.96 36.98 33.61
N ASN C 312 15.49 38.09 33.12
CA ASN C 312 14.70 39.32 33.00
C ASN C 312 14.17 39.58 31.59
N ASP C 313 14.27 38.57 30.73
CA ASP C 313 13.78 38.71 29.37
C ASP C 313 12.51 37.89 29.21
N PRO C 314 11.44 38.49 28.66
CA PRO C 314 10.19 37.76 28.47
C PRO C 314 10.40 36.55 27.56
N LYS C 315 11.24 36.72 26.55
CA LYS C 315 11.55 35.68 25.59
C LYS C 315 12.58 34.68 26.14
N GLY C 316 13.19 35.00 27.27
CA GLY C 316 14.20 34.12 27.82
C GLY C 316 13.71 33.12 28.84
N ARG C 317 14.60 32.21 29.24
CA ARG C 317 14.28 31.19 30.23
C ARG C 317 15.54 30.69 30.92
N VAL C 318 15.40 30.29 32.18
CA VAL C 318 16.53 29.76 32.92
C VAL C 318 16.04 28.47 33.55
N ALA C 319 16.51 27.34 33.04
CA ALA C 319 16.08 26.06 33.56
C ALA C 319 17.18 25.24 34.19
N ALA C 320 16.89 24.77 35.40
CA ALA C 320 17.83 23.95 36.14
C ALA C 320 17.48 22.49 35.92
N LEU C 321 18.49 21.68 35.71
CA LEU C 321 18.28 20.27 35.53
C LEU C 321 18.96 19.53 36.65
N ARG C 322 18.17 18.91 37.52
CA ARG C 322 18.73 18.15 38.64
C ARG C 322 19.04 16.71 38.23
N VAL C 323 20.31 16.40 38.07
CA VAL C 323 20.66 15.05 37.68
C VAL C 323 21.10 14.32 38.95
N PRO C 324 20.30 13.34 39.38
CA PRO C 324 20.62 12.57 40.59
C PRO C 324 22.00 11.92 40.52
N GLY C 325 22.78 12.14 41.57
CA GLY C 325 24.12 11.59 41.67
C GLY C 325 25.11 12.14 40.66
N GLY C 326 24.70 13.20 39.97
CA GLY C 326 25.58 13.75 38.95
C GLY C 326 26.78 14.53 39.43
N ALA C 327 27.01 14.56 40.74
CA ALA C 327 28.17 15.29 41.27
C ALA C 327 29.45 14.55 40.88
N SER C 328 29.33 13.24 40.67
CA SER C 328 30.44 12.38 40.29
C SER C 328 30.99 12.71 38.92
N LEU C 329 30.27 13.47 38.13
CA LEU C 329 30.75 13.78 36.79
C LEU C 329 32.12 14.43 36.73
N THR C 330 32.94 13.92 35.82
CA THR C 330 34.31 14.38 35.59
C THR C 330 34.35 15.72 34.88
N ARG C 331 35.45 16.44 35.03
CA ARG C 331 35.54 17.73 34.37
C ARG C 331 35.45 17.57 32.88
N LYS C 332 35.91 16.44 32.34
CA LYS C 332 35.80 16.27 30.90
C LYS C 332 34.38 15.84 30.56
N GLN C 333 33.72 15.17 31.48
CA GLN C 333 32.34 14.77 31.24
C GLN C 333 31.50 16.07 31.22
N ILE C 334 31.75 16.94 32.19
CA ILE C 334 31.02 18.20 32.24
C ILE C 334 31.33 19.03 30.99
N ASP C 335 32.40 18.68 30.30
CA ASP C 335 32.76 19.42 29.09
C ASP C 335 32.10 18.86 27.85
N GLU C 336 32.04 17.53 27.73
CA GLU C 336 31.40 16.92 26.58
C GLU C 336 29.97 17.46 26.47
N TYR C 337 29.25 17.52 27.60
CA TYR C 337 27.90 18.06 27.60
C TYR C 337 27.92 19.53 27.23
N GLY C 338 28.90 20.25 27.77
CA GLY C 338 29.03 21.67 27.49
C GLY C 338 29.08 21.94 26.01
N ASN C 339 29.72 21.01 25.29
CA ASN C 339 29.83 21.10 23.84
C ASN C 339 28.54 20.61 23.24
N PHE C 340 28.01 19.53 23.82
CA PHE C 340 26.77 18.93 23.34
C PHE C 340 25.64 19.95 23.26
N VAL C 341 25.41 20.69 24.34
CA VAL C 341 24.35 21.67 24.35
C VAL C 341 24.56 22.75 23.27
N LYS C 342 25.79 22.87 22.79
CA LYS C 342 26.10 23.85 21.74
C LYS C 342 25.44 23.48 20.43
N ILE C 343 25.27 22.17 20.20
CA ILE C 343 24.65 21.67 18.98
C ILE C 343 23.28 22.31 18.82
N TYR C 344 22.67 22.66 19.94
CA TYR C 344 21.33 23.23 19.91
C TYR C 344 21.32 24.73 20.13
N GLY C 345 22.50 25.34 20.01
CA GLY C 345 22.62 26.78 20.15
C GLY C 345 22.86 27.34 21.53
N ALA C 346 23.13 26.50 22.51
CA ALA C 346 23.39 26.99 23.86
C ALA C 346 24.81 27.55 23.93
N LYS C 347 24.95 28.72 24.54
CA LYS C 347 26.28 29.34 24.66
C LYS C 347 27.14 28.54 25.62
N GLY C 348 26.62 28.25 26.82
CA GLY C 348 27.38 27.50 27.81
C GLY C 348 26.55 26.52 28.61
N LEU C 349 27.07 26.11 29.78
CA LEU C 349 26.39 25.17 30.65
C LEU C 349 26.91 25.24 32.08
N ALA C 350 26.36 26.13 32.90
CA ALA C 350 26.82 26.25 34.28
C ALA C 350 26.34 25.06 35.11
N TYR C 351 26.97 24.84 36.26
CA TYR C 351 26.55 23.75 37.13
C TYR C 351 26.81 24.02 38.60
N ILE C 352 26.28 23.14 39.44
CA ILE C 352 26.44 23.23 40.88
C ILE C 352 26.55 21.82 41.43
N LYS C 353 27.72 21.45 41.93
CA LYS C 353 27.86 20.11 42.49
C LYS C 353 27.36 20.12 43.93
N VAL C 354 26.36 19.29 44.22
CA VAL C 354 25.80 19.20 45.55
C VAL C 354 26.44 18.06 46.33
N ASN C 355 27.40 18.40 47.19
CA ASN C 355 28.10 17.40 47.99
C ASN C 355 27.48 17.17 49.35
N GLU C 356 27.44 18.22 50.17
CA GLU C 356 26.85 18.12 51.48
C GLU C 356 25.97 19.34 51.68
N ARG C 357 24.68 19.13 51.45
CA ARG C 357 23.68 20.18 51.53
C ARG C 357 23.61 20.83 52.91
N ALA C 358 23.76 20.02 53.95
CA ALA C 358 23.70 20.51 55.32
C ALA C 358 24.79 21.56 55.61
N LYS C 359 25.95 21.38 54.99
CA LYS C 359 27.07 22.28 55.22
C LYS C 359 26.96 23.63 54.51
N GLY C 360 25.82 23.89 53.88
CA GLY C 360 25.64 25.15 53.19
C GLY C 360 26.61 25.33 52.04
N LEU C 361 26.99 26.57 51.74
CA LEU C 361 27.91 26.86 50.64
C LEU C 361 29.14 25.97 50.59
N GLU C 362 29.74 25.71 51.74
CA GLU C 362 30.94 24.87 51.79
C GLU C 362 30.55 23.43 51.48
N GLY C 363 29.24 23.23 51.31
CA GLY C 363 28.72 21.91 51.02
C GLY C 363 28.45 21.74 49.53
N ILE C 364 28.68 22.78 48.73
CA ILE C 364 28.47 22.69 47.30
C ILE C 364 29.71 23.14 46.55
N ASN C 365 29.75 22.93 45.24
CA ASN C 365 30.89 23.32 44.44
C ASN C 365 30.45 23.75 43.05
N SER C 366 30.51 25.04 42.76
CA SER C 366 30.12 25.52 41.44
C SER C 366 30.87 26.79 41.05
N PRO C 367 31.34 26.84 39.80
CA PRO C 367 32.08 27.96 39.22
C PRO C 367 31.22 29.22 39.16
N VAL C 368 29.98 29.12 39.63
CA VAL C 368 29.08 30.27 39.59
C VAL C 368 28.52 30.65 40.95
N ALA C 369 28.92 29.95 42.00
CA ALA C 369 28.43 30.24 43.34
C ALA C 369 28.81 31.63 43.80
N LYS C 370 29.80 32.25 43.14
CA LYS C 370 30.25 33.58 43.52
C LYS C 370 29.27 34.64 43.01
N PHE C 371 28.39 34.22 42.11
CA PHE C 371 27.40 35.11 41.54
C PHE C 371 26.06 34.94 42.23
N LEU C 372 25.89 33.79 42.87
CA LEU C 372 24.67 33.47 43.59
C LEU C 372 24.97 33.78 45.03
N ASN C 373 24.24 33.17 45.96
CA ASN C 373 24.51 33.36 47.38
C ASN C 373 23.85 32.23 48.16
N ALA C 374 24.19 32.14 49.44
CA ALA C 374 23.68 31.08 50.32
C ALA C 374 22.18 30.82 50.23
N GLU C 375 21.40 31.89 50.10
CA GLU C 375 19.94 31.77 50.03
C GLU C 375 19.47 31.33 48.64
N ILE C 376 19.94 32.03 47.59
CA ILE C 376 19.54 31.67 46.23
C ILE C 376 19.88 30.22 45.93
N ILE C 377 21.07 29.79 46.35
CA ILE C 377 21.50 28.42 46.13
C ILE C 377 20.57 27.44 46.86
N GLU C 378 20.15 27.80 48.07
CA GLU C 378 19.23 26.95 48.84
C GLU C 378 17.84 26.88 48.20
N ASP C 379 17.38 27.98 47.62
CA ASP C 379 16.07 27.97 46.98
C ASP C 379 16.12 26.99 45.82
N ILE C 380 17.15 27.13 44.99
CA ILE C 380 17.36 26.28 43.84
C ILE C 380 17.43 24.80 44.24
N LEU C 381 18.10 24.49 45.34
CA LEU C 381 18.19 23.10 45.79
C LEU C 381 16.85 22.60 46.30
N ASP C 382 16.19 23.41 47.13
CA ASP C 382 14.88 23.07 47.68
C ASP C 382 13.90 22.80 46.55
N ARG C 383 13.88 23.72 45.59
CA ARG C 383 13.00 23.63 44.43
C ARG C 383 13.23 22.29 43.72
N THR C 384 14.39 22.15 43.10
CA THR C 384 14.75 20.95 42.36
C THR C 384 14.78 19.70 43.22
N ALA C 385 14.61 19.86 44.53
CA ALA C 385 14.64 18.74 45.45
C ALA C 385 16.02 18.08 45.40
N ALA C 386 17.03 18.90 45.11
CA ALA C 386 18.42 18.46 45.00
C ALA C 386 19.00 18.00 46.32
N GLN C 387 19.60 16.82 46.33
CA GLN C 387 20.22 16.30 47.53
C GLN C 387 21.68 15.88 47.36
N ASP C 388 22.35 15.62 48.47
CA ASP C 388 23.76 15.23 48.46
C ASP C 388 24.07 14.22 47.37
N GLY C 389 25.04 14.55 46.53
CA GLY C 389 25.44 13.66 45.45
C GLY C 389 25.02 14.14 44.07
N ASP C 390 23.92 14.89 44.03
CA ASP C 390 23.34 15.40 42.79
C ASP C 390 24.15 16.50 42.13
N MET C 391 23.84 16.76 40.86
CA MET C 391 24.46 17.84 40.09
C MET C 391 23.28 18.71 39.64
N ILE C 392 23.54 19.91 39.14
CA ILE C 392 22.45 20.75 38.67
C ILE C 392 22.94 21.60 37.50
N PHE C 393 22.55 21.25 36.28
CA PHE C 393 22.97 22.04 35.14
C PHE C 393 22.00 23.17 34.95
N PHE C 394 22.41 24.15 34.16
CA PHE C 394 21.55 25.29 33.90
C PHE C 394 21.60 25.61 32.43
N GLY C 395 20.46 26.05 31.92
CA GLY C 395 20.36 26.45 30.54
C GLY C 395 19.77 27.83 30.61
N ALA C 396 20.44 28.82 30.03
CA ALA C 396 19.96 30.20 30.03
C ALA C 396 20.18 30.84 28.66
N ASP C 397 19.08 31.04 27.94
CA ASP C 397 19.09 31.65 26.61
C ASP C 397 17.61 31.91 26.32
N ASN C 398 17.23 31.97 25.05
CA ASN C 398 15.82 32.17 24.74
C ASN C 398 15.09 30.85 24.94
N LYS C 399 13.81 30.94 25.31
CA LYS C 399 12.97 29.78 25.55
C LYS C 399 13.27 28.58 24.65
N LYS C 400 13.39 28.84 23.36
CA LYS C 400 13.65 27.77 22.38
C LYS C 400 14.95 27.02 22.65
N ILE C 401 16.05 27.74 22.76
CA ILE C 401 17.34 27.11 23.00
C ILE C 401 17.34 26.37 24.35
N VAL C 402 16.90 27.03 25.40
CA VAL C 402 16.86 26.38 26.69
C VAL C 402 16.10 25.06 26.54
N ALA C 403 14.98 25.09 25.83
CA ALA C 403 14.19 23.87 25.63
C ALA C 403 14.96 22.83 24.82
N ASP C 404 15.48 23.22 23.67
CA ASP C 404 16.24 22.30 22.82
C ASP C 404 17.51 21.75 23.49
N ALA C 405 18.34 22.64 24.03
CA ALA C 405 19.58 22.24 24.69
C ALA C 405 19.36 21.37 25.92
N MET C 406 18.61 21.92 26.86
CA MET C 406 18.33 21.21 28.11
C MET C 406 17.44 20.03 27.89
N GLY C 407 16.67 20.06 26.80
CA GLY C 407 15.77 18.97 26.48
C GLY C 407 16.62 17.81 26.04
N ALA C 408 17.56 18.10 25.15
CA ALA C 408 18.47 17.09 24.66
C ALA C 408 19.28 16.56 25.84
N LEU C 409 19.95 17.48 26.54
CA LEU C 409 20.79 17.11 27.68
C LEU C 409 20.09 16.11 28.60
N ARG C 410 18.86 16.44 28.99
CA ARG C 410 18.07 15.57 29.88
C ARG C 410 18.03 14.11 29.40
N LEU C 411 17.93 13.90 28.09
CA LEU C 411 17.89 12.55 27.52
C LEU C 411 19.28 11.91 27.58
N LYS C 412 20.29 12.66 27.15
CA LYS C 412 21.66 12.18 27.12
C LYS C 412 22.17 11.79 28.50
N VAL C 413 22.10 12.72 29.44
CA VAL C 413 22.53 12.42 30.80
C VAL C 413 21.76 11.22 31.34
N GLY C 414 20.45 11.16 31.05
CA GLY C 414 19.63 10.07 31.52
C GLY C 414 20.11 8.71 31.06
N LYS C 415 20.50 8.61 29.81
CA LYS C 415 20.99 7.36 29.28
C LYS C 415 22.41 7.08 29.76
N ASP C 416 23.27 8.08 29.73
CA ASP C 416 24.66 7.91 30.18
C ASP C 416 24.66 7.45 31.63
N LEU C 417 23.96 8.16 32.49
CA LEU C 417 23.93 7.84 33.91
C LEU C 417 23.03 6.66 34.24
N GLY C 418 22.42 6.06 33.24
CA GLY C 418 21.53 4.95 33.50
C GLY C 418 20.35 5.35 34.38
N LEU C 419 19.93 6.59 34.27
CA LEU C 419 18.82 7.06 35.07
C LEU C 419 17.49 6.69 34.41
N THR C 420 17.46 6.71 33.08
CA THR C 420 16.25 6.39 32.32
C THR C 420 15.86 4.93 32.47
N ASP C 421 14.70 4.70 33.09
CA ASP C 421 14.20 3.35 33.32
C ASP C 421 13.73 2.75 32.01
N GLU C 422 14.60 2.00 31.34
CA GLU C 422 14.21 1.41 30.08
C GLU C 422 13.48 0.09 30.28
N SER C 423 13.04 -0.13 31.52
CA SER C 423 12.32 -1.34 31.85
C SER C 423 10.84 -1.16 31.57
N LYS C 424 10.40 0.08 31.41
CA LYS C 424 8.98 0.27 31.18
C LYS C 424 8.53 1.09 29.99
N TRP C 425 7.21 1.18 29.86
CA TRP C 425 6.58 1.90 28.75
C TRP C 425 5.95 3.21 29.20
N ALA C 426 6.17 4.27 28.42
CA ALA C 426 5.62 5.56 28.78
C ALA C 426 4.79 6.22 27.69
N PRO C 427 3.54 5.75 27.50
CA PRO C 427 2.66 6.34 26.50
C PRO C 427 2.03 7.63 27.06
N LEU C 428 1.69 8.58 26.20
CA LEU C 428 1.02 9.80 26.63
C LEU C 428 0.60 10.62 25.44
N TRP C 429 -0.43 11.43 25.64
CA TRP C 429 -0.90 12.31 24.59
C TRP C 429 -0.39 13.69 24.92
N VAL C 430 0.01 14.41 23.89
CA VAL C 430 0.46 15.78 24.05
C VAL C 430 -0.60 16.52 23.23
N ILE C 431 -1.31 17.45 23.86
CA ILE C 431 -2.36 18.17 23.13
C ILE C 431 -2.18 19.68 23.17
N ASP C 432 -3.04 20.38 22.45
CA ASP C 432 -3.00 21.84 22.39
C ASP C 432 -1.73 22.43 21.81
N PHE C 433 -1.26 21.86 20.72
CA PHE C 433 -0.10 22.42 20.06
C PHE C 433 -0.56 23.76 19.53
N PRO C 434 0.35 24.71 19.38
CA PRO C 434 -0.13 25.98 18.85
C PRO C 434 -0.62 25.75 17.42
N MET C 435 -1.35 26.70 16.87
CA MET C 435 -1.84 26.59 15.49
C MET C 435 -0.70 26.92 14.53
N PHE C 436 0.09 27.94 14.88
CA PHE C 436 1.18 28.33 14.01
C PHE C 436 2.50 28.48 14.74
N GLU C 437 3.55 28.59 13.93
CA GLU C 437 4.91 28.78 14.43
C GLU C 437 5.60 29.79 13.52
N ASP C 438 6.51 30.57 14.11
CA ASP C 438 7.26 31.58 13.36
C ASP C 438 7.98 30.90 12.21
N ASP C 439 7.73 31.38 10.99
CA ASP C 439 8.36 30.78 9.82
C ASP C 439 9.79 31.28 9.62
N GLY C 440 10.12 32.40 10.26
CA GLY C 440 11.47 32.94 10.14
C GLY C 440 11.63 33.97 9.03
N GLU C 441 10.64 34.07 8.15
CA GLU C 441 10.70 35.02 7.06
C GLU C 441 9.64 36.12 7.26
N GLY C 442 9.27 36.33 8.53
CA GLY C 442 8.28 37.35 8.85
C GLY C 442 6.88 36.78 8.93
N GLY C 443 6.67 35.61 8.34
CA GLY C 443 5.35 35.00 8.36
C GLY C 443 5.15 33.92 9.39
N LEU C 444 4.18 33.04 9.14
CA LEU C 444 3.84 31.95 10.03
C LEU C 444 3.68 30.67 9.21
N THR C 445 3.79 29.54 9.90
CA THR C 445 3.64 28.23 9.29
C THR C 445 2.68 27.42 10.14
N ALA C 446 2.04 26.46 9.51
CA ALA C 446 1.10 25.59 10.20
C ALA C 446 1.87 24.52 10.96
N MET C 447 1.66 24.43 12.27
CA MET C 447 2.34 23.39 13.06
C MET C 447 2.01 22.00 12.53
N HIS C 448 0.75 21.59 12.58
CA HIS C 448 0.37 20.28 12.10
C HIS C 448 0.19 20.31 10.57
N HIS C 449 -0.73 21.14 10.10
CA HIS C 449 -1.01 21.36 8.68
C HIS C 449 -2.18 22.33 8.58
N PRO C 450 -2.28 23.10 7.48
CA PRO C 450 -3.31 24.11 7.22
C PRO C 450 -4.78 23.70 7.25
N PHE C 451 -5.05 22.42 7.47
CA PHE C 451 -6.42 21.94 7.51
C PHE C 451 -6.77 21.56 8.94
N THR C 452 -6.03 22.13 9.87
CA THR C 452 -6.25 21.85 11.28
C THR C 452 -7.05 22.96 11.94
N SER C 453 -8.14 22.54 12.60
CA SER C 453 -9.05 23.44 13.27
C SER C 453 -8.52 23.97 14.62
N PRO C 454 -8.79 25.25 14.90
CA PRO C 454 -8.39 25.92 16.14
C PRO C 454 -9.27 25.38 17.27
N LYS C 455 -8.75 25.41 18.49
CA LYS C 455 -9.50 24.93 19.64
C LYS C 455 -10.39 26.11 20.01
N ASP C 456 -11.69 26.00 19.77
CA ASP C 456 -12.59 27.11 20.12
C ASP C 456 -12.17 28.46 19.51
N MET C 457 -12.49 28.73 18.25
CA MET C 457 -12.13 30.03 17.67
C MET C 457 -12.83 30.36 16.35
N THR C 458 -13.13 31.65 16.17
CA THR C 458 -13.81 32.13 14.97
C THR C 458 -12.80 32.54 13.92
N ALA C 459 -13.17 32.33 12.67
CA ALA C 459 -12.29 32.70 11.57
C ALA C 459 -11.80 34.13 11.81
N ALA C 460 -12.69 34.97 12.32
CA ALA C 460 -12.37 36.36 12.60
C ALA C 460 -11.39 36.48 13.77
N GLU C 461 -11.58 35.65 14.79
CA GLU C 461 -10.72 35.68 15.95
C GLU C 461 -9.31 35.18 15.60
N LEU C 462 -9.24 34.15 14.76
CA LEU C 462 -7.96 33.59 14.35
C LEU C 462 -7.18 34.65 13.54
N LYS C 463 -7.83 35.22 12.53
CA LYS C 463 -7.23 36.24 11.66
C LYS C 463 -6.70 37.44 12.43
N ALA C 464 -7.07 37.51 13.71
CA ALA C 464 -6.65 38.61 14.58
C ALA C 464 -5.58 38.20 15.59
N ALA C 465 -5.77 37.04 16.23
CA ALA C 465 -4.79 36.56 17.22
C ALA C 465 -4.25 35.18 16.86
N PRO C 466 -3.70 35.04 15.65
CA PRO C 466 -3.15 33.77 15.15
C PRO C 466 -1.99 33.18 15.94
N GLU C 467 -0.97 33.99 16.17
CA GLU C 467 0.23 33.58 16.89
C GLU C 467 -0.11 32.87 18.19
N ASN C 468 -1.15 33.33 18.84
CA ASN C 468 -1.58 32.78 20.12
C ASN C 468 -2.38 31.49 19.94
N ALA C 469 -3.23 31.48 18.91
CA ALA C 469 -4.10 30.37 18.55
C ALA C 469 -3.66 28.94 18.87
N VAL C 470 -4.49 28.26 19.64
CA VAL C 470 -4.24 26.87 20.02
C VAL C 470 -4.98 25.97 19.04
N ALA C 471 -4.25 25.04 18.42
CA ALA C 471 -4.85 24.11 17.47
C ALA C 471 -5.55 23.01 18.22
N ASN C 472 -6.53 22.40 17.56
CA ASN C 472 -7.23 21.28 18.17
C ASN C 472 -6.55 20.04 17.58
N ALA C 473 -5.26 19.94 17.89
CA ALA C 473 -4.42 18.86 17.40
C ALA C 473 -3.77 18.09 18.54
N TYR C 474 -3.43 16.82 18.27
CA TYR C 474 -2.86 15.95 19.29
C TYR C 474 -1.82 14.96 18.77
N ASP C 475 -0.87 14.63 19.64
CA ASP C 475 0.19 13.70 19.28
C ASP C 475 0.26 12.57 20.30
N MET C 476 0.51 11.35 19.83
CA MET C 476 0.64 10.26 20.76
C MET C 476 2.13 9.97 20.80
N VAL C 477 2.70 9.93 22.00
CA VAL C 477 4.11 9.64 22.12
C VAL C 477 4.33 8.50 23.09
N ILE C 478 5.32 7.68 22.78
CA ILE C 478 5.68 6.55 23.61
C ILE C 478 7.19 6.57 23.73
N ASN C 479 7.70 6.46 24.95
CA ASN C 479 9.14 6.44 25.20
C ASN C 479 9.92 7.48 24.39
N GLY C 480 9.37 8.68 24.31
CA GLY C 480 10.05 9.74 23.58
C GLY C 480 9.81 9.75 22.08
N TYR C 481 9.16 8.72 21.57
CA TYR C 481 8.89 8.71 20.15
C TYR C 481 7.51 9.26 19.87
N GLU C 482 7.44 10.13 18.87
CA GLU C 482 6.16 10.68 18.44
C GLU C 482 5.71 9.63 17.43
N VAL C 483 4.91 8.66 17.90
CA VAL C 483 4.41 7.58 17.05
C VAL C 483 3.09 7.83 16.36
N GLY C 484 2.46 8.96 16.63
CA GLY C 484 1.19 9.25 16.00
C GLY C 484 0.83 10.70 16.22
N GLY C 485 0.09 11.29 15.29
CA GLY C 485 -0.33 12.67 15.41
C GLY C 485 -1.61 12.91 14.63
N GLY C 486 -2.48 13.78 15.13
CA GLY C 486 -3.72 14.06 14.43
C GLY C 486 -4.35 15.40 14.74
N SER C 487 -5.60 15.57 14.34
CA SER C 487 -6.33 16.82 14.59
C SER C 487 -7.75 16.80 14.06
N VAL C 488 -8.57 17.69 14.60
CA VAL C 488 -9.94 17.87 14.14
C VAL C 488 -9.78 18.79 12.95
N ARG C 489 -10.44 18.45 11.84
CA ARG C 489 -10.30 19.24 10.62
C ARG C 489 -11.20 20.46 10.54
N ILE C 490 -10.83 21.35 9.63
CA ILE C 490 -11.59 22.55 9.37
C ILE C 490 -12.64 22.17 8.33
N HIS C 491 -13.90 22.17 8.75
CA HIS C 491 -15.00 21.83 7.85
C HIS C 491 -15.74 23.10 7.49
N ASN C 492 -14.98 24.15 7.20
CA ASN C 492 -15.60 25.43 6.94
C ASN C 492 -14.77 26.26 5.96
N GLY C 493 -15.26 26.42 4.75
CA GLY C 493 -14.55 27.18 3.74
C GLY C 493 -14.07 28.53 4.21
N ASP C 494 -14.91 29.19 5.00
CA ASP C 494 -14.60 30.51 5.55
C ASP C 494 -13.30 30.35 6.34
N MET C 495 -13.31 29.42 7.27
CA MET C 495 -12.14 29.15 8.11
C MET C 495 -10.91 28.77 7.28
N GLN C 496 -11.09 27.85 6.33
CA GLN C 496 -10.01 27.38 5.50
C GLN C 496 -9.33 28.54 4.76
N GLN C 497 -10.10 29.50 4.29
CA GLN C 497 -9.49 30.63 3.60
C GLN C 497 -8.73 31.51 4.58
N THR C 498 -9.33 31.76 5.73
CA THR C 498 -8.67 32.57 6.74
C THR C 498 -7.29 31.99 7.06
N VAL C 499 -7.23 30.66 7.13
CA VAL C 499 -5.98 29.97 7.43
C VAL C 499 -4.98 30.14 6.28
N PHE C 500 -5.38 29.78 5.07
CA PHE C 500 -4.50 29.94 3.91
C PHE C 500 -3.94 31.35 3.94
N GLY C 501 -4.81 32.31 4.25
CA GLY C 501 -4.41 33.70 4.31
C GLY C 501 -3.32 33.94 5.33
N ILE C 502 -3.59 33.54 6.58
CA ILE C 502 -2.62 33.72 7.65
C ILE C 502 -1.28 33.09 7.25
N LEU C 503 -1.34 31.97 6.53
CA LEU C 503 -0.13 31.29 6.08
C LEU C 503 0.41 31.96 4.81
N GLY C 504 -0.10 33.15 4.52
CA GLY C 504 0.36 33.88 3.36
C GLY C 504 0.12 33.30 1.98
N ILE C 505 -0.89 32.46 1.81
CA ILE C 505 -1.16 31.90 0.50
C ILE C 505 -2.14 32.82 -0.19
N ASN C 506 -1.72 33.45 -1.28
CA ASN C 506 -2.60 34.37 -2.00
C ASN C 506 -3.72 33.60 -2.70
N GLU C 507 -4.76 34.32 -3.09
CA GLU C 507 -5.91 33.70 -3.75
C GLU C 507 -5.55 32.84 -4.96
N GLU C 508 -4.75 33.38 -5.87
CA GLU C 508 -4.37 32.65 -7.07
C GLU C 508 -3.87 31.25 -6.72
N GLU C 509 -3.01 31.19 -5.71
CA GLU C 509 -2.46 29.91 -5.27
C GLU C 509 -3.51 29.05 -4.58
N GLN C 510 -4.31 29.66 -3.71
CA GLN C 510 -5.37 28.94 -3.02
C GLN C 510 -6.21 28.20 -4.06
N ARG C 511 -6.38 28.82 -5.21
CA ARG C 511 -7.15 28.23 -6.30
C ARG C 511 -6.38 27.18 -7.08
N GLU C 512 -5.08 27.42 -7.28
CA GLU C 512 -4.25 26.50 -8.05
C GLU C 512 -3.91 25.22 -7.29
N LYS C 513 -3.58 25.35 -6.02
CA LYS C 513 -3.22 24.17 -5.26
C LYS C 513 -4.28 23.58 -4.33
N PHE C 514 -5.26 24.39 -3.89
CA PHE C 514 -6.29 23.86 -3.00
C PHE C 514 -7.72 24.14 -3.47
N GLY C 515 -7.85 24.52 -4.74
CA GLY C 515 -9.16 24.82 -5.28
C GLY C 515 -10.19 23.73 -5.04
N PHE C 516 -9.85 22.50 -5.40
CA PHE C 516 -10.77 21.38 -5.23
C PHE C 516 -11.26 21.26 -3.79
N LEU C 517 -10.42 21.63 -2.84
CA LEU C 517 -10.79 21.55 -1.44
C LEU C 517 -11.72 22.70 -1.05
N LEU C 518 -11.35 23.91 -1.47
CA LEU C 518 -12.17 25.07 -1.16
C LEU C 518 -13.59 24.91 -1.71
N ASP C 519 -13.72 24.24 -2.85
CA ASP C 519 -15.03 24.02 -3.44
C ASP C 519 -15.78 22.89 -2.75
N ALA C 520 -15.06 21.83 -2.40
CA ALA C 520 -15.67 20.67 -1.75
C ALA C 520 -16.25 21.05 -0.38
N LEU C 521 -15.67 22.08 0.24
CA LEU C 521 -16.17 22.55 1.52
C LEU C 521 -17.54 23.22 1.37
N LYS C 522 -17.96 23.39 0.12
CA LYS C 522 -19.24 24.03 -0.16
C LYS C 522 -20.43 23.07 -0.17
N TYR C 523 -20.20 21.76 -0.13
CA TYR C 523 -21.33 20.85 -0.22
C TYR C 523 -21.79 20.04 0.98
N GLY C 524 -21.91 20.70 2.11
CA GLY C 524 -22.36 20.01 3.31
C GLY C 524 -21.31 19.12 3.94
N THR C 525 -20.15 19.69 4.26
CA THR C 525 -19.10 18.88 4.85
C THR C 525 -19.39 18.67 6.33
N PRO C 526 -19.29 17.42 6.80
CA PRO C 526 -19.55 17.03 8.18
C PRO C 526 -18.38 17.43 9.06
N PRO C 527 -18.58 17.35 10.38
CA PRO C 527 -17.45 17.69 11.22
C PRO C 527 -16.57 16.45 11.09
N HIS C 528 -15.26 16.62 10.87
CA HIS C 528 -14.39 15.46 10.77
C HIS C 528 -13.01 15.66 11.41
N ALA C 529 -12.45 14.55 11.87
CA ALA C 529 -11.16 14.56 12.52
C ALA C 529 -10.50 13.21 12.32
N GLY C 530 -9.17 13.19 12.35
CA GLY C 530 -8.44 11.95 12.16
C GLY C 530 -7.05 11.98 12.77
N LEU C 531 -6.25 10.97 12.44
CA LEU C 531 -4.90 10.82 12.96
C LEU C 531 -4.17 9.72 12.21
N ALA C 532 -2.84 9.79 12.18
CA ALA C 532 -2.08 8.76 11.49
C ALA C 532 -0.93 8.29 12.35
N PHE C 533 -0.73 6.99 12.43
CA PHE C 533 0.39 6.48 13.21
C PHE C 533 1.58 6.25 12.27
N GLY C 534 2.78 6.27 12.81
CA GLY C 534 3.97 5.99 12.04
C GLY C 534 4.15 4.50 12.25
N LEU C 535 3.73 3.66 11.29
CA LEU C 535 3.81 2.22 11.47
C LEU C 535 5.21 1.74 11.78
N ASP C 536 6.18 2.29 11.05
CA ASP C 536 7.56 1.94 11.24
C ASP C 536 7.94 2.10 12.70
N ARG C 537 7.77 3.32 13.20
CA ARG C 537 8.11 3.62 14.58
C ARG C 537 7.35 2.74 15.57
N LEU C 538 6.09 2.42 15.27
CA LEU C 538 5.31 1.58 16.14
C LEU C 538 5.95 0.18 16.16
N THR C 539 6.55 -0.22 15.04
CA THR C 539 7.19 -1.55 14.98
C THR C 539 8.53 -1.53 15.71
N MET C 540 9.26 -0.42 15.56
CA MET C 540 10.53 -0.26 16.24
C MET C 540 10.35 -0.51 17.74
N LEU C 541 9.38 0.17 18.34
CA LEU C 541 9.10 0.02 19.76
C LEU C 541 8.64 -1.39 20.10
N LEU C 542 7.89 -2.02 19.22
CA LEU C 542 7.39 -3.36 19.47
C LEU C 542 8.38 -4.46 19.10
N THR C 543 9.38 -4.14 18.31
CA THR C 543 10.40 -5.15 17.96
C THR C 543 11.71 -4.85 18.68
N GLY C 544 11.72 -3.78 19.48
CA GLY C 544 12.88 -3.41 20.26
C GLY C 544 14.09 -2.74 19.63
N THR C 545 13.93 -2.13 18.46
CA THR C 545 15.05 -1.46 17.78
C THR C 545 15.02 0.03 18.06
N ASP C 546 16.02 0.72 17.55
CA ASP C 546 16.13 2.16 17.71
C ASP C 546 16.55 2.65 16.34
N ASN C 547 16.46 1.74 15.40
CA ASN C 547 16.82 2.00 14.03
C ASN C 547 15.62 1.73 13.14
N ILE C 548 15.06 2.76 12.54
CA ILE C 548 13.90 2.54 11.68
C ILE C 548 14.13 1.54 10.53
N ARG C 549 15.32 1.56 9.92
CA ARG C 549 15.60 0.64 8.82
C ARG C 549 15.59 -0.83 9.24
N ASP C 550 15.62 -1.07 10.53
CA ASP C 550 15.58 -2.43 11.07
C ASP C 550 14.20 -3.07 10.98
N VAL C 551 13.17 -2.27 10.66
CA VAL C 551 11.82 -2.81 10.56
C VAL C 551 11.24 -2.67 9.16
N ILE C 552 12.05 -2.14 8.23
CA ILE C 552 11.66 -1.97 6.83
C ILE C 552 12.47 -2.99 6.01
N ALA C 553 11.78 -3.87 5.28
CA ALA C 553 12.48 -4.88 4.48
C ALA C 553 13.59 -4.31 3.60
N PHE C 554 13.27 -3.25 2.85
CA PHE C 554 14.26 -2.63 1.97
C PHE C 554 14.35 -1.12 2.22
N PRO C 555 15.11 -0.72 3.24
CA PRO C 555 15.35 0.67 3.69
C PRO C 555 16.26 1.45 2.76
N LYS C 556 16.35 2.75 2.99
CA LYS C 556 17.24 3.59 2.20
C LYS C 556 18.26 4.24 3.12
N THR C 557 19.34 4.76 2.52
CA THR C 557 20.39 5.38 3.30
C THR C 557 20.05 6.81 3.62
N THR C 558 20.82 7.40 4.54
CA THR C 558 20.62 8.79 4.94
C THR C 558 20.79 9.70 3.72
N ALA C 559 21.21 9.11 2.59
CA ALA C 559 21.36 9.87 1.36
C ALA C 559 20.27 9.43 0.38
N ALA C 560 19.20 8.84 0.93
CA ALA C 560 18.05 8.39 0.16
C ALA C 560 18.36 7.39 -0.95
N ALA C 561 19.38 6.57 -0.75
CA ALA C 561 19.76 5.60 -1.78
C ALA C 561 19.43 4.18 -1.37
N CYS C 562 19.43 3.29 -2.36
CA CYS C 562 19.18 1.86 -2.14
C CYS C 562 20.45 1.14 -2.61
N LEU C 563 21.36 0.82 -1.69
CA LEU C 563 22.59 0.16 -2.09
C LEU C 563 22.44 -1.15 -2.83
N MET C 564 21.52 -2.00 -2.38
CA MET C 564 21.31 -3.29 -3.01
C MET C 564 20.97 -3.22 -4.51
N THR C 565 20.29 -2.15 -4.93
CA THR C 565 19.91 -2.05 -6.32
C THR C 565 20.54 -0.85 -6.97
N GLU C 566 21.37 -0.16 -6.21
CA GLU C 566 22.03 1.05 -6.68
C GLU C 566 21.00 1.96 -7.36
N ALA C 567 20.14 2.57 -6.56
CA ALA C 567 19.12 3.51 -7.05
C ALA C 567 19.14 4.67 -6.07
N PRO C 568 18.84 5.89 -6.55
CA PRO C 568 18.49 6.23 -7.92
C PRO C 568 19.62 5.95 -8.90
N SER C 569 19.31 6.09 -10.18
CA SER C 569 20.24 5.80 -11.26
C SER C 569 20.06 6.81 -12.38
N PHE C 570 21.11 6.99 -13.19
CA PHE C 570 21.05 7.91 -14.32
C PHE C 570 20.01 7.38 -15.30
N ALA C 571 19.22 8.29 -15.84
CA ALA C 571 18.17 7.92 -16.77
C ALA C 571 18.63 7.92 -18.22
N ASN C 572 17.94 7.15 -19.04
CA ASN C 572 18.25 7.05 -20.46
C ASN C 572 17.88 8.37 -21.14
N PRO C 573 18.78 8.91 -21.97
CA PRO C 573 18.55 10.17 -22.68
C PRO C 573 17.21 10.29 -23.40
N THR C 574 16.76 9.21 -24.04
CA THR C 574 15.48 9.22 -24.75
C THR C 574 14.33 9.17 -23.76
N ALA C 575 14.55 8.51 -22.63
CA ALA C 575 13.52 8.43 -21.61
C ALA C 575 13.21 9.86 -21.24
N LEU C 576 14.25 10.65 -21.02
CA LEU C 576 14.06 12.05 -20.65
C LEU C 576 13.49 12.82 -21.82
N ALA C 577 13.73 12.30 -23.03
CA ALA C 577 13.22 12.94 -24.23
C ALA C 577 11.71 12.96 -24.16
N GLU C 578 11.11 11.78 -24.02
CA GLU C 578 9.66 11.67 -23.93
C GLU C 578 9.07 12.30 -22.68
N LEU C 579 9.92 12.71 -21.75
CA LEU C 579 9.47 13.36 -20.53
C LEU C 579 9.62 14.86 -20.62
N SER C 580 10.07 15.34 -21.77
CA SER C 580 10.28 16.76 -22.00
C SER C 580 11.09 17.40 -20.88
N ILE C 581 12.12 16.70 -20.43
CA ILE C 581 12.98 17.23 -19.37
C ILE C 581 14.45 16.96 -19.67
N GLN C 582 15.30 17.75 -19.04
CA GLN C 582 16.74 17.63 -19.22
C GLN C 582 17.46 18.04 -17.96
N VAL C 583 18.53 17.33 -17.63
CA VAL C 583 19.33 17.63 -16.45
C VAL C 583 20.03 18.96 -16.66
N VAL C 584 20.15 19.78 -15.62
CA VAL C 584 20.82 21.08 -15.78
C VAL C 584 22.33 20.93 -15.63
N LYS C 585 23.02 21.54 -16.58
CA LYS C 585 24.48 21.53 -16.67
C LYS C 585 25.13 22.48 -15.66
N MET D 1 -22.24 13.71 16.44
CA MET D 1 -22.34 12.95 17.68
C MET D 1 -23.59 12.08 17.70
N ARG D 2 -23.75 11.25 16.68
CA ARG D 2 -24.90 10.36 16.59
C ARG D 2 -24.93 9.33 17.70
N THR D 3 -25.97 8.49 17.68
CA THR D 3 -26.14 7.44 18.66
C THR D 3 -26.77 6.28 17.93
N GLU D 4 -26.98 6.46 16.64
CA GLU D 4 -27.59 5.41 15.82
C GLU D 4 -27.41 5.82 14.36
N TYR D 5 -27.31 4.84 13.46
CA TYR D 5 -27.21 5.17 12.05
C TYR D 5 -28.60 5.17 11.44
N CYS D 6 -28.93 6.21 10.68
CA CYS D 6 -30.23 6.33 10.04
C CYS D 6 -30.74 5.01 9.45
N GLY D 7 -30.04 4.49 8.44
CA GLY D 7 -30.43 3.26 7.78
C GLY D 7 -30.56 1.98 8.61
N GLN D 8 -30.35 2.07 9.91
CA GLN D 8 -30.44 0.87 10.73
C GLN D 8 -31.72 0.82 11.55
N LEU D 9 -32.47 1.92 11.56
CA LEU D 9 -33.71 2.00 12.34
C LEU D 9 -34.82 1.03 11.86
N ARG D 10 -35.36 0.26 12.80
CA ARG D 10 -36.42 -0.72 12.52
C ARG D 10 -37.58 -0.58 13.49
N LEU D 11 -38.64 -1.34 13.27
CA LEU D 11 -39.80 -1.29 14.14
C LEU D 11 -39.32 -1.43 15.58
N SER D 12 -38.29 -2.26 15.76
CA SER D 12 -37.72 -2.52 17.10
C SER D 12 -37.20 -1.28 17.82
N HIS D 13 -36.94 -0.21 17.07
CA HIS D 13 -36.45 1.00 17.70
C HIS D 13 -37.58 1.94 18.08
N VAL D 14 -38.81 1.47 17.96
CA VAL D 14 -39.95 2.30 18.31
C VAL D 14 -39.87 2.66 19.78
N GLY D 15 -40.08 3.94 20.07
CA GLY D 15 -40.01 4.43 21.43
C GLY D 15 -38.62 4.94 21.79
N GLN D 16 -37.66 4.59 20.95
CA GLN D 16 -36.26 4.97 21.15
C GLN D 16 -36.01 6.42 20.78
N GLN D 17 -35.30 7.16 21.64
CA GLN D 17 -34.96 8.55 21.36
C GLN D 17 -33.54 8.45 20.80
N VAL D 18 -33.35 8.87 19.54
CA VAL D 18 -32.03 8.76 18.93
C VAL D 18 -31.49 10.10 18.47
N THR D 19 -30.20 10.12 18.15
CA THR D 19 -29.56 11.29 17.60
C THR D 19 -28.87 10.80 16.34
N LEU D 20 -29.21 11.44 15.24
CA LEU D 20 -28.70 11.08 13.93
C LEU D 20 -27.88 12.22 13.33
N CYS D 21 -26.84 11.87 12.60
CA CYS D 21 -26.01 12.87 11.93
C CYS D 21 -25.96 12.39 10.50
N GLY D 22 -26.04 13.29 9.54
CA GLY D 22 -26.04 12.87 8.16
C GLY D 22 -26.40 13.95 7.16
N TRP D 23 -26.89 13.53 6.00
CA TRP D 23 -27.22 14.47 4.94
C TRP D 23 -28.68 14.42 4.50
N VAL D 24 -29.17 15.54 3.99
CA VAL D 24 -30.54 15.60 3.50
C VAL D 24 -30.55 14.92 2.11
N ASN D 25 -31.18 13.76 2.01
CA ASN D 25 -31.26 13.09 0.71
C ASN D 25 -32.30 13.82 -0.13
N ARG D 26 -33.45 14.12 0.46
CA ARG D 26 -34.53 14.86 -0.21
C ARG D 26 -35.46 15.51 0.80
N ARG D 27 -35.99 16.66 0.43
CA ARG D 27 -36.90 17.37 1.31
C ARG D 27 -38.25 17.57 0.65
N ARG D 28 -39.30 17.28 1.40
CA ARG D 28 -40.67 17.42 0.94
C ARG D 28 -41.41 18.27 1.95
N ASP D 29 -41.51 19.57 1.66
CA ASP D 29 -42.14 20.55 2.54
C ASP D 29 -43.59 20.86 2.18
N LEU D 30 -44.52 20.29 2.97
CA LEU D 30 -45.95 20.47 2.79
C LEU D 30 -46.47 21.56 3.74
N GLY D 31 -45.63 22.57 3.99
CA GLY D 31 -46.02 23.64 4.86
C GLY D 31 -46.25 23.23 6.32
N SER D 32 -47.39 22.61 6.60
CA SER D 32 -47.73 22.21 7.97
C SER D 32 -46.83 21.13 8.54
N LEU D 33 -46.45 20.17 7.72
CA LEU D 33 -45.57 19.12 8.17
C LEU D 33 -44.53 18.79 7.10
N ILE D 34 -43.25 18.79 7.49
CA ILE D 34 -42.17 18.50 6.56
C ILE D 34 -41.55 17.12 6.74
N PHE D 35 -41.25 16.49 5.62
CA PHE D 35 -40.64 15.17 5.60
C PHE D 35 -39.19 15.29 5.11
N ILE D 36 -38.24 14.87 5.95
CA ILE D 36 -36.85 14.91 5.55
C ILE D 36 -36.33 13.48 5.49
N ASP D 37 -35.88 13.05 4.31
CA ASP D 37 -35.31 11.72 4.13
C ASP D 37 -33.82 11.91 4.48
N MET D 38 -33.44 11.55 5.69
CA MET D 38 -32.06 11.74 6.12
C MET D 38 -31.23 10.54 5.73
N ARG D 39 -30.02 10.83 5.27
CA ARG D 39 -29.10 9.81 4.78
C ARG D 39 -27.71 9.81 5.37
N ASP D 40 -27.23 8.62 5.65
CA ASP D 40 -25.87 8.41 6.14
C ASP D 40 -25.45 7.06 5.53
N ARG D 41 -24.26 6.58 5.85
CA ARG D 41 -23.80 5.35 5.22
C ARG D 41 -24.66 4.10 5.37
N GLU D 42 -25.40 4.00 6.46
CA GLU D 42 -26.24 2.82 6.64
C GLU D 42 -27.52 2.95 5.84
N GLY D 43 -27.87 4.17 5.48
CA GLY D 43 -29.08 4.34 4.70
C GLY D 43 -29.89 5.58 4.99
N ILE D 44 -31.14 5.55 4.51
CA ILE D 44 -32.05 6.68 4.67
C ILE D 44 -33.21 6.38 5.61
N VAL D 45 -33.51 7.35 6.44
CA VAL D 45 -34.61 7.26 7.39
C VAL D 45 -35.44 8.52 7.21
N GLN D 46 -36.72 8.47 7.54
CA GLN D 46 -37.58 9.64 7.40
C GLN D 46 -37.69 10.40 8.71
N VAL D 47 -37.40 11.69 8.65
CA VAL D 47 -37.51 12.51 9.84
C VAL D 47 -38.80 13.31 9.67
N PHE D 48 -39.62 13.35 10.72
CA PHE D 48 -40.90 14.04 10.66
C PHE D 48 -40.93 15.37 11.41
N PHE D 49 -41.38 16.41 10.72
CA PHE D 49 -41.49 17.75 11.31
C PHE D 49 -42.93 18.24 11.23
N ASP D 50 -43.61 18.39 12.35
CA ASP D 50 -44.98 18.92 12.29
C ASP D 50 -45.01 20.23 13.09
N PRO D 51 -46.19 20.87 13.19
CA PRO D 51 -46.34 22.13 13.93
C PRO D 51 -45.97 22.13 15.42
N ASP D 52 -46.02 20.98 16.07
CA ASP D 52 -45.69 20.89 17.49
C ASP D 52 -44.34 21.46 17.88
N ARG D 53 -43.33 21.24 17.04
CA ARG D 53 -42.02 21.80 17.31
C ARG D 53 -41.90 22.94 16.29
N ALA D 54 -42.46 24.09 16.63
CA ALA D 54 -42.48 25.26 15.76
C ALA D 54 -41.12 25.63 15.15
N ASP D 55 -40.15 25.93 16.00
CA ASP D 55 -38.82 26.31 15.51
C ASP D 55 -38.19 25.24 14.61
N ALA D 56 -38.34 23.98 15.00
CA ALA D 56 -37.78 22.88 14.22
C ALA D 56 -38.36 22.91 12.81
N LEU D 57 -39.67 23.10 12.73
CA LEU D 57 -40.38 23.15 11.46
C LEU D 57 -39.87 24.33 10.63
N LYS D 58 -39.73 25.48 11.28
CA LYS D 58 -39.27 26.70 10.61
C LYS D 58 -37.85 26.54 10.07
N LEU D 59 -37.01 25.79 10.78
CA LEU D 59 -35.63 25.58 10.33
C LEU D 59 -35.59 24.53 9.23
N ALA D 60 -36.27 23.41 9.45
CA ALA D 60 -36.33 22.32 8.49
C ALA D 60 -36.73 22.81 7.10
N SER D 61 -37.38 23.96 7.04
CA SER D 61 -37.78 24.48 5.74
C SER D 61 -36.57 25.05 5.03
N GLU D 62 -35.58 25.51 5.79
CA GLU D 62 -34.36 26.06 5.20
C GLU D 62 -33.53 24.97 4.55
N LEU D 63 -33.85 23.72 4.85
CA LEU D 63 -33.13 22.58 4.30
C LEU D 63 -33.29 22.34 2.81
N ARG D 64 -32.20 21.93 2.18
CA ARG D 64 -32.19 21.61 0.76
C ARG D 64 -31.41 20.32 0.62
N ASN D 65 -31.29 19.82 -0.61
CA ASN D 65 -30.55 18.59 -0.84
C ASN D 65 -29.07 18.69 -0.44
N GLU D 66 -28.53 17.57 0.02
CA GLU D 66 -27.14 17.46 0.45
C GLU D 66 -26.69 18.38 1.57
N PHE D 67 -27.62 18.77 2.43
CA PHE D 67 -27.29 19.59 3.59
C PHE D 67 -26.84 18.61 4.66
N CYS D 68 -25.82 18.98 5.42
CA CYS D 68 -25.34 18.11 6.48
C CYS D 68 -26.02 18.52 7.78
N ILE D 69 -26.71 17.58 8.41
CA ILE D 69 -27.43 17.88 9.63
C ILE D 69 -27.34 16.85 10.75
N GLN D 70 -27.80 17.28 11.93
CA GLN D 70 -27.85 16.47 13.13
C GLN D 70 -29.27 16.59 13.68
N VAL D 71 -29.92 15.44 13.86
CA VAL D 71 -31.28 15.41 14.33
C VAL D 71 -31.45 14.58 15.57
N THR D 72 -32.03 15.16 16.61
CA THR D 72 -32.30 14.41 17.81
C THR D 72 -33.82 14.29 17.70
N GLY D 73 -34.33 13.11 17.98
CA GLY D 73 -35.76 12.89 17.89
C GLY D 73 -36.08 11.56 18.50
N THR D 74 -37.20 10.97 18.11
CA THR D 74 -37.57 9.69 18.67
C THR D 74 -38.32 8.82 17.68
N VAL D 75 -37.89 7.56 17.60
CA VAL D 75 -38.47 6.58 16.69
C VAL D 75 -39.90 6.18 17.02
N ARG D 76 -40.79 6.37 16.06
CA ARG D 76 -42.18 5.98 16.25
C ARG D 76 -42.58 5.26 14.97
N ALA D 77 -43.60 4.41 15.09
CA ALA D 77 -44.13 3.64 13.97
C ALA D 77 -44.89 4.44 12.92
N ARG D 78 -44.82 3.97 11.68
CA ARG D 78 -45.54 4.59 10.59
C ARG D 78 -46.87 3.84 10.51
N ASP D 79 -47.97 4.58 10.39
CA ASP D 79 -49.27 3.95 10.31
C ASP D 79 -49.33 3.14 9.02
N GLU D 80 -49.94 1.97 9.08
CA GLU D 80 -50.08 1.11 7.89
C GLU D 80 -50.15 1.96 6.61
N LYS D 81 -51.09 2.90 6.59
CA LYS D 81 -51.30 3.81 5.47
C LYS D 81 -50.03 4.51 4.99
N ASN D 82 -49.07 4.71 5.89
CA ASN D 82 -47.85 5.40 5.51
C ASN D 82 -46.58 4.54 5.41
N ILE D 83 -46.68 3.25 5.71
CA ILE D 83 -45.51 2.40 5.59
C ILE D 83 -44.98 2.45 4.17
N ASN D 84 -43.66 2.44 4.03
CA ASN D 84 -43.04 2.45 2.72
C ASN D 84 -42.30 1.12 2.59
N ARG D 85 -43.00 0.12 2.06
CA ARG D 85 -42.42 -1.21 1.90
C ARG D 85 -41.14 -1.28 1.05
N ASP D 86 -40.75 -0.15 0.48
CA ASP D 86 -39.54 -0.09 -0.35
C ASP D 86 -38.34 0.56 0.34
N MET D 87 -38.36 0.59 1.67
CA MET D 87 -37.27 1.18 2.44
C MET D 87 -37.05 0.27 3.65
N ALA D 88 -35.79 0.09 4.03
CA ALA D 88 -35.46 -0.74 5.18
C ALA D 88 -36.06 -0.14 6.45
N THR D 89 -36.12 1.19 6.47
CA THR D 89 -36.67 1.92 7.59
C THR D 89 -38.09 2.37 7.20
N GLY D 90 -38.75 1.54 6.42
CA GLY D 90 -40.08 1.84 5.92
C GLY D 90 -41.22 1.91 6.90
N GLU D 91 -41.21 1.02 7.89
CA GLU D 91 -42.27 0.98 8.91
C GLU D 91 -42.02 2.00 10.03
N ILE D 92 -41.03 2.86 9.83
CA ILE D 92 -40.62 3.81 10.85
C ILE D 92 -40.25 5.20 10.38
N GLU D 93 -40.21 6.11 11.34
CA GLU D 93 -39.80 7.48 11.12
C GLU D 93 -39.41 8.00 12.49
N VAL D 94 -38.67 9.10 12.56
CA VAL D 94 -38.30 9.62 13.87
C VAL D 94 -38.95 10.98 13.96
N LEU D 95 -39.67 11.22 15.05
CA LEU D 95 -40.33 12.49 15.24
C LEU D 95 -39.20 13.39 15.72
N ALA D 96 -38.91 14.43 14.96
CA ALA D 96 -37.85 15.35 15.32
C ALA D 96 -38.18 16.22 16.54
N SER D 97 -37.18 16.43 17.38
CA SER D 97 -37.31 17.31 18.54
C SER D 97 -36.27 18.42 18.40
N SER D 98 -35.16 18.10 17.72
CA SER D 98 -34.08 19.06 17.48
C SER D 98 -33.52 18.91 16.07
N LEU D 99 -33.22 20.04 15.44
CA LEU D 99 -32.64 20.05 14.10
C LEU D 99 -31.48 21.02 14.12
N THR D 100 -30.35 20.59 13.59
CA THR D 100 -29.16 21.44 13.56
C THR D 100 -28.51 21.37 12.19
N ILE D 101 -28.41 22.51 11.52
CA ILE D 101 -27.78 22.58 10.21
C ILE D 101 -26.28 22.75 10.42
N ILE D 102 -25.54 21.65 10.27
CA ILE D 102 -24.09 21.67 10.45
C ILE D 102 -23.45 22.44 9.30
N ASN D 103 -23.88 22.13 8.09
CA ASN D 103 -23.36 22.85 6.92
C ASN D 103 -24.33 22.82 5.78
N ARG D 104 -24.51 23.97 5.15
CA ARG D 104 -25.41 24.08 4.02
C ARG D 104 -24.66 23.60 2.79
N ALA D 105 -25.41 23.17 1.77
CA ALA D 105 -24.77 22.72 0.55
C ALA D 105 -25.18 23.68 -0.54
N ASP D 106 -24.26 23.96 -1.46
CA ASP D 106 -24.53 24.83 -2.59
C ASP D 106 -25.32 24.09 -3.65
N VAL D 107 -25.52 24.76 -4.77
CA VAL D 107 -26.21 24.14 -5.90
C VAL D 107 -25.24 23.04 -6.35
N LEU D 108 -25.74 21.80 -6.37
CA LEU D 108 -24.92 20.67 -6.74
C LEU D 108 -24.43 20.63 -8.17
N PRO D 109 -23.14 20.31 -8.36
CA PRO D 109 -22.45 20.21 -9.64
C PRO D 109 -22.91 18.99 -10.43
N LEU D 110 -23.64 18.11 -9.76
CA LEU D 110 -24.16 16.93 -10.41
C LEU D 110 -25.64 16.89 -10.10
N ASP D 111 -26.40 16.08 -10.83
CA ASP D 111 -27.83 16.04 -10.57
C ASP D 111 -28.29 14.66 -10.18
N SER D 112 -28.71 14.55 -8.93
CA SER D 112 -29.21 13.32 -8.33
C SER D 112 -30.33 12.70 -9.18
N ASN D 113 -30.99 13.52 -10.00
CA ASN D 113 -32.10 13.03 -10.82
C ASN D 113 -31.76 12.43 -12.18
N HIS D 114 -30.65 12.85 -12.78
CA HIS D 114 -30.28 12.34 -14.09
C HIS D 114 -28.78 12.08 -14.32
N VAL D 115 -28.51 11.03 -15.09
CA VAL D 115 -27.15 10.60 -15.42
C VAL D 115 -26.25 11.76 -15.81
N ASN D 116 -25.16 11.92 -15.07
CA ASN D 116 -24.19 12.96 -15.34
C ASN D 116 -23.03 12.46 -16.21
N THR D 117 -22.31 13.39 -16.82
CA THR D 117 -21.17 13.07 -17.66
C THR D 117 -20.00 12.60 -16.79
N GLU D 118 -19.23 11.64 -17.28
CA GLU D 118 -18.10 11.16 -16.51
C GLU D 118 -17.15 12.29 -16.14
N GLU D 119 -17.07 13.32 -16.98
CA GLU D 119 -16.21 14.44 -16.68
C GLU D 119 -16.66 15.09 -15.38
N ALA D 120 -17.92 15.51 -15.34
CA ALA D 120 -18.49 16.16 -14.17
C ALA D 120 -18.41 15.32 -12.90
N ARG D 121 -18.69 14.04 -13.01
CA ARG D 121 -18.63 13.18 -11.85
C ARG D 121 -17.19 13.01 -11.35
N LEU D 122 -16.24 12.86 -12.28
CA LEU D 122 -14.85 12.71 -11.87
C LEU D 122 -14.39 14.01 -11.23
N LYS D 123 -14.70 15.11 -11.90
CA LYS D 123 -14.35 16.44 -11.41
C LYS D 123 -14.96 16.63 -10.00
N TYR D 124 -15.97 15.84 -9.66
CA TYR D 124 -16.62 15.89 -8.34
C TYR D 124 -16.83 14.49 -7.77
N ARG D 125 -15.76 13.70 -7.76
CA ARG D 125 -15.79 12.33 -7.25
C ARG D 125 -16.40 12.23 -5.87
N TYR D 126 -16.04 13.17 -5.00
CA TYR D 126 -16.50 13.17 -3.63
C TYR D 126 -18.01 13.35 -3.51
N LEU D 127 -18.64 13.89 -4.53
CA LEU D 127 -20.10 14.02 -4.52
C LEU D 127 -20.65 12.76 -5.15
N ASP D 128 -20.07 12.38 -6.28
CA ASP D 128 -20.49 11.17 -6.96
C ASP D 128 -20.43 9.98 -6.01
N LEU D 129 -19.43 9.97 -5.12
CA LEU D 129 -19.29 8.85 -4.19
C LEU D 129 -20.33 8.83 -3.08
N ARG D 130 -21.10 9.90 -2.94
CA ARG D 130 -22.15 9.92 -1.92
C ARG D 130 -23.29 8.99 -2.33
N ARG D 131 -23.30 8.58 -3.60
CA ARG D 131 -24.31 7.66 -4.13
C ARG D 131 -24.02 6.27 -3.63
N PRO D 132 -25.03 5.60 -3.07
CA PRO D 132 -24.88 4.23 -2.53
C PRO D 132 -24.35 3.20 -3.50
N GLU D 133 -24.81 3.24 -4.75
CA GLU D 133 -24.37 2.29 -5.77
C GLU D 133 -22.86 2.37 -5.88
N MET D 134 -22.34 3.60 -5.84
CA MET D 134 -20.91 3.82 -5.96
C MET D 134 -20.18 3.37 -4.70
N ALA D 135 -20.60 3.91 -3.57
CA ALA D 135 -20.00 3.60 -2.29
C ALA D 135 -19.99 2.12 -1.94
N GLN D 136 -21.01 1.38 -2.36
CA GLN D 136 -21.08 -0.04 -2.04
C GLN D 136 -19.90 -0.80 -2.61
N ARG D 137 -19.46 -0.40 -3.80
CA ARG D 137 -18.35 -1.06 -4.45
C ARG D 137 -17.08 -0.96 -3.61
N LEU D 138 -16.83 0.21 -3.02
CA LEU D 138 -15.66 0.37 -2.16
C LEU D 138 -15.85 -0.41 -0.84
N LYS D 139 -17.10 -0.54 -0.39
CA LYS D 139 -17.33 -1.28 0.84
C LYS D 139 -17.05 -2.75 0.60
N THR D 140 -17.40 -3.23 -0.59
CA THR D 140 -17.17 -4.63 -0.91
C THR D 140 -15.68 -4.84 -1.15
N ARG D 141 -15.04 -3.86 -1.76
CA ARG D 141 -13.61 -3.96 -2.00
C ARG D 141 -12.88 -4.19 -0.68
N ALA D 142 -13.40 -3.59 0.38
CA ALA D 142 -12.83 -3.72 1.71
C ALA D 142 -13.16 -5.11 2.26
N LYS D 143 -14.29 -5.66 1.85
CA LYS D 143 -14.72 -7.00 2.28
C LYS D 143 -13.72 -7.97 1.65
N ILE D 144 -13.29 -7.62 0.46
CA ILE D 144 -12.35 -8.43 -0.29
C ILE D 144 -10.97 -8.36 0.34
N THR D 145 -10.38 -7.18 0.45
CA THR D 145 -9.06 -7.10 1.03
C THR D 145 -9.01 -7.79 2.40
N SER D 146 -10.10 -7.70 3.15
CA SER D 146 -10.17 -8.35 4.45
C SER D 146 -10.11 -9.88 4.29
N LEU D 147 -10.91 -10.41 3.38
CA LEU D 147 -10.94 -11.86 3.13
C LEU D 147 -9.60 -12.37 2.60
N VAL D 148 -9.01 -11.60 1.70
CA VAL D 148 -7.72 -11.94 1.10
C VAL D 148 -6.62 -12.06 2.15
N ARG D 149 -6.48 -11.03 2.97
CA ARG D 149 -5.46 -11.04 4.00
C ARG D 149 -5.63 -12.17 5.01
N ARG D 150 -6.85 -12.38 5.48
CA ARG D 150 -7.08 -13.42 6.47
C ARG D 150 -6.82 -14.80 5.89
N PHE D 151 -7.05 -14.95 4.59
CA PHE D 151 -6.83 -16.22 3.92
C PHE D 151 -5.33 -16.46 3.83
N MET D 152 -4.62 -15.50 3.26
CA MET D 152 -3.18 -15.61 3.10
C MET D 152 -2.47 -15.84 4.44
N ASP D 153 -2.73 -14.97 5.42
CA ASP D 153 -2.08 -15.14 6.71
C ASP D 153 -2.34 -16.55 7.23
N ASP D 154 -3.54 -17.05 6.98
CA ASP D 154 -3.91 -18.39 7.41
C ASP D 154 -3.15 -19.50 6.67
N HIS D 155 -2.64 -19.20 5.47
CA HIS D 155 -1.88 -20.19 4.70
C HIS D 155 -0.37 -19.96 4.77
N GLY D 156 0.07 -19.34 5.87
CA GLY D 156 1.48 -19.08 6.08
C GLY D 156 2.20 -18.07 5.20
N PHE D 157 1.50 -17.09 4.64
CA PHE D 157 2.17 -16.07 3.83
C PHE D 157 2.43 -14.80 4.66
N LEU D 158 3.55 -14.13 4.41
CA LEU D 158 3.91 -12.91 5.14
C LEU D 158 3.67 -11.63 4.38
N ASP D 159 2.81 -10.78 4.93
CA ASP D 159 2.52 -9.49 4.33
C ASP D 159 3.80 -8.66 4.51
N ILE D 160 4.54 -8.45 3.44
CA ILE D 160 5.77 -7.65 3.53
C ILE D 160 5.75 -6.54 2.49
N GLU D 161 5.97 -5.31 2.95
CA GLU D 161 5.95 -4.16 2.06
C GLU D 161 7.27 -3.96 1.32
N THR D 162 7.16 -3.75 0.01
CA THR D 162 8.33 -3.52 -0.79
C THR D 162 8.30 -2.04 -1.14
N PRO D 163 9.40 -1.47 -1.63
CA PRO D 163 9.37 -0.05 -1.93
C PRO D 163 8.89 0.48 -3.27
N MET D 164 8.50 1.75 -3.26
CA MET D 164 8.02 2.43 -4.45
C MET D 164 9.09 3.38 -5.02
N LEU D 165 9.92 3.95 -4.16
CA LEU D 165 11.00 4.81 -4.63
C LEU D 165 12.21 3.88 -4.82
N THR D 166 12.12 3.04 -5.83
CA THR D 166 13.16 2.05 -6.11
C THR D 166 13.70 2.19 -7.50
N LYS D 167 13.99 1.04 -8.10
CA LYS D 167 14.49 1.00 -9.44
C LYS D 167 13.62 0.10 -10.29
N ALA D 168 13.54 0.46 -11.56
CA ALA D 168 12.72 -0.21 -12.55
C ALA D 168 12.79 -1.71 -12.58
N THR D 169 11.66 -2.27 -12.98
CA THR D 169 11.48 -3.70 -13.17
C THR D 169 10.62 -3.76 -14.43
N PRO D 170 11.02 -4.57 -15.43
CA PRO D 170 10.29 -4.71 -16.69
C PRO D 170 9.02 -5.51 -16.54
N GLU D 171 7.90 -4.88 -16.80
CA GLU D 171 6.65 -5.63 -16.71
C GLU D 171 5.86 -5.40 -18.00
N GLY D 172 6.46 -4.66 -18.93
CA GLY D 172 5.82 -4.40 -20.21
C GLY D 172 5.52 -2.95 -20.57
N ALA D 173 5.50 -2.06 -19.58
CA ALA D 173 5.19 -0.67 -19.86
C ALA D 173 6.38 0.24 -19.60
N ARG D 174 6.17 1.54 -19.79
CA ARG D 174 7.21 2.54 -19.55
C ARG D 174 7.16 2.87 -18.07
N ASP D 175 8.25 3.39 -17.53
CA ASP D 175 8.31 3.69 -16.11
C ASP D 175 8.03 5.14 -15.74
N TYR D 176 7.34 5.35 -14.64
CA TYR D 176 7.16 6.71 -14.18
C TYR D 176 8.46 6.96 -13.40
N LEU D 177 9.17 8.00 -13.75
CA LEU D 177 10.41 8.29 -13.05
C LEU D 177 10.21 9.36 -12.00
N VAL D 178 11.17 9.49 -11.09
CA VAL D 178 11.13 10.50 -10.04
C VAL D 178 12.51 11.09 -9.87
N PRO D 179 12.66 12.38 -10.18
CA PRO D 179 13.94 13.05 -10.04
C PRO D 179 14.46 13.00 -8.61
N SER D 180 15.75 12.81 -8.45
CA SER D 180 16.37 12.77 -7.13
C SER D 180 16.94 14.12 -6.77
N ARG D 181 16.67 14.56 -5.55
CA ARG D 181 17.16 15.84 -5.04
C ARG D 181 18.61 15.73 -4.59
N VAL D 182 18.93 14.58 -4.02
CA VAL D 182 20.25 14.32 -3.49
C VAL D 182 21.27 13.90 -4.56
N HIS D 183 20.80 13.22 -5.60
CA HIS D 183 21.69 12.75 -6.65
C HIS D 183 21.36 13.38 -8.00
N LYS D 184 21.97 14.53 -8.26
CA LYS D 184 21.78 15.26 -9.50
C LYS D 184 21.88 14.33 -10.70
N GLY D 185 20.95 14.51 -11.63
CA GLY D 185 20.93 13.69 -12.82
C GLY D 185 20.46 12.26 -12.66
N LYS D 186 20.21 11.82 -11.43
CA LYS D 186 19.75 10.45 -11.21
C LYS D 186 18.25 10.39 -10.92
N PHE D 187 17.65 9.23 -11.17
CA PHE D 187 16.21 9.04 -10.99
C PHE D 187 15.80 7.73 -10.30
N TYR D 188 14.64 7.77 -9.64
CA TYR D 188 14.05 6.61 -9.01
C TYR D 188 12.98 6.20 -10.01
N ALA D 189 12.49 4.97 -9.90
CA ALA D 189 11.45 4.50 -10.80
C ALA D 189 10.32 3.92 -9.97
N LEU D 190 9.09 4.32 -10.25
CA LEU D 190 7.95 3.78 -9.53
C LEU D 190 7.80 2.36 -10.07
N PRO D 191 7.56 1.40 -9.18
CA PRO D 191 7.41 -0.01 -9.53
C PRO D 191 6.30 -0.44 -10.48
N GLN D 192 6.67 -1.03 -11.61
CA GLN D 192 5.68 -1.54 -12.54
C GLN D 192 5.15 -2.78 -11.87
N SER D 193 5.83 -3.17 -10.79
CA SER D 193 5.50 -4.36 -10.03
C SER D 193 6.56 -4.52 -8.96
N PRO D 194 6.28 -5.28 -7.89
CA PRO D 194 7.27 -5.50 -6.82
C PRO D 194 8.08 -6.76 -7.16
N GLN D 195 7.94 -7.24 -8.40
CA GLN D 195 8.58 -8.46 -8.91
C GLN D 195 9.98 -8.83 -8.40
N LEU D 196 10.97 -8.04 -8.79
CA LEU D 196 12.33 -8.30 -8.37
C LEU D 196 12.45 -8.35 -6.86
N PHE D 197 11.70 -7.51 -6.16
CA PHE D 197 11.74 -7.50 -4.69
C PHE D 197 11.11 -8.72 -4.04
N LYS D 198 10.00 -9.22 -4.57
CA LYS D 198 9.44 -10.41 -3.95
C LYS D 198 10.36 -11.59 -4.24
N GLN D 199 11.05 -11.55 -5.36
CA GLN D 199 12.01 -12.60 -5.68
C GLN D 199 13.11 -12.54 -4.61
N LEU D 200 13.66 -11.35 -4.40
CA LEU D 200 14.70 -11.17 -3.39
C LEU D 200 14.22 -11.57 -1.99
N LEU D 201 12.92 -11.46 -1.74
CA LEU D 201 12.41 -11.86 -0.44
C LEU D 201 12.39 -13.38 -0.33
N MET D 202 12.39 -14.07 -1.46
CA MET D 202 12.42 -15.52 -1.42
C MET D 202 13.87 -15.91 -1.13
N MET D 203 14.79 -15.16 -1.72
CA MET D 203 16.21 -15.41 -1.52
C MET D 203 16.59 -15.00 -0.11
N SER D 204 15.73 -14.21 0.53
CA SER D 204 15.98 -13.76 1.89
C SER D 204 15.48 -14.81 2.86
N GLY D 205 14.76 -15.79 2.35
CA GLY D 205 14.29 -16.86 3.20
C GLY D 205 12.88 -16.81 3.74
N PHE D 206 12.13 -15.75 3.45
CA PHE D 206 10.72 -15.67 3.91
C PHE D 206 9.96 -16.62 2.98
N ASP D 207 9.72 -17.83 3.43
CA ASP D 207 9.10 -18.83 2.57
C ASP D 207 7.88 -18.44 1.73
N ARG D 208 6.96 -17.68 2.33
CA ARG D 208 5.74 -17.23 1.64
C ARG D 208 5.50 -15.77 1.89
N TYR D 209 5.39 -15.02 0.81
CA TYR D 209 5.17 -13.59 0.87
C TYR D 209 3.90 -13.21 0.12
N TYR D 210 3.46 -11.99 0.35
CA TYR D 210 2.31 -11.43 -0.35
C TYR D 210 2.13 -10.03 0.18
N GLN D 211 1.37 -9.24 -0.57
CA GLN D 211 1.05 -7.90 -0.16
C GLN D 211 0.12 -7.30 -1.17
N ILE D 212 -0.74 -6.42 -0.70
CA ILE D 212 -1.68 -5.75 -1.56
C ILE D 212 -0.96 -4.44 -1.82
N VAL D 213 -0.37 -4.32 -3.01
CA VAL D 213 0.41 -3.14 -3.40
C VAL D 213 -0.03 -2.41 -4.63
N LYS D 214 0.30 -1.14 -4.63
CA LYS D 214 0.00 -0.24 -5.71
C LYS D 214 1.17 -0.35 -6.73
N CYS D 215 0.85 -0.64 -7.99
CA CYS D 215 1.83 -0.77 -9.06
C CYS D 215 1.64 0.40 -10.01
N PHE D 216 2.69 0.76 -10.75
CA PHE D 216 2.63 1.89 -11.67
C PHE D 216 3.18 1.53 -13.05
N ARG D 217 2.36 1.75 -14.07
CA ARG D 217 2.72 1.44 -15.46
C ARG D 217 2.25 2.50 -16.44
N ASP D 218 3.19 3.16 -17.10
CA ASP D 218 2.83 4.16 -18.08
C ASP D 218 2.56 3.45 -19.41
N GLU D 219 1.30 3.09 -19.62
CA GLU D 219 0.87 2.40 -20.82
C GLU D 219 -0.52 2.92 -21.22
N ASP D 220 -1.04 2.43 -22.34
CA ASP D 220 -2.35 2.84 -22.81
C ASP D 220 -3.40 2.38 -21.81
N LEU D 221 -4.34 3.26 -21.50
CA LEU D 221 -5.39 2.93 -20.56
C LEU D 221 -6.65 2.43 -21.28
N ARG D 222 -7.51 1.75 -20.54
CA ARG D 222 -8.77 1.21 -21.05
C ARG D 222 -9.73 0.88 -19.91
N ALA D 223 -10.77 0.12 -20.20
CA ALA D 223 -11.77 -0.25 -19.20
C ALA D 223 -11.22 -1.03 -18.03
N ASP D 224 -10.18 -1.83 -18.26
CA ASP D 224 -9.59 -2.61 -17.17
C ASP D 224 -8.17 -2.13 -16.85
N ARG D 225 -7.88 -0.86 -17.13
CA ARG D 225 -6.55 -0.31 -16.86
C ARG D 225 -6.51 1.07 -16.26
N GLN D 226 -5.56 1.25 -15.36
CA GLN D 226 -5.32 2.52 -14.70
C GLN D 226 -3.80 2.63 -14.63
N PRO D 227 -3.24 3.85 -14.65
CA PRO D 227 -1.80 4.10 -14.59
C PRO D 227 -1.29 3.49 -13.27
N GLU D 228 -2.08 3.65 -12.21
CA GLU D 228 -1.72 3.05 -10.93
C GLU D 228 -2.89 2.17 -10.52
N PHE D 229 -2.58 0.93 -10.16
CA PHE D 229 -3.60 -0.03 -9.77
C PHE D 229 -3.09 -0.88 -8.61
N THR D 230 -3.88 -1.85 -8.18
CA THR D 230 -3.45 -2.63 -7.05
C THR D 230 -3.37 -4.11 -7.31
N GLN D 231 -2.26 -4.70 -6.87
CA GLN D 231 -2.09 -6.12 -7.04
C GLN D 231 -2.11 -6.82 -5.70
N ILE D 232 -2.52 -8.07 -5.73
CA ILE D 232 -2.49 -8.89 -4.55
C ILE D 232 -1.26 -9.67 -5.01
N ASP D 233 -0.10 -9.25 -4.50
CA ASP D 233 1.18 -9.86 -4.84
C ASP D 233 1.37 -11.09 -3.99
N VAL D 234 1.83 -12.16 -4.61
CA VAL D 234 2.06 -13.39 -3.87
C VAL D 234 3.27 -14.13 -4.46
N GLU D 235 4.14 -14.59 -3.58
CA GLU D 235 5.33 -15.30 -4.01
C GLU D 235 5.61 -16.50 -3.11
N THR D 236 6.13 -17.55 -3.74
CA THR D 236 6.43 -18.76 -3.01
C THR D 236 7.78 -19.33 -3.42
N SER D 237 8.20 -20.34 -2.67
CA SER D 237 9.44 -21.01 -2.95
C SER D 237 9.22 -22.48 -2.57
N PHE D 238 9.93 -23.37 -3.25
CA PHE D 238 9.83 -24.81 -2.97
C PHE D 238 8.43 -25.33 -3.33
N MET D 239 7.82 -24.68 -4.31
CA MET D 239 6.49 -25.04 -4.79
C MET D 239 6.41 -24.87 -6.29
N THR D 240 5.79 -25.84 -6.95
CA THR D 240 5.61 -25.87 -8.40
C THR D 240 4.45 -25.03 -8.92
N ALA D 241 4.46 -24.77 -10.22
CA ALA D 241 3.40 -23.98 -10.86
C ALA D 241 2.05 -24.49 -10.36
N PRO D 242 1.77 -25.79 -10.57
CA PRO D 242 0.51 -26.38 -10.13
C PRO D 242 0.22 -26.12 -8.65
N GLN D 243 1.27 -26.09 -7.84
CA GLN D 243 1.09 -25.84 -6.40
C GLN D 243 0.74 -24.39 -6.13
N VAL D 244 1.31 -23.48 -6.93
CA VAL D 244 0.98 -22.07 -6.76
C VAL D 244 -0.49 -21.90 -7.18
N ARG D 245 -0.81 -22.30 -8.40
CA ARG D 245 -2.17 -22.21 -8.91
C ARG D 245 -3.16 -22.74 -7.90
N GLU D 246 -2.84 -23.87 -7.28
CA GLU D 246 -3.75 -24.46 -6.32
C GLU D 246 -4.14 -23.51 -5.20
N VAL D 247 -3.16 -23.05 -4.42
CA VAL D 247 -3.46 -22.13 -3.32
C VAL D 247 -4.09 -20.86 -3.86
N MET D 248 -3.62 -20.41 -5.04
CA MET D 248 -4.17 -19.21 -5.64
C MET D 248 -5.62 -19.41 -6.09
N GLU D 249 -5.94 -20.61 -6.55
CA GLU D 249 -7.28 -20.93 -7.01
C GLU D 249 -8.23 -21.08 -5.82
N ALA D 250 -7.71 -21.56 -4.69
CA ALA D 250 -8.52 -21.72 -3.49
C ALA D 250 -8.86 -20.33 -2.95
N LEU D 251 -8.00 -19.37 -3.26
CA LEU D 251 -8.21 -18.00 -2.81
C LEU D 251 -9.39 -17.36 -3.52
N VAL D 252 -9.28 -17.18 -4.83
CA VAL D 252 -10.32 -16.54 -5.62
C VAL D 252 -11.66 -17.26 -5.47
N ARG D 253 -11.56 -18.56 -5.24
CA ARG D 253 -12.72 -19.42 -5.05
C ARG D 253 -13.35 -19.06 -3.72
N HIS D 254 -12.48 -18.95 -2.71
CA HIS D 254 -12.89 -18.59 -1.37
C HIS D 254 -13.57 -17.23 -1.47
N LEU D 255 -13.00 -16.33 -2.25
CA LEU D 255 -13.58 -15.01 -2.42
C LEU D 255 -15.00 -15.07 -2.99
N TRP D 256 -15.20 -15.83 -4.07
CA TRP D 256 -16.51 -15.94 -4.69
C TRP D 256 -17.58 -16.46 -3.74
N LEU D 257 -17.19 -17.43 -2.92
CA LEU D 257 -18.12 -18.03 -1.96
C LEU D 257 -18.54 -17.07 -0.84
N GLU D 258 -17.57 -16.35 -0.28
CA GLU D 258 -17.85 -15.41 0.81
C GLU D 258 -18.45 -14.09 0.37
N VAL D 259 -18.16 -13.68 -0.86
CA VAL D 259 -18.68 -12.42 -1.36
C VAL D 259 -19.97 -12.55 -2.18
N LYS D 260 -20.05 -13.55 -3.06
CA LYS D 260 -21.24 -13.72 -3.91
C LYS D 260 -22.04 -14.98 -3.61
N GLY D 261 -21.60 -15.74 -2.62
CA GLY D 261 -22.31 -16.95 -2.28
C GLY D 261 -22.12 -18.02 -3.33
N VAL D 262 -21.33 -17.71 -4.36
CA VAL D 262 -21.05 -18.62 -5.47
C VAL D 262 -19.97 -19.66 -5.18
N ASP D 263 -20.04 -20.78 -5.89
CA ASP D 263 -19.06 -21.86 -5.78
C ASP D 263 -18.57 -22.10 -7.21
N LEU D 264 -17.34 -21.70 -7.50
CA LEU D 264 -16.80 -21.84 -8.84
C LEU D 264 -16.33 -23.25 -9.23
N GLY D 265 -16.25 -24.15 -8.26
CA GLY D 265 -15.77 -25.49 -8.56
C GLY D 265 -14.35 -25.44 -9.09
N ASP D 266 -13.82 -26.59 -9.53
CA ASP D 266 -12.46 -26.68 -10.07
C ASP D 266 -12.33 -25.86 -11.35
N PHE D 267 -11.20 -25.19 -11.52
CA PHE D 267 -10.98 -24.37 -12.70
C PHE D 267 -10.39 -25.14 -13.87
N PRO D 268 -11.09 -25.16 -15.01
CA PRO D 268 -10.51 -25.89 -16.13
C PRO D 268 -9.13 -25.32 -16.46
N VAL D 269 -8.24 -26.15 -16.95
CA VAL D 269 -6.89 -25.72 -17.32
C VAL D 269 -6.73 -25.88 -18.82
N MET D 270 -6.21 -24.84 -19.46
CA MET D 270 -6.05 -24.81 -20.89
C MET D 270 -4.71 -24.16 -21.28
N THR D 271 -4.10 -24.64 -22.35
CA THR D 271 -2.82 -24.12 -22.78
C THR D 271 -3.02 -22.88 -23.65
N PHE D 272 -1.99 -22.05 -23.73
CA PHE D 272 -2.05 -20.84 -24.53
C PHE D 272 -2.52 -21.15 -25.95
N ALA D 273 -1.93 -22.18 -26.54
CA ALA D 273 -2.28 -22.57 -27.90
C ALA D 273 -3.75 -23.02 -27.98
N GLU D 274 -4.14 -23.94 -27.10
CA GLU D 274 -5.52 -24.44 -27.07
C GLU D 274 -6.46 -23.23 -27.12
N ALA D 275 -6.35 -22.35 -26.14
CA ALA D 275 -7.17 -21.14 -26.06
C ALA D 275 -7.09 -20.27 -27.31
N GLU D 276 -5.93 -20.24 -27.94
CA GLU D 276 -5.75 -19.41 -29.13
C GLU D 276 -6.48 -20.03 -30.33
N ARG D 277 -6.55 -21.36 -30.37
CA ARG D 277 -7.24 -22.06 -31.47
C ARG D 277 -8.74 -21.88 -31.34
N ARG D 278 -9.26 -22.38 -30.23
CA ARG D 278 -10.69 -22.33 -29.94
C ARG D 278 -11.29 -20.95 -29.77
N TYR D 279 -10.50 -19.99 -29.29
CA TYR D 279 -11.07 -18.69 -29.05
C TYR D 279 -10.39 -17.48 -29.68
N GLY D 280 -9.15 -17.65 -30.13
CA GLY D 280 -8.44 -16.51 -30.69
C GLY D 280 -8.14 -15.55 -29.55
N SER D 281 -8.02 -16.10 -28.34
CA SER D 281 -7.74 -15.30 -27.16
C SER D 281 -7.01 -16.04 -26.04
N ASP D 282 -6.08 -15.36 -25.38
CA ASP D 282 -5.34 -15.96 -24.28
C ASP D 282 -6.08 -15.74 -22.96
N LYS D 283 -7.31 -15.24 -23.08
CA LYS D 283 -8.20 -14.99 -21.94
C LYS D 283 -9.63 -15.13 -22.47
N PRO D 284 -9.99 -16.33 -22.96
CA PRO D 284 -11.31 -16.61 -23.50
C PRO D 284 -12.46 -16.40 -22.52
N ASP D 285 -13.57 -15.88 -23.01
CA ASP D 285 -14.73 -15.67 -22.15
C ASP D 285 -15.59 -16.91 -22.35
N LEU D 286 -15.42 -17.87 -21.47
CA LEU D 286 -16.13 -19.14 -21.56
C LEU D 286 -17.62 -19.16 -21.26
N ARG D 287 -18.23 -17.99 -21.16
CA ARG D 287 -19.67 -17.91 -20.92
C ARG D 287 -20.29 -18.00 -22.31
N ASN D 288 -19.56 -17.42 -23.27
CA ASN D 288 -19.91 -17.42 -24.69
C ASN D 288 -19.58 -18.86 -25.10
N PRO D 289 -20.57 -19.66 -25.52
CA PRO D 289 -20.33 -21.05 -25.92
C PRO D 289 -19.71 -21.28 -27.30
N MET D 290 -19.53 -20.21 -28.08
CA MET D 290 -18.96 -20.39 -29.42
C MET D 290 -17.45 -20.62 -29.47
N GLU D 291 -17.04 -21.43 -30.45
CA GLU D 291 -15.63 -21.75 -30.66
C GLU D 291 -15.22 -21.47 -32.10
N LEU D 292 -13.92 -21.40 -32.34
CA LEU D 292 -13.41 -21.19 -33.68
C LEU D 292 -12.95 -22.55 -34.17
N THR D 293 -13.40 -22.98 -35.34
CA THR D 293 -12.97 -24.27 -35.85
C THR D 293 -11.97 -24.13 -36.99
N ASP D 294 -10.85 -24.84 -36.87
CA ASP D 294 -9.83 -24.82 -37.90
C ASP D 294 -10.24 -25.75 -39.02
N VAL D 295 -10.17 -25.24 -40.24
CA VAL D 295 -10.56 -26.02 -41.41
C VAL D 295 -9.68 -25.75 -42.63
N ALA D 296 -8.43 -25.35 -42.39
CA ALA D 296 -7.49 -25.06 -43.48
C ALA D 296 -6.98 -26.36 -44.12
N ASP D 297 -6.98 -27.45 -43.35
CA ASP D 297 -6.55 -28.75 -43.87
C ASP D 297 -7.62 -29.34 -44.76
N LEU D 298 -8.78 -28.68 -44.79
CA LEU D 298 -9.90 -29.12 -45.62
C LEU D 298 -9.96 -28.26 -46.86
N LEU D 299 -9.12 -27.23 -46.89
CA LEU D 299 -9.10 -26.30 -48.02
C LEU D 299 -7.75 -26.20 -48.73
N LYS D 300 -6.88 -27.19 -48.60
CA LYS D 300 -5.57 -27.09 -49.26
C LYS D 300 -5.67 -27.28 -50.77
N SER D 301 -6.63 -28.10 -51.17
CA SER D 301 -6.88 -28.45 -52.56
C SER D 301 -7.79 -27.44 -53.28
N VAL D 302 -8.10 -26.34 -52.60
CA VAL D 302 -8.96 -25.33 -53.20
C VAL D 302 -8.16 -24.39 -54.09
N GLU D 303 -8.76 -24.02 -55.22
CA GLU D 303 -8.08 -23.15 -56.17
C GLU D 303 -8.36 -21.68 -55.90
N PHE D 304 -9.34 -21.42 -55.03
CA PHE D 304 -9.75 -20.07 -54.68
C PHE D 304 -8.83 -19.37 -53.67
N ALA D 305 -8.21 -18.30 -54.14
CA ALA D 305 -7.24 -17.49 -53.38
C ALA D 305 -7.40 -17.37 -51.86
N VAL D 306 -8.24 -16.44 -51.43
CA VAL D 306 -8.43 -16.17 -50.00
C VAL D 306 -8.32 -17.36 -49.05
N PHE D 307 -8.85 -18.53 -49.42
CA PHE D 307 -8.75 -19.69 -48.55
C PHE D 307 -7.42 -20.41 -48.81
N ALA D 308 -7.11 -20.53 -50.10
CA ALA D 308 -5.91 -21.19 -50.59
C ALA D 308 -4.63 -20.75 -49.88
N GLY D 309 -4.29 -19.47 -50.01
CA GLY D 309 -3.10 -18.93 -49.38
C GLY D 309 -3.03 -19.29 -47.90
N PRO D 310 -3.88 -18.66 -47.08
CA PRO D 310 -3.90 -18.92 -45.64
C PRO D 310 -3.94 -20.40 -45.32
N ALA D 311 -4.51 -21.19 -46.22
CA ALA D 311 -4.62 -22.63 -46.01
C ALA D 311 -3.28 -23.36 -46.02
N ASN D 312 -2.60 -23.35 -47.15
CA ASN D 312 -1.32 -24.05 -47.28
C ASN D 312 -0.15 -23.46 -46.49
N ASP D 313 -0.20 -22.16 -46.22
CA ASP D 313 0.86 -21.49 -45.46
C ASP D 313 0.83 -21.82 -43.97
N PRO D 314 1.92 -22.40 -43.45
CA PRO D 314 2.04 -22.77 -42.03
C PRO D 314 1.98 -21.56 -41.10
N LYS D 315 2.18 -20.38 -41.66
CA LYS D 315 2.16 -19.13 -40.93
C LYS D 315 0.73 -18.59 -40.77
N GLY D 316 -0.22 -19.18 -41.49
CA GLY D 316 -1.59 -18.73 -41.41
C GLY D 316 -2.59 -19.80 -41.04
N ARG D 317 -3.87 -19.44 -41.11
CA ARG D 317 -4.95 -20.37 -40.78
C ARG D 317 -6.27 -19.87 -41.34
N VAL D 318 -7.23 -20.77 -41.45
CA VAL D 318 -8.55 -20.42 -41.95
C VAL D 318 -9.50 -20.95 -40.90
N ALA D 319 -10.01 -20.05 -40.07
CA ALA D 319 -10.90 -20.43 -38.98
C ALA D 319 -12.37 -20.10 -39.23
N ALA D 320 -13.22 -21.05 -38.86
CA ALA D 320 -14.66 -20.93 -39.04
C ALA D 320 -15.38 -20.75 -37.71
N LEU D 321 -16.17 -19.68 -37.62
CA LEU D 321 -16.96 -19.38 -36.44
C LEU D 321 -18.38 -19.89 -36.70
N ARG D 322 -18.87 -20.74 -35.81
CA ARG D 322 -20.20 -21.30 -35.98
C ARG D 322 -21.19 -20.66 -35.02
N VAL D 323 -21.94 -19.68 -35.51
CA VAL D 323 -22.92 -18.96 -34.71
C VAL D 323 -24.38 -19.41 -34.83
N PRO D 324 -24.89 -20.11 -33.78
CA PRO D 324 -26.28 -20.58 -33.79
C PRO D 324 -27.26 -19.44 -34.11
N GLY D 325 -28.26 -19.74 -34.93
CA GLY D 325 -29.19 -18.71 -35.31
C GLY D 325 -28.64 -17.98 -36.52
N GLY D 326 -27.48 -17.35 -36.35
CA GLY D 326 -26.79 -16.61 -37.40
C GLY D 326 -27.39 -16.42 -38.80
N ALA D 327 -27.97 -17.47 -39.37
CA ALA D 327 -28.55 -17.35 -40.71
C ALA D 327 -29.57 -16.20 -40.79
N SER D 328 -30.13 -15.83 -39.65
CA SER D 328 -31.11 -14.75 -39.59
C SER D 328 -30.53 -13.38 -39.89
N LEU D 329 -29.22 -13.25 -39.78
CA LEU D 329 -28.56 -11.97 -40.01
C LEU D 329 -28.87 -11.32 -41.35
N THR D 330 -29.30 -10.07 -41.30
CA THR D 330 -29.62 -9.32 -42.51
C THR D 330 -28.33 -9.16 -43.30
N ARG D 331 -28.44 -8.91 -44.60
CA ARG D 331 -27.26 -8.72 -45.42
C ARG D 331 -26.43 -7.54 -44.92
N LYS D 332 -27.05 -6.70 -44.09
CA LYS D 332 -26.35 -5.56 -43.52
C LYS D 332 -25.64 -6.01 -42.25
N GLN D 333 -26.33 -6.84 -41.46
CA GLN D 333 -25.74 -7.36 -40.24
C GLN D 333 -24.47 -8.12 -40.64
N ILE D 334 -24.41 -8.56 -41.90
CA ILE D 334 -23.22 -9.24 -42.39
C ILE D 334 -22.22 -8.12 -42.67
N ASP D 335 -22.65 -7.14 -43.46
CA ASP D 335 -21.82 -5.99 -43.82
C ASP D 335 -21.12 -5.31 -42.66
N GLU D 336 -21.84 -5.04 -41.58
CA GLU D 336 -21.21 -4.39 -40.43
C GLU D 336 -20.10 -5.34 -39.97
N TYR D 337 -20.48 -6.58 -39.65
CA TYR D 337 -19.54 -7.59 -39.19
C TYR D 337 -18.35 -7.68 -40.13
N GLY D 338 -18.59 -7.41 -41.40
CA GLY D 338 -17.51 -7.46 -42.38
C GLY D 338 -16.58 -6.32 -42.08
N ASN D 339 -17.15 -5.20 -41.64
CA ASN D 339 -16.38 -4.01 -41.29
C ASN D 339 -15.73 -4.12 -39.92
N PHE D 340 -16.37 -4.87 -39.03
CA PHE D 340 -15.84 -5.07 -37.69
C PHE D 340 -14.47 -5.71 -37.80
N VAL D 341 -14.46 -6.97 -38.22
CA VAL D 341 -13.23 -7.73 -38.34
C VAL D 341 -12.15 -7.00 -39.15
N LYS D 342 -12.56 -6.02 -39.95
CA LYS D 342 -11.60 -5.26 -40.74
C LYS D 342 -10.68 -4.44 -39.84
N ILE D 343 -11.24 -3.89 -38.76
CA ILE D 343 -10.44 -3.07 -37.85
C ILE D 343 -9.40 -3.95 -37.17
N TYR D 344 -9.59 -5.27 -37.24
CA TYR D 344 -8.65 -6.20 -36.64
C TYR D 344 -7.69 -6.78 -37.67
N GLY D 345 -7.66 -6.18 -38.86
CA GLY D 345 -6.76 -6.63 -39.90
C GLY D 345 -7.24 -7.70 -40.87
N ALA D 346 -8.50 -8.09 -40.79
CA ALA D 346 -9.01 -9.12 -41.70
C ALA D 346 -9.35 -8.53 -43.06
N LYS D 347 -9.04 -9.29 -44.11
CA LYS D 347 -9.29 -8.89 -45.49
C LYS D 347 -10.78 -8.68 -45.69
N GLY D 348 -11.56 -9.64 -45.22
CA GLY D 348 -13.00 -9.56 -45.34
C GLY D 348 -13.59 -10.66 -44.48
N LEU D 349 -14.86 -10.97 -44.70
CA LEU D 349 -15.53 -12.00 -43.92
C LEU D 349 -16.53 -12.75 -44.80
N ALA D 350 -16.18 -13.98 -45.16
CA ALA D 350 -17.03 -14.82 -45.99
C ALA D 350 -17.96 -15.59 -45.07
N TYR D 351 -19.14 -15.95 -45.57
CA TYR D 351 -20.08 -16.68 -44.73
C TYR D 351 -20.83 -17.79 -45.46
N ILE D 352 -21.54 -18.60 -44.68
CA ILE D 352 -22.36 -19.70 -45.15
C ILE D 352 -23.61 -19.82 -44.27
N LYS D 353 -24.77 -19.47 -44.81
CA LYS D 353 -26.00 -19.59 -44.04
C LYS D 353 -26.45 -21.03 -44.14
N VAL D 354 -26.47 -21.73 -43.01
CA VAL D 354 -26.89 -23.13 -42.96
C VAL D 354 -28.41 -23.20 -42.77
N ASN D 355 -29.16 -23.01 -43.86
CA ASN D 355 -30.61 -23.05 -43.81
C ASN D 355 -31.12 -24.40 -43.35
N GLU D 356 -30.78 -25.44 -44.12
CA GLU D 356 -31.19 -26.80 -43.76
C GLU D 356 -30.21 -27.85 -44.29
N ARG D 357 -29.63 -28.60 -43.37
CA ARG D 357 -28.66 -29.65 -43.68
C ARG D 357 -29.13 -30.62 -44.75
N ALA D 358 -30.17 -31.37 -44.43
CA ALA D 358 -30.72 -32.36 -45.34
C ALA D 358 -30.82 -31.88 -46.79
N LYS D 359 -30.98 -30.58 -46.96
CA LYS D 359 -31.12 -30.00 -48.30
C LYS D 359 -29.78 -29.67 -48.98
N GLY D 360 -28.68 -30.07 -48.36
CA GLY D 360 -27.35 -29.83 -48.91
C GLY D 360 -27.15 -28.52 -49.66
N LEU D 361 -26.55 -28.61 -50.84
CA LEU D 361 -26.29 -27.44 -51.66
C LEU D 361 -27.51 -26.54 -51.84
N GLU D 362 -28.70 -27.11 -51.72
CA GLU D 362 -29.93 -26.34 -51.87
C GLU D 362 -30.31 -25.76 -50.51
N GLY D 363 -29.81 -26.41 -49.47
CA GLY D 363 -30.09 -26.00 -48.10
C GLY D 363 -29.13 -25.02 -47.44
N ILE D 364 -28.14 -24.52 -48.18
CA ILE D 364 -27.22 -23.55 -47.62
C ILE D 364 -27.18 -22.37 -48.59
N ASN D 365 -26.85 -21.19 -48.09
CA ASN D 365 -26.80 -20.00 -48.91
C ASN D 365 -25.44 -19.36 -48.68
N SER D 366 -24.56 -19.35 -49.67
CA SER D 366 -23.23 -18.79 -49.47
C SER D 366 -22.50 -18.39 -50.73
N PRO D 367 -21.95 -17.16 -50.75
CA PRO D 367 -21.20 -16.66 -51.90
C PRO D 367 -19.99 -17.55 -52.21
N VAL D 368 -19.18 -17.85 -51.21
CA VAL D 368 -18.01 -18.69 -51.42
C VAL D 368 -18.34 -20.15 -51.70
N ALA D 369 -19.58 -20.55 -51.41
CA ALA D 369 -20.01 -21.94 -51.63
C ALA D 369 -19.51 -22.54 -52.95
N LYS D 370 -19.63 -21.78 -54.03
CA LYS D 370 -19.17 -22.21 -55.34
C LYS D 370 -17.67 -22.53 -55.31
N PHE D 371 -16.88 -21.58 -54.82
CA PHE D 371 -15.43 -21.70 -54.74
C PHE D 371 -14.96 -22.99 -54.08
N LEU D 372 -15.88 -23.74 -53.48
CA LEU D 372 -15.53 -25.02 -52.86
C LEU D 372 -16.25 -26.12 -53.62
N ASN D 373 -16.63 -27.17 -52.91
CA ASN D 373 -17.35 -28.24 -53.57
C ASN D 373 -18.18 -29.03 -52.57
N ALA D 374 -18.91 -30.02 -53.08
CA ALA D 374 -19.76 -30.86 -52.25
C ALA D 374 -18.97 -31.41 -51.07
N GLU D 375 -18.02 -32.29 -51.37
CA GLU D 375 -17.19 -32.91 -50.35
C GLU D 375 -16.69 -31.94 -49.27
N ILE D 376 -16.17 -30.79 -49.70
CA ILE D 376 -15.67 -29.79 -48.76
C ILE D 376 -16.77 -29.19 -47.87
N ILE D 377 -17.72 -28.48 -48.47
CA ILE D 377 -18.83 -27.86 -47.73
C ILE D 377 -19.43 -28.83 -46.73
N GLU D 378 -19.50 -30.11 -47.11
CA GLU D 378 -20.03 -31.14 -46.23
C GLU D 378 -19.13 -31.26 -44.99
N ASP D 379 -17.83 -31.33 -45.22
CA ASP D 379 -16.85 -31.48 -44.13
C ASP D 379 -16.79 -30.31 -43.17
N ILE D 380 -16.88 -29.11 -43.72
CA ILE D 380 -16.86 -27.89 -42.94
C ILE D 380 -18.05 -27.87 -41.96
N LEU D 381 -19.21 -28.31 -42.42
CA LEU D 381 -20.42 -28.33 -41.58
C LEU D 381 -20.35 -29.46 -40.56
N ASP D 382 -19.93 -30.64 -40.99
CA ASP D 382 -19.79 -31.79 -40.09
C ASP D 382 -18.85 -31.38 -38.96
N ARG D 383 -17.72 -30.78 -39.36
CA ARG D 383 -16.71 -30.35 -38.40
C ARG D 383 -17.25 -29.36 -37.38
N THR D 384 -17.74 -28.23 -37.87
CA THR D 384 -18.28 -27.17 -37.03
C THR D 384 -19.56 -27.55 -36.27
N ALA D 385 -20.15 -28.69 -36.63
CA ALA D 385 -21.38 -29.16 -36.00
C ALA D 385 -22.50 -28.18 -36.26
N ALA D 386 -22.51 -27.63 -37.47
CA ALA D 386 -23.53 -26.69 -37.87
C ALA D 386 -24.92 -27.31 -37.71
N GLN D 387 -25.88 -26.49 -37.29
CA GLN D 387 -27.26 -26.91 -37.12
C GLN D 387 -28.07 -25.98 -38.00
N ASP D 388 -29.27 -26.41 -38.37
CA ASP D 388 -30.09 -25.58 -39.23
C ASP D 388 -30.37 -24.25 -38.56
N GLY D 389 -30.26 -23.18 -39.35
CA GLY D 389 -30.46 -21.85 -38.84
C GLY D 389 -29.12 -21.18 -38.63
N ASP D 390 -28.11 -21.96 -38.25
CA ASP D 390 -26.78 -21.43 -37.99
C ASP D 390 -26.13 -20.76 -39.19
N MET D 391 -25.18 -19.90 -38.88
CA MET D 391 -24.38 -19.19 -39.87
C MET D 391 -22.94 -19.62 -39.57
N ILE D 392 -22.10 -19.66 -40.59
CA ILE D 392 -20.71 -20.04 -40.40
C ILE D 392 -19.88 -18.91 -40.96
N PHE D 393 -19.16 -18.19 -40.10
CA PHE D 393 -18.30 -17.14 -40.61
C PHE D 393 -16.91 -17.69 -40.81
N PHE D 394 -16.19 -17.10 -41.75
CA PHE D 394 -14.84 -17.55 -42.05
C PHE D 394 -13.80 -16.47 -41.94
N GLY D 395 -12.74 -16.78 -41.21
CA GLY D 395 -11.63 -15.88 -41.06
C GLY D 395 -10.42 -16.61 -41.60
N ALA D 396 -9.76 -16.02 -42.59
CA ALA D 396 -8.58 -16.65 -43.19
C ALA D 396 -7.54 -15.59 -43.55
N ASP D 397 -6.45 -15.57 -42.79
CA ASP D 397 -5.36 -14.63 -42.98
C ASP D 397 -4.22 -15.26 -42.17
N ASN D 398 -3.33 -14.46 -41.59
CA ASN D 398 -2.26 -15.07 -40.80
C ASN D 398 -2.79 -15.34 -39.42
N LYS D 399 -2.26 -16.39 -38.80
CA LYS D 399 -2.68 -16.80 -37.47
C LYS D 399 -3.06 -15.66 -36.54
N LYS D 400 -2.33 -14.57 -36.60
CA LYS D 400 -2.61 -13.42 -35.74
C LYS D 400 -3.95 -12.77 -36.09
N ILE D 401 -4.01 -12.15 -37.26
CA ILE D 401 -5.20 -11.49 -37.73
C ILE D 401 -6.44 -12.35 -37.57
N VAL D 402 -6.31 -13.65 -37.83
CA VAL D 402 -7.46 -14.53 -37.67
C VAL D 402 -7.86 -14.56 -36.20
N ALA D 403 -6.91 -14.79 -35.31
CA ALA D 403 -7.20 -14.83 -33.89
C ALA D 403 -7.75 -13.51 -33.37
N ASP D 404 -7.20 -12.40 -33.85
CA ASP D 404 -7.68 -11.11 -33.41
C ASP D 404 -9.07 -10.80 -33.96
N ALA D 405 -9.14 -10.66 -35.28
CA ALA D 405 -10.41 -10.35 -35.95
C ALA D 405 -11.51 -11.37 -35.67
N MET D 406 -11.16 -12.65 -35.64
CA MET D 406 -12.15 -13.68 -35.41
C MET D 406 -12.52 -13.77 -33.94
N GLY D 407 -11.49 -13.79 -33.09
CA GLY D 407 -11.72 -13.87 -31.67
C GLY D 407 -12.61 -12.75 -31.20
N ALA D 408 -12.44 -11.57 -31.79
CA ALA D 408 -13.24 -10.40 -31.44
C ALA D 408 -14.69 -10.64 -31.88
N LEU D 409 -14.86 -10.96 -33.15
CA LEU D 409 -16.18 -11.24 -33.71
C LEU D 409 -16.92 -12.22 -32.80
N ARG D 410 -16.25 -13.30 -32.44
CA ARG D 410 -16.85 -14.30 -31.57
C ARG D 410 -17.55 -13.67 -30.38
N LEU D 411 -16.79 -12.90 -29.60
CA LEU D 411 -17.34 -12.23 -28.43
C LEU D 411 -18.51 -11.36 -28.82
N LYS D 412 -18.30 -10.54 -29.85
CA LYS D 412 -19.36 -9.65 -30.30
C LYS D 412 -20.65 -10.38 -30.64
N VAL D 413 -20.62 -11.25 -31.65
CA VAL D 413 -21.82 -11.98 -31.99
C VAL D 413 -22.48 -12.50 -30.72
N GLY D 414 -21.70 -13.22 -29.90
CA GLY D 414 -22.21 -13.76 -28.65
C GLY D 414 -23.11 -12.82 -27.86
N LYS D 415 -22.82 -11.53 -27.93
CA LYS D 415 -23.61 -10.55 -27.22
C LYS D 415 -24.77 -10.08 -28.08
N ASP D 416 -24.47 -9.61 -29.29
CA ASP D 416 -25.48 -9.13 -30.22
C ASP D 416 -26.67 -10.09 -30.31
N LEU D 417 -26.44 -11.37 -30.06
CA LEU D 417 -27.48 -12.39 -30.13
C LEU D 417 -27.77 -13.08 -28.80
N GLY D 418 -27.31 -12.50 -27.71
CA GLY D 418 -27.57 -13.11 -26.41
C GLY D 418 -27.22 -14.58 -26.31
N LEU D 419 -26.13 -14.96 -26.94
CA LEU D 419 -25.71 -16.36 -26.83
C LEU D 419 -24.83 -16.46 -25.59
N THR D 420 -24.15 -15.36 -25.27
CA THR D 420 -23.27 -15.32 -24.10
C THR D 420 -24.08 -15.33 -22.81
N ASP D 421 -23.84 -16.36 -22.00
CA ASP D 421 -24.53 -16.52 -20.73
C ASP D 421 -23.94 -15.56 -19.69
N GLU D 422 -24.31 -14.28 -19.78
CA GLU D 422 -23.84 -13.24 -18.88
C GLU D 422 -24.15 -13.48 -17.40
N SER D 423 -24.84 -14.58 -17.08
CA SER D 423 -25.16 -14.82 -15.69
C SER D 423 -24.07 -15.58 -14.95
N LYS D 424 -23.56 -16.65 -15.57
CA LYS D 424 -22.56 -17.46 -14.89
C LYS D 424 -21.13 -16.91 -14.82
N TRP D 425 -20.27 -17.68 -14.16
CA TRP D 425 -18.88 -17.32 -14.00
C TRP D 425 -18.03 -18.38 -14.68
N ALA D 426 -17.18 -17.94 -15.60
CA ALA D 426 -16.35 -18.87 -16.33
C ALA D 426 -14.86 -18.71 -16.03
N PRO D 427 -14.41 -19.19 -14.86
CA PRO D 427 -13.00 -19.10 -14.46
C PRO D 427 -12.19 -20.22 -15.15
N LEU D 428 -10.89 -20.00 -15.31
CA LEU D 428 -10.03 -21.01 -15.91
C LEU D 428 -8.57 -20.59 -15.83
N TRP D 429 -7.67 -21.53 -16.10
CA TRP D 429 -6.24 -21.25 -16.12
C TRP D 429 -5.71 -21.42 -17.55
N VAL D 430 -4.98 -20.43 -18.04
CA VAL D 430 -4.38 -20.51 -19.36
C VAL D 430 -2.90 -20.64 -19.10
N ILE D 431 -2.37 -21.84 -19.28
CA ILE D 431 -0.95 -22.09 -19.02
C ILE D 431 -0.09 -22.22 -20.27
N ASP D 432 1.18 -22.54 -20.04
CA ASP D 432 2.13 -22.70 -21.13
C ASP D 432 2.07 -21.56 -22.12
N PHE D 433 2.35 -20.35 -21.66
CA PHE D 433 2.37 -19.20 -22.55
C PHE D 433 3.69 -19.24 -23.27
N PRO D 434 3.77 -18.61 -24.45
CA PRO D 434 5.06 -18.65 -25.11
C PRO D 434 6.02 -17.91 -24.19
N MET D 435 7.31 -18.21 -24.31
CA MET D 435 8.35 -17.59 -23.49
C MET D 435 8.59 -16.16 -23.98
N PHE D 436 8.56 -15.96 -25.30
CA PHE D 436 8.78 -14.64 -25.88
C PHE D 436 7.76 -14.32 -26.97
N GLU D 437 7.88 -13.13 -27.52
CA GLU D 437 7.01 -12.67 -28.61
C GLU D 437 7.82 -11.78 -29.53
N ASP D 438 7.59 -11.91 -30.83
CA ASP D 438 8.30 -11.14 -31.85
C ASP D 438 8.35 -9.66 -31.45
N ASP D 439 9.52 -9.04 -31.57
CA ASP D 439 9.65 -7.64 -31.23
C ASP D 439 9.37 -6.77 -32.45
N GLY D 440 9.56 -7.37 -33.63
CA GLY D 440 9.34 -6.65 -34.87
C GLY D 440 10.63 -6.67 -35.68
N GLU D 441 11.60 -5.85 -35.27
CA GLU D 441 12.88 -5.78 -35.97
C GLU D 441 13.87 -6.85 -35.51
N GLY D 442 13.65 -8.08 -35.98
CA GLY D 442 14.54 -9.19 -35.66
C GLY D 442 14.42 -9.82 -34.29
N GLY D 443 14.71 -9.05 -33.25
CA GLY D 443 14.66 -9.56 -31.88
C GLY D 443 13.37 -10.16 -31.34
N LEU D 444 13.43 -10.46 -30.04
CA LEU D 444 12.31 -11.04 -29.32
C LEU D 444 12.17 -10.26 -28.01
N THR D 445 11.01 -10.39 -27.36
CA THR D 445 10.78 -9.70 -26.10
C THR D 445 9.97 -10.62 -25.21
N ALA D 446 10.10 -10.46 -23.90
CA ALA D 446 9.37 -11.32 -22.96
C ALA D 446 7.87 -11.15 -23.02
N MET D 447 7.16 -12.26 -22.92
CA MET D 447 5.71 -12.27 -22.91
C MET D 447 5.28 -11.64 -21.58
N HIS D 448 5.70 -12.29 -20.50
CA HIS D 448 5.40 -11.85 -19.14
C HIS D 448 6.56 -10.95 -18.69
N HIS D 449 7.57 -11.56 -18.07
CA HIS D 449 8.75 -10.81 -17.63
C HIS D 449 10.01 -11.69 -17.72
N PRO D 450 11.15 -11.06 -18.05
CA PRO D 450 12.50 -11.64 -18.22
C PRO D 450 12.92 -12.71 -17.22
N PHE D 451 12.23 -12.76 -16.09
CA PHE D 451 12.59 -13.69 -15.03
C PHE D 451 11.75 -14.95 -15.01
N THR D 452 11.04 -15.17 -16.11
CA THR D 452 10.19 -16.34 -16.28
C THR D 452 11.03 -17.45 -16.89
N SER D 453 10.91 -18.67 -16.36
CA SER D 453 11.70 -19.77 -16.87
C SER D 453 10.98 -20.59 -17.94
N PRO D 454 11.75 -21.22 -18.82
CA PRO D 454 11.14 -22.05 -19.87
C PRO D 454 10.55 -23.31 -19.22
N LYS D 455 9.55 -23.91 -19.85
CA LYS D 455 8.89 -25.10 -19.33
C LYS D 455 9.89 -26.27 -19.21
N ASP D 456 10.57 -26.55 -20.31
CA ASP D 456 11.57 -27.61 -20.31
C ASP D 456 12.66 -27.33 -21.33
N MET D 457 13.51 -26.35 -21.03
CA MET D 457 14.56 -26.00 -21.96
C MET D 457 15.81 -25.43 -21.34
N THR D 458 16.90 -26.19 -21.42
CA THR D 458 18.19 -25.76 -20.91
C THR D 458 18.50 -24.45 -21.61
N ALA D 459 19.37 -23.65 -21.02
CA ALA D 459 19.74 -22.38 -21.63
C ALA D 459 20.20 -22.67 -23.07
N ALA D 460 20.76 -23.86 -23.26
CA ALA D 460 21.22 -24.27 -24.58
C ALA D 460 20.02 -24.34 -25.52
N GLU D 461 19.09 -25.22 -25.19
CA GLU D 461 17.89 -25.40 -25.97
C GLU D 461 17.18 -24.07 -26.18
N LEU D 462 17.17 -23.24 -25.15
CA LEU D 462 16.50 -21.95 -25.22
C LEU D 462 17.08 -21.05 -26.30
N LYS D 463 18.40 -20.92 -26.37
CA LYS D 463 19.00 -20.09 -27.41
C LYS D 463 19.04 -20.82 -28.74
N ALA D 464 18.80 -22.13 -28.69
CA ALA D 464 18.77 -22.97 -29.88
C ALA D 464 17.51 -22.73 -30.71
N ALA D 465 16.39 -22.51 -30.03
CA ALA D 465 15.12 -22.23 -30.68
C ALA D 465 14.21 -21.48 -29.71
N PRO D 466 14.54 -20.21 -29.43
CA PRO D 466 13.77 -19.36 -28.52
C PRO D 466 12.34 -19.01 -28.96
N GLU D 467 12.20 -18.51 -30.19
CA GLU D 467 10.90 -18.07 -30.71
C GLU D 467 9.68 -18.88 -30.29
N ASN D 468 9.78 -20.21 -30.27
CA ASN D 468 8.64 -21.02 -29.86
C ASN D 468 8.89 -21.76 -28.57
N ALA D 469 9.67 -21.14 -27.68
CA ALA D 469 9.98 -21.73 -26.40
C ALA D 469 8.76 -21.56 -25.51
N VAL D 470 8.39 -22.61 -24.80
CA VAL D 470 7.24 -22.53 -23.92
C VAL D 470 7.69 -22.08 -22.52
N ALA D 471 6.98 -21.10 -21.97
CA ALA D 471 7.32 -20.60 -20.63
C ALA D 471 6.48 -21.32 -19.57
N ASN D 472 7.04 -21.49 -18.39
CA ASN D 472 6.31 -22.12 -17.31
C ASN D 472 5.54 -21.00 -16.59
N ALA D 473 4.77 -20.26 -17.40
CA ALA D 473 3.95 -19.15 -16.91
C ALA D 473 2.45 -19.51 -16.97
N TYR D 474 1.62 -18.66 -16.37
CA TYR D 474 0.18 -18.91 -16.32
C TYR D 474 -0.63 -17.69 -15.89
N ASP D 475 -1.85 -17.60 -16.42
CA ASP D 475 -2.75 -16.51 -16.08
C ASP D 475 -4.06 -17.08 -15.58
N MET D 476 -4.72 -16.39 -14.67
CA MET D 476 -6.03 -16.85 -14.21
C MET D 476 -7.00 -15.95 -14.94
N VAL D 477 -7.99 -16.56 -15.59
CA VAL D 477 -8.97 -15.81 -16.35
C VAL D 477 -10.38 -16.08 -15.87
N ILE D 478 -11.17 -15.03 -15.77
CA ILE D 478 -12.57 -15.13 -15.35
C ILE D 478 -13.42 -14.23 -16.22
N ASN D 479 -14.38 -14.86 -16.93
CA ASN D 479 -15.30 -14.14 -17.81
C ASN D 479 -14.64 -13.22 -18.83
N GLY D 480 -13.54 -13.67 -19.43
CA GLY D 480 -12.86 -12.84 -20.41
C GLY D 480 -11.91 -11.78 -19.84
N TYR D 481 -11.71 -11.82 -18.53
CA TYR D 481 -10.79 -10.90 -17.88
C TYR D 481 -9.54 -11.61 -17.41
N GLU D 482 -8.39 -11.01 -17.66
CA GLU D 482 -7.15 -11.61 -17.17
C GLU D 482 -7.05 -10.99 -15.77
N VAL D 483 -7.35 -11.78 -14.76
CA VAL D 483 -7.36 -11.28 -13.40
C VAL D 483 -6.10 -11.60 -12.61
N GLY D 484 -5.26 -12.45 -13.17
CA GLY D 484 -4.03 -12.80 -12.48
C GLY D 484 -2.95 -13.34 -13.38
N GLY D 485 -1.72 -12.91 -13.13
CA GLY D 485 -0.58 -13.37 -13.91
C GLY D 485 0.47 -13.98 -13.00
N GLY D 486 1.20 -14.97 -13.50
CA GLY D 486 2.22 -15.60 -12.68
C GLY D 486 3.17 -16.46 -13.47
N SER D 487 4.16 -17.04 -12.80
CA SER D 487 5.15 -17.91 -13.43
C SER D 487 6.17 -18.41 -12.43
N VAL D 488 6.85 -19.50 -12.81
CA VAL D 488 7.91 -20.05 -11.99
C VAL D 488 9.13 -19.24 -12.41
N ARG D 489 9.85 -18.70 -11.44
CA ARG D 489 11.01 -17.85 -11.73
C ARG D 489 12.26 -18.61 -12.09
N ILE D 490 13.19 -17.90 -12.70
CA ILE D 490 14.49 -18.43 -13.05
C ILE D 490 15.33 -18.25 -11.77
N HIS D 491 16.05 -19.29 -11.38
CA HIS D 491 16.87 -19.21 -10.17
C HIS D 491 18.28 -19.69 -10.48
N ASN D 492 18.80 -19.25 -11.61
CA ASN D 492 20.12 -19.65 -12.07
C ASN D 492 20.75 -18.61 -13.01
N GLY D 493 21.89 -18.06 -12.56
CA GLY D 493 22.61 -17.05 -13.31
C GLY D 493 22.80 -17.20 -14.81
N ASP D 494 23.19 -18.38 -15.29
CA ASP D 494 23.37 -18.58 -16.73
C ASP D 494 22.07 -18.39 -17.48
N MET D 495 21.03 -19.12 -17.06
CA MET D 495 19.74 -19.02 -17.69
C MET D 495 19.31 -17.55 -17.77
N GLN D 496 19.32 -16.86 -16.63
CA GLN D 496 18.93 -15.46 -16.60
C GLN D 496 19.74 -14.67 -17.63
N GLN D 497 21.05 -14.89 -17.65
CA GLN D 497 21.96 -14.23 -18.60
C GLN D 497 21.57 -14.57 -20.05
N THR D 498 21.21 -15.84 -20.26
CA THR D 498 20.83 -16.33 -21.57
C THR D 498 19.57 -15.60 -22.01
N VAL D 499 18.58 -15.55 -21.13
CA VAL D 499 17.32 -14.88 -21.40
C VAL D 499 17.56 -13.40 -21.72
N PHE D 500 18.39 -12.73 -20.92
CA PHE D 500 18.72 -11.32 -21.14
C PHE D 500 19.35 -11.21 -22.52
N GLY D 501 20.17 -12.21 -22.85
CA GLY D 501 20.83 -12.22 -24.14
C GLY D 501 19.78 -12.28 -25.24
N ILE D 502 18.93 -13.31 -25.20
CA ILE D 502 17.88 -13.46 -26.20
C ILE D 502 17.03 -12.20 -26.33
N LEU D 503 16.79 -11.51 -25.22
CA LEU D 503 16.03 -10.26 -25.25
C LEU D 503 16.83 -9.18 -25.94
N GLY D 504 18.15 -9.35 -25.94
CA GLY D 504 19.00 -8.37 -26.60
C GLY D 504 19.60 -7.40 -25.60
N ILE D 505 19.83 -7.85 -24.38
CA ILE D 505 20.41 -6.98 -23.38
C ILE D 505 21.86 -7.36 -23.22
N ASN D 506 22.77 -6.49 -23.66
CA ASN D 506 24.20 -6.76 -23.55
C ASN D 506 24.57 -6.79 -22.08
N GLU D 507 25.82 -7.11 -21.78
CA GLU D 507 26.23 -7.17 -20.39
C GLU D 507 26.21 -5.82 -19.67
N GLU D 508 26.56 -4.76 -20.39
CA GLU D 508 26.57 -3.43 -19.77
C GLU D 508 25.18 -3.14 -19.22
N GLU D 509 24.16 -3.28 -20.07
CA GLU D 509 22.78 -3.05 -19.67
C GLU D 509 22.34 -4.11 -18.67
N GLN D 510 22.78 -5.35 -18.86
CA GLN D 510 22.43 -6.40 -17.93
C GLN D 510 22.88 -6.00 -16.52
N ARG D 511 23.97 -5.24 -16.43
CA ARG D 511 24.46 -4.82 -15.14
C ARG D 511 23.72 -3.59 -14.65
N GLU D 512 23.68 -2.54 -15.47
CA GLU D 512 23.00 -1.31 -15.13
C GLU D 512 21.57 -1.52 -14.62
N LYS D 513 20.81 -2.36 -15.32
CA LYS D 513 19.44 -2.64 -14.94
C LYS D 513 19.24 -3.67 -13.85
N PHE D 514 19.80 -4.86 -14.04
CA PHE D 514 19.61 -5.94 -13.09
C PHE D 514 20.86 -6.47 -12.40
N GLY D 515 21.92 -5.70 -12.41
CA GLY D 515 23.14 -6.16 -11.76
C GLY D 515 22.91 -6.84 -10.42
N PHE D 516 22.01 -6.26 -9.62
CA PHE D 516 21.72 -6.77 -8.30
C PHE D 516 21.06 -8.14 -8.35
N LEU D 517 20.22 -8.37 -9.35
CA LEU D 517 19.54 -9.66 -9.49
C LEU D 517 20.56 -10.73 -9.86
N LEU D 518 21.33 -10.48 -10.92
CA LEU D 518 22.34 -11.44 -11.33
C LEU D 518 23.29 -11.79 -10.17
N ASP D 519 23.64 -10.82 -9.34
CA ASP D 519 24.52 -11.13 -8.20
C ASP D 519 23.76 -11.95 -7.16
N ALA D 520 22.56 -11.49 -6.81
CA ALA D 520 21.73 -12.18 -5.83
C ALA D 520 21.54 -13.65 -6.20
N LEU D 521 21.45 -13.94 -7.50
CA LEU D 521 21.28 -15.32 -7.94
C LEU D 521 22.51 -16.19 -7.65
N LYS D 522 23.56 -15.61 -7.10
CA LYS D 522 24.78 -16.35 -6.77
C LYS D 522 24.84 -16.91 -5.36
N TYR D 523 23.92 -16.54 -4.48
CA TYR D 523 24.01 -16.99 -3.09
C TYR D 523 23.00 -17.99 -2.53
N GLY D 524 22.76 -19.08 -3.26
CA GLY D 524 21.84 -20.09 -2.78
C GLY D 524 20.39 -19.81 -3.08
N THR D 525 20.14 -19.29 -4.28
CA THR D 525 18.80 -18.97 -4.73
C THR D 525 17.92 -20.21 -4.70
N PRO D 526 16.83 -20.18 -3.92
CA PRO D 526 15.91 -21.33 -3.83
C PRO D 526 14.95 -21.28 -5.02
N PRO D 527 14.35 -22.42 -5.39
CA PRO D 527 13.42 -22.42 -6.51
C PRO D 527 12.17 -21.65 -6.07
N HIS D 528 11.67 -20.76 -6.91
CA HIS D 528 10.49 -20.00 -6.50
C HIS D 528 9.54 -19.60 -7.63
N ALA D 529 8.27 -19.44 -7.27
CA ALA D 529 7.23 -19.06 -8.23
C ALA D 529 6.15 -18.23 -7.55
N GLY D 530 5.44 -17.43 -8.34
CA GLY D 530 4.38 -16.61 -7.76
C GLY D 530 3.28 -16.17 -8.72
N LEU D 531 2.40 -15.30 -8.23
CA LEU D 531 1.27 -14.82 -9.02
C LEU D 531 0.95 -13.41 -8.51
N ALA D 532 0.22 -12.65 -9.32
CA ALA D 532 -0.18 -11.32 -8.91
C ALA D 532 -1.55 -11.05 -9.51
N PHE D 533 -2.59 -11.01 -8.68
CA PHE D 533 -3.92 -10.73 -9.21
C PHE D 533 -4.07 -9.21 -9.30
N GLY D 534 -4.99 -8.76 -10.15
CA GLY D 534 -5.27 -7.35 -10.26
C GLY D 534 -6.47 -7.16 -9.32
N LEU D 535 -6.23 -6.68 -8.10
CA LEU D 535 -7.30 -6.50 -7.13
C LEU D 535 -8.46 -5.69 -7.68
N ASP D 536 -8.15 -4.70 -8.49
CA ASP D 536 -9.19 -3.87 -9.07
C ASP D 536 -10.09 -4.72 -9.95
N ARG D 537 -9.49 -5.44 -10.90
CA ARG D 537 -10.28 -6.30 -11.77
C ARG D 537 -11.10 -7.33 -11.00
N LEU D 538 -10.50 -7.97 -9.99
CA LEU D 538 -11.27 -8.93 -9.22
C LEU D 538 -12.47 -8.22 -8.57
N THR D 539 -12.28 -6.96 -8.21
CA THR D 539 -13.34 -6.19 -7.58
C THR D 539 -14.42 -5.85 -8.61
N MET D 540 -14.01 -5.57 -9.84
CA MET D 540 -14.92 -5.28 -10.94
C MET D 540 -15.89 -6.45 -11.15
N LEU D 541 -15.40 -7.67 -10.96
CA LEU D 541 -16.24 -8.86 -11.10
C LEU D 541 -17.14 -9.05 -9.87
N LEU D 542 -16.57 -8.95 -8.67
CA LEU D 542 -17.36 -9.13 -7.46
C LEU D 542 -18.42 -8.03 -7.24
N THR D 543 -18.26 -6.89 -7.91
CA THR D 543 -19.25 -5.84 -7.75
C THR D 543 -19.99 -5.48 -9.04
N GLY D 544 -19.94 -6.38 -10.01
CA GLY D 544 -20.61 -6.16 -11.29
C GLY D 544 -20.38 -4.81 -11.92
N THR D 545 -19.22 -4.64 -12.55
CA THR D 545 -18.90 -3.39 -13.23
C THR D 545 -17.92 -3.77 -14.30
N ASP D 546 -17.99 -3.07 -15.42
CA ASP D 546 -17.10 -3.31 -16.53
C ASP D 546 -16.19 -2.09 -16.63
N ASN D 547 -16.19 -1.27 -15.58
CA ASN D 547 -15.36 -0.07 -15.56
C ASN D 547 -14.52 0.09 -14.28
N ILE D 548 -13.23 -0.19 -14.41
CA ILE D 548 -12.30 -0.11 -13.30
C ILE D 548 -12.45 1.17 -12.45
N ARG D 549 -12.84 2.28 -13.08
CA ARG D 549 -13.02 3.53 -12.35
C ARG D 549 -14.02 3.44 -11.19
N ASP D 550 -14.90 2.46 -11.24
CA ASP D 550 -15.92 2.30 -10.24
C ASP D 550 -15.51 1.55 -8.98
N VAL D 551 -14.32 0.94 -9.00
CA VAL D 551 -13.85 0.19 -7.84
C VAL D 551 -12.69 0.89 -7.15
N ILE D 552 -12.34 2.07 -7.64
CA ILE D 552 -11.24 2.85 -7.11
C ILE D 552 -11.79 4.19 -6.61
N ALA D 553 -11.47 4.57 -5.38
CA ALA D 553 -11.98 5.83 -4.84
C ALA D 553 -11.74 7.06 -5.72
N PHE D 554 -10.51 7.25 -6.17
CA PHE D 554 -10.18 8.40 -7.00
C PHE D 554 -9.39 8.00 -8.24
N PRO D 555 -10.09 7.50 -9.27
CA PRO D 555 -9.56 7.04 -10.55
C PRO D 555 -9.01 8.14 -11.43
N LYS D 556 -8.27 7.72 -12.46
CA LYS D 556 -7.67 8.63 -13.42
C LYS D 556 -8.41 8.46 -14.73
N THR D 557 -8.38 9.51 -15.56
CA THR D 557 -9.01 9.49 -16.88
C THR D 557 -8.10 8.66 -17.79
N THR D 558 -8.56 8.35 -19.00
CA THR D 558 -7.74 7.58 -19.91
C THR D 558 -6.51 8.35 -20.32
N ALA D 559 -6.42 9.60 -19.85
CA ALA D 559 -5.28 10.45 -20.13
C ALA D 559 -4.46 10.61 -18.85
N ALA D 560 -4.55 9.60 -17.98
CA ALA D 560 -3.84 9.58 -16.71
C ALA D 560 -4.07 10.83 -15.86
N ALA D 561 -5.20 11.49 -16.02
CA ALA D 561 -5.45 12.71 -15.25
C ALA D 561 -6.46 12.50 -14.14
N CYS D 562 -6.41 13.39 -13.15
CA CYS D 562 -7.31 13.39 -12.02
C CYS D 562 -8.02 14.73 -12.13
N LEU D 563 -9.27 14.70 -12.60
CA LEU D 563 -10.03 15.93 -12.77
C LEU D 563 -10.31 16.67 -11.48
N MET D 564 -10.72 15.95 -10.45
CA MET D 564 -11.04 16.58 -9.17
C MET D 564 -9.96 17.53 -8.67
N THR D 565 -8.71 17.08 -8.71
CA THR D 565 -7.58 17.89 -8.25
C THR D 565 -6.76 18.55 -9.35
N GLU D 566 -7.00 18.15 -10.60
CA GLU D 566 -6.27 18.69 -11.76
C GLU D 566 -4.84 18.24 -11.58
N ALA D 567 -4.69 16.93 -11.45
CA ALA D 567 -3.43 16.25 -11.21
C ALA D 567 -2.20 16.66 -12.02
N PRO D 568 -2.01 16.11 -13.24
CA PRO D 568 -0.79 16.59 -13.89
C PRO D 568 -0.83 18.11 -13.95
N SER D 569 0.09 18.76 -13.26
CA SER D 569 0.15 20.20 -13.24
C SER D 569 1.59 20.65 -13.31
N PHE D 570 1.80 21.86 -13.82
CA PHE D 570 3.13 22.43 -13.95
C PHE D 570 3.84 22.54 -12.63
N ALA D 571 5.14 22.30 -12.64
CA ALA D 571 5.93 22.35 -11.42
C ALA D 571 6.51 23.73 -11.12
N ASN D 572 6.66 24.02 -9.82
CA ASN D 572 7.22 25.27 -9.39
C ASN D 572 8.68 25.27 -9.88
N PRO D 573 9.08 26.31 -10.61
CA PRO D 573 10.45 26.41 -11.13
C PRO D 573 11.56 26.21 -10.10
N THR D 574 11.34 26.67 -8.86
CA THR D 574 12.36 26.48 -7.84
C THR D 574 12.46 24.99 -7.54
N ALA D 575 11.32 24.30 -7.59
CA ALA D 575 11.27 22.88 -7.32
C ALA D 575 12.07 22.11 -8.36
N LEU D 576 11.99 22.53 -9.60
CA LEU D 576 12.75 21.86 -10.66
C LEU D 576 14.21 22.21 -10.43
N ALA D 577 14.45 23.45 -10.03
CA ALA D 577 15.78 23.95 -9.76
C ALA D 577 16.44 23.07 -8.70
N GLU D 578 15.71 22.78 -7.63
CA GLU D 578 16.23 21.93 -6.58
C GLU D 578 16.57 20.57 -7.17
N LEU D 579 15.88 20.21 -8.25
CA LEU D 579 16.10 18.93 -8.90
C LEU D 579 17.09 18.96 -10.05
N SER D 580 17.80 20.07 -10.20
CA SER D 580 18.77 20.21 -11.29
C SER D 580 18.14 19.68 -12.56
N ILE D 581 16.87 20.04 -12.72
CA ILE D 581 16.09 19.62 -13.87
C ILE D 581 15.20 20.75 -14.38
N GLN D 582 14.96 20.72 -15.68
CA GLN D 582 14.12 21.70 -16.34
C GLN D 582 13.39 21.02 -17.47
N VAL D 583 12.28 21.64 -17.87
CA VAL D 583 11.45 21.14 -18.94
C VAL D 583 12.05 21.70 -20.22
N VAL D 584 12.28 20.84 -21.20
CA VAL D 584 12.86 21.27 -22.46
C VAL D 584 11.93 22.26 -23.14
N LYS D 585 12.44 23.49 -23.38
CA LYS D 585 11.64 24.51 -24.03
C LYS D 585 11.26 24.10 -25.44
S SO4 E . 9.07 13.43 12.49
O1 SO4 E . 10.33 12.69 12.59
O2 SO4 E . 8.47 13.61 13.83
O3 SO4 E . 8.13 12.67 11.63
O4 SO4 E . 9.34 14.74 11.88
P AMO F . 2.22 13.09 10.54
O1P AMO F . 3.26 13.90 9.82
O2P AMO F . 2.01 13.29 11.99
O3P AMO F . 0.78 13.72 10.02
O5' AMO F . 2.62 11.55 10.36
C5' AMO F . 2.07 10.54 11.22
C4' AMO F . 3.18 9.81 11.95
O4' AMO F . 4.05 9.16 10.98
C1' AMO F . 5.37 9.14 11.47
N9 AMO F . 6.26 9.76 10.50
C4 AMO F . 7.37 9.18 9.95
N3 AMO F . 7.85 7.95 10.20
C2 AMO F . 8.94 7.72 9.48
N1 AMO F . 9.55 8.52 8.60
C6 AMO F . 9.03 9.74 8.36
N6 AMO F . 9.64 10.53 7.49
C5 AMO F . 7.89 10.11 9.08
N7 AMO F . 7.13 11.27 9.08
C8 AMO F . 6.16 11.01 9.94
C2' AMO F . 5.39 9.81 12.85
C3' AMO F . 4.13 10.67 12.78
O3' AMO F . 3.59 10.91 14.07
N AMO F . -1.97 13.60 7.84
CA AMO F . -1.31 13.78 9.17
CB AMO F . -2.02 12.93 10.24
CG AMO F . -3.37 13.49 10.63
OD1 AMO F . -4.32 12.70 10.80
OD2 AMO F . -3.53 14.72 10.62
C AMO F . 0.14 13.37 9.08
O AMO F . 0.54 12.71 8.12
O2' AMO F . 5.36 8.81 13.85
S SO4 G . -3.35 -6.20 -19.61
O1 SO4 G . -3.57 -4.81 -19.20
O2 SO4 G . -4.03 -7.11 -18.68
O3 SO4 G . -1.91 -6.49 -19.63
O4 SO4 G . -3.90 -6.42 -20.95
P AMO H . 1.04 -8.90 -14.44
O1P AMO H . 1.61 -7.92 -15.42
O2P AMO H . 0.40 -10.15 -14.96
O3P AMO H . 2.35 -9.56 -13.70
O5' AMO H . -0.07 -8.15 -13.56
C5' AMO H . -0.88 -8.86 -12.59
C4' AMO H . -2.34 -8.50 -12.75
O4' AMO H . -2.48 -7.07 -12.53
C1' AMO H . -3.56 -6.58 -13.29
N9 AMO H . -3.10 -5.44 -14.07
C4 AMO H . -3.74 -4.22 -14.11
N3 AMO H . -4.87 -3.88 -13.48
C2 AMO H . -5.17 -2.61 -13.73
N1 AMO H . -4.53 -1.72 -14.48
C6 AMO H . -3.39 -2.10 -15.10
N6 AMO H . -2.74 -1.20 -15.84
C5 AMO H . -2.96 -3.42 -14.91
N7 AMO H . -1.85 -4.12 -15.39
C8 AMO H . -1.99 -5.31 -14.86
C2' AMO H . -4.13 -7.73 -14.12
C3' AMO H . -2.97 -8.73 -14.11
O3' AMO H . -3.51 -10.05 -14.22
N AMO H . 5.12 -9.49 -11.52
CA AMO H . 3.99 -10.12 -12.26
CB AMO H . 3.24 -11.10 -11.37
CG AMO H . 3.95 -12.43 -11.22
OD1 AMO H . 3.82 -13.08 -10.17
OD2 AMO H . 4.60 -12.84 -12.19
C AMO H . 3.01 -9.09 -12.82
O AMO H . 2.96 -7.95 -12.38
O2' AMO H . -5.26 -8.25 -13.44
#